data_6QFA
#
_entry.id   6QFA
#
_cell.length_a   1.00
_cell.length_b   1.00
_cell.length_c   1.00
_cell.angle_alpha   90.00
_cell.angle_beta   90.00
_cell.angle_gamma   90.00
#
_symmetry.space_group_name_H-M   'P 1'
#
loop_
_entity.id
_entity.type
_entity.pdbx_description
1 polymer 'Gamma-aminobutyric acid receptor subunit beta-3,Gamma-aminobutyric acid receptor subunit beta-3'
2 polymer 'Outer membrane protein,Outer membrane protein,Outer membrane protein,Outer membrane protein,Uncharacterized protein,Uncharacterized protein,Mb-c7HopQ-Nb25'
3 branched alpha-D-mannopyranose-(1-3)-[alpha-D-mannopyranose-(1-6)]beta-D-mannopyranose-(1-4)-2-acetamido-2-deoxy-beta-D-glucopyranose-(1-4)-2-acetamido-2-deoxy-beta-D-glucopyranose
4 non-polymer 2-acetamido-2-deoxy-beta-D-glucopyranose
5 non-polymer HISTAMINE
#
loop_
_entity_poly.entity_id
_entity_poly.type
_entity_poly.pdbx_seq_one_letter_code
_entity_poly.pdbx_strand_id
1 'polypeptide(L)'
;QSVNDPGNMSFVKETVDKLLKGYDIRLRPDFGGPPVCVGMNIDIASIDMVSEVNMDYTLTMYFQQYWRDKRLAYSGIPLN
LTLDNRVADQLWVPDTYFLNDKKSFVHGVTVKNRMIRLHPDGTVLYGLRITTTAACMMDLRRYPLDEQNCTLEIESYGYT
TDDIEFYWRGGDKAVTGVERIELPQFSIVEHRLVSRNVVFATGAYPRLSLSFRLKRNIGYFILQTYMPSILITILSWVSF
WINYDASAARVALGITTVLTMTTINTHLRETLPKIPYVTAIDMYLMGCFVFVFLALLEYAFVNYIFFSQPARAAAIDRWS
RIVFPFTFSLFNLVYWLYYVN
;
B,C,D,E,A
2 'polypeptide(L)'
;QVQLVESGGGLVQTKTTTSVIDTTNDAQNLLTQAQTIVNTLKDYCPILIAKSSSSNGGTNNANTPSWQTAGGGKNSCATF
GAEFSAASDMINNAQKIVQETQQLSANQPKNITQPHNLNLNSPSSLTALAQKMLKNAQSQAEILKLANQVESDFNKLSSG
HLKDYIGKCDASAISSANMTMQNQKNNWGNGCAGVEETQSLLKTSAADFNNQTPQINQAQNLANTLIQELGNNTYEQLSR
LLTNDNGTNSKTSAQAINQAVNNLNERAKTLAGGTTNSPAYQATLLALRSVLGLWNSMGYAVICGGYTKSPGENNQKDFH
YTDENGNGTTINCGGSTNSNGTHSYNGTNTLKADKNVSLSIEQYEKIHEAYQILSKALKQAGLAPLNSKGEKLEAHVTTS
KYGSLRLSCAASGHTFNYPIMGWFRQAPGKEREFVGAISWSGGSTSYADSVKDRFTISRDNAKNTVYLEMNNLKPEDTAV
YYCAAKGRYSGGLYYPTNYDYWGQGTQVTVSSHHHHHHEPEA
;
K,O,N,M,L
#
loop_
_chem_comp.id
_chem_comp.type
_chem_comp.name
_chem_comp.formula
BMA D-saccharide, beta linking beta-D-mannopyranose 'C6 H12 O6'
HSM non-polymer HISTAMINE 'C5 H9 N3'
MAN D-saccharide, alpha linking alpha-D-mannopyranose 'C6 H12 O6'
NAG D-saccharide, beta linking 2-acetamido-2-deoxy-beta-D-glucopyranose 'C8 H15 N O6'
#
# COMPACT_ATOMS: atom_id res chain seq x y z
N ASN A 8 -32.60 -11.70 -38.91
CA ASN A 8 -33.72 -12.27 -38.17
C ASN A 8 -33.31 -12.56 -36.73
N MET A 9 -33.95 -11.85 -35.80
CA MET A 9 -33.62 -11.97 -34.37
C MET A 9 -34.65 -12.74 -33.57
N SER A 10 -35.86 -12.92 -34.11
CA SER A 10 -36.89 -13.65 -33.37
C SER A 10 -36.66 -15.15 -33.42
N PHE A 11 -36.19 -15.67 -34.55
CA PHE A 11 -35.91 -17.10 -34.67
C PHE A 11 -34.68 -17.49 -33.85
N VAL A 12 -33.69 -16.61 -33.76
CA VAL A 12 -32.50 -16.90 -32.96
C VAL A 12 -32.85 -16.82 -31.48
N LYS A 13 -33.75 -15.91 -31.10
CA LYS A 13 -34.20 -15.83 -29.71
C LYS A 13 -34.98 -17.08 -29.30
N GLU A 14 -35.74 -17.65 -30.24
CA GLU A 14 -36.38 -18.95 -29.97
C GLU A 14 -35.37 -20.08 -29.96
N THR A 15 -34.25 -19.92 -30.67
CA THR A 15 -33.24 -20.97 -30.71
C THR A 15 -32.41 -21.00 -29.43
N VAL A 16 -32.01 -19.82 -28.93
CA VAL A 16 -31.22 -19.75 -27.71
C VAL A 16 -32.07 -20.09 -26.49
N ASP A 17 -33.36 -19.71 -26.51
CA ASP A 17 -34.26 -20.11 -25.43
C ASP A 17 -34.54 -21.61 -25.45
N LYS A 18 -34.44 -22.24 -26.62
CA LYS A 18 -34.56 -23.70 -26.68
C LYS A 18 -33.34 -24.38 -26.10
N LEU A 19 -32.16 -23.77 -26.27
CA LEU A 19 -30.93 -24.36 -25.74
C LEU A 19 -30.86 -24.28 -24.22
N LEU A 20 -31.41 -23.23 -23.63
CA LEU A 20 -31.29 -23.00 -22.19
C LEU A 20 -32.49 -23.50 -21.41
N LYS A 21 -33.54 -23.95 -22.08
CA LYS A 21 -34.70 -24.51 -21.39
C LYS A 21 -34.39 -25.95 -21.00
N GLY A 22 -34.49 -26.25 -19.71
CA GLY A 22 -34.07 -27.55 -19.22
C GLY A 22 -32.58 -27.74 -19.09
N TYR A 23 -31.80 -26.65 -19.17
CA TYR A 23 -30.35 -26.74 -19.04
C TYR A 23 -29.99 -26.70 -17.57
N ASP A 24 -29.29 -27.72 -17.10
CA ASP A 24 -28.83 -27.79 -15.72
C ASP A 24 -27.37 -27.37 -15.69
N ILE A 25 -27.08 -26.23 -15.04
CA ILE A 25 -25.71 -25.76 -14.92
C ILE A 25 -24.91 -26.60 -13.93
N ARG A 26 -25.58 -27.37 -13.07
CA ARG A 26 -24.90 -28.19 -12.09
C ARG A 26 -24.22 -29.42 -12.69
N LEU A 27 -24.54 -29.77 -13.92
CA LEU A 27 -24.02 -30.98 -14.56
C LEU A 27 -23.09 -30.62 -15.69
N ARG A 28 -21.96 -31.31 -15.76
CA ARG A 28 -21.01 -31.15 -16.85
C ARG A 28 -21.58 -31.80 -18.12
N PRO A 29 -21.05 -31.44 -19.30
CA PRO A 29 -21.40 -32.18 -20.52
C PRO A 29 -20.94 -33.63 -20.43
N ASP A 30 -21.79 -34.52 -20.94
CA ASP A 30 -21.63 -35.98 -20.84
C ASP A 30 -21.44 -36.43 -19.39
N PHE A 31 -22.33 -35.96 -18.53
CA PHE A 31 -22.29 -36.31 -17.11
C PHE A 31 -22.58 -37.80 -16.94
N GLY A 32 -21.71 -38.49 -16.21
CA GLY A 32 -21.80 -39.92 -16.08
C GLY A 32 -21.24 -40.70 -17.24
N GLY A 33 -20.60 -40.04 -18.19
CA GLY A 33 -20.02 -40.71 -19.33
C GLY A 33 -18.53 -40.46 -19.46
N PRO A 34 -18.00 -40.34 -20.69
CA PRO A 34 -16.57 -40.06 -20.86
C PRO A 34 -16.24 -38.62 -20.44
N PRO A 35 -15.01 -38.31 -19.99
CA PRO A 35 -14.66 -36.95 -19.57
C PRO A 35 -14.73 -35.92 -20.71
N VAL A 36 -15.17 -34.70 -20.39
CA VAL A 36 -15.24 -33.62 -21.42
C VAL A 36 -13.82 -33.09 -21.65
N CYS A 37 -13.36 -33.04 -22.89
CA CYS A 37 -12.03 -32.50 -23.17
C CYS A 37 -12.11 -30.98 -23.29
N VAL A 38 -11.27 -30.29 -22.53
CA VAL A 38 -11.22 -28.83 -22.54
C VAL A 38 -9.89 -28.41 -23.16
N GLY A 39 -9.97 -27.72 -24.29
CA GLY A 39 -8.79 -27.21 -24.96
C GLY A 39 -8.54 -25.76 -24.58
N MET A 40 -7.28 -25.44 -24.33
CA MET A 40 -6.92 -24.15 -23.76
C MET A 40 -5.92 -23.41 -24.63
N ASN A 41 -6.17 -22.12 -24.83
CA ASN A 41 -5.25 -21.20 -25.49
C ASN A 41 -5.01 -20.02 -24.56
N ILE A 42 -3.78 -19.51 -24.57
CA ILE A 42 -3.43 -18.34 -23.78
C ILE A 42 -2.78 -17.32 -24.71
N ASP A 43 -3.31 -16.10 -24.70
CA ASP A 43 -2.65 -14.99 -25.43
C ASP A 43 -2.05 -14.10 -24.33
N ILE A 44 -0.72 -14.04 -24.23
CA ILE A 44 -0.14 -13.22 -23.12
C ILE A 44 -0.16 -11.73 -23.51
N ALA A 45 -0.86 -10.91 -22.72
CA ALA A 45 -0.89 -9.47 -22.93
C ALA A 45 0.39 -8.81 -22.43
N SER A 46 0.76 -9.08 -21.17
CA SER A 46 1.95 -8.47 -20.58
C SER A 46 2.36 -9.26 -19.35
N ILE A 47 3.62 -9.09 -18.97
CA ILE A 47 4.12 -9.41 -17.64
C ILE A 47 4.57 -8.09 -17.03
N ASP A 48 3.80 -7.60 -16.05
CA ASP A 48 4.04 -6.25 -15.52
C ASP A 48 5.21 -6.23 -14.57
N MET A 49 5.14 -7.00 -13.49
CA MET A 49 6.16 -7.01 -12.46
C MET A 49 6.74 -8.41 -12.31
N VAL A 50 8.01 -8.46 -11.94
CA VAL A 50 8.67 -9.66 -11.45
C VAL A 50 9.37 -9.26 -10.16
N SER A 51 8.87 -9.72 -9.03
CA SER A 51 9.35 -9.30 -7.72
C SER A 51 10.20 -10.40 -7.11
N GLU A 52 11.41 -10.05 -6.69
CA GLU A 52 12.27 -11.01 -6.01
C GLU A 52 11.94 -11.11 -4.53
N VAL A 53 11.51 -10.00 -3.93
CA VAL A 53 11.22 -9.97 -2.50
C VAL A 53 9.98 -10.79 -2.18
N ASN A 54 8.92 -10.63 -2.98
CA ASN A 54 7.70 -11.40 -2.79
C ASN A 54 7.72 -12.73 -3.53
N MET A 55 8.70 -12.94 -4.40
CA MET A 55 8.88 -14.16 -5.20
C MET A 55 7.63 -14.48 -6.03
N ASP A 56 7.20 -13.51 -6.80
CA ASP A 56 6.02 -13.68 -7.64
C ASP A 56 6.17 -12.84 -8.90
N TYR A 57 5.18 -12.95 -9.78
CA TYR A 57 5.15 -12.15 -10.99
C TYR A 57 3.69 -11.91 -11.36
N THR A 58 3.44 -10.74 -11.95
CA THR A 58 2.09 -10.36 -12.36
C THR A 58 1.95 -10.56 -13.87
N LEU A 59 0.95 -11.34 -14.26
CA LEU A 59 0.74 -11.73 -15.66
C LEU A 59 -0.68 -11.38 -16.08
N THR A 60 -0.81 -10.73 -17.22
CA THR A 60 -2.10 -10.44 -17.83
C THR A 60 -2.20 -11.22 -19.13
N MET A 61 -3.32 -11.92 -19.31
CA MET A 61 -3.46 -12.81 -20.46
C MET A 61 -4.92 -12.89 -20.88
N TYR A 62 -5.13 -13.43 -22.09
CA TYR A 62 -6.44 -13.81 -22.58
C TYR A 62 -6.52 -15.33 -22.47
N PHE A 63 -7.41 -15.82 -21.61
CA PHE A 63 -7.50 -17.24 -21.31
C PHE A 63 -8.73 -17.80 -22.01
N GLN A 64 -8.51 -18.62 -23.03
CA GLN A 64 -9.58 -19.19 -23.84
C GLN A 64 -9.74 -20.68 -23.54
N GLN A 65 -10.98 -21.12 -23.42
CA GLN A 65 -11.30 -22.52 -23.17
C GLN A 65 -12.28 -23.02 -24.22
N TYR A 66 -12.01 -24.20 -24.76
CA TYR A 66 -12.81 -24.82 -25.80
C TYR A 66 -13.31 -26.18 -25.34
N TRP A 67 -14.62 -26.39 -25.36
CA TRP A 67 -15.18 -27.71 -25.10
C TRP A 67 -16.49 -27.84 -25.86
N ARG A 68 -16.93 -29.07 -26.01
CA ARG A 68 -18.18 -29.37 -26.70
C ARG A 68 -19.27 -29.71 -25.69
N ASP A 69 -20.39 -29.00 -25.78
CA ASP A 69 -21.57 -29.26 -24.98
C ASP A 69 -22.72 -29.55 -25.93
N LYS A 70 -23.14 -30.82 -25.98
CA LYS A 70 -24.19 -31.23 -26.91
C LYS A 70 -25.57 -30.72 -26.53
N ARG A 71 -25.75 -30.19 -25.32
CA ARG A 71 -26.98 -29.51 -24.96
C ARG A 71 -27.13 -28.17 -25.63
N LEU A 72 -26.03 -27.61 -26.16
CA LEU A 72 -26.04 -26.29 -26.78
C LEU A 72 -25.91 -26.36 -28.29
N ALA A 73 -26.16 -27.52 -28.90
CA ALA A 73 -26.08 -27.64 -30.35
C ALA A 73 -27.36 -27.12 -30.99
N TYR A 74 -27.20 -26.30 -32.02
CA TYR A 74 -28.32 -25.74 -32.77
C TYR A 74 -28.18 -26.10 -34.24
N SER A 75 -29.30 -26.07 -34.95
CA SER A 75 -29.35 -26.55 -36.33
C SER A 75 -29.79 -25.52 -37.34
N GLY A 76 -30.75 -24.65 -36.99
CA GLY A 76 -31.34 -23.75 -37.96
C GLY A 76 -30.47 -22.59 -38.40
N ILE A 77 -29.39 -22.31 -37.69
CA ILE A 77 -28.52 -21.17 -37.95
C ILE A 77 -27.17 -21.68 -38.45
N PRO A 78 -26.69 -21.24 -39.59
CA PRO A 78 -25.35 -21.65 -40.07
C PRO A 78 -24.20 -20.79 -39.57
N LEU A 79 -24.43 -19.92 -38.59
CA LEU A 79 -23.41 -19.01 -38.11
C LEU A 79 -22.94 -19.39 -36.70
N ASN A 80 -21.76 -18.88 -36.34
CA ASN A 80 -21.26 -19.00 -34.98
C ASN A 80 -21.85 -17.89 -34.13
N LEU A 81 -22.60 -18.25 -33.10
CA LEU A 81 -23.35 -17.29 -32.29
C LEU A 81 -22.44 -16.70 -31.23
N THR A 82 -22.09 -15.43 -31.40
CA THR A 82 -21.41 -14.67 -30.36
C THR A 82 -22.49 -13.99 -29.50
N LEU A 83 -22.61 -14.44 -28.26
CA LEU A 83 -23.65 -13.94 -27.36
C LEU A 83 -23.06 -12.91 -26.41
N ASP A 84 -23.96 -12.21 -25.72
CA ASP A 84 -23.54 -11.31 -24.64
C ASP A 84 -22.94 -12.13 -23.51
N ASN A 85 -21.94 -11.54 -22.83
CA ASN A 85 -21.14 -12.26 -21.87
C ASN A 85 -21.88 -12.65 -20.60
N ARG A 86 -23.09 -12.12 -20.38
CA ARG A 86 -23.88 -12.51 -19.22
C ARG A 86 -24.56 -13.87 -19.39
N VAL A 87 -24.48 -14.48 -20.57
CA VAL A 87 -24.99 -15.84 -20.75
C VAL A 87 -24.08 -16.88 -20.13
N ALA A 88 -22.85 -16.51 -19.77
CA ALA A 88 -21.92 -17.45 -19.14
C ALA A 88 -22.36 -17.85 -17.74
N ASP A 89 -23.20 -17.03 -17.09
CA ASP A 89 -23.78 -17.40 -15.81
C ASP A 89 -24.90 -18.42 -15.96
N GLN A 90 -25.41 -18.64 -17.17
CA GLN A 90 -26.44 -19.63 -17.44
C GLN A 90 -25.89 -20.88 -18.10
N LEU A 91 -24.58 -20.99 -18.23
CA LEU A 91 -23.94 -22.13 -18.85
C LEU A 91 -23.02 -22.83 -17.86
N TRP A 92 -22.75 -24.10 -18.13
CA TRP A 92 -21.67 -24.79 -17.45
C TRP A 92 -20.34 -24.29 -18.00
N VAL A 93 -19.41 -23.99 -17.09
CA VAL A 93 -18.03 -23.67 -17.47
C VAL A 93 -17.12 -24.58 -16.66
N PRO A 94 -15.91 -24.88 -17.18
CA PRO A 94 -14.96 -25.65 -16.37
C PRO A 94 -14.50 -24.88 -15.14
N ASP A 95 -14.19 -25.63 -14.09
CA ASP A 95 -13.75 -25.03 -12.82
C ASP A 95 -12.24 -24.80 -12.80
N THR A 96 -11.76 -24.12 -13.83
CA THR A 96 -10.34 -23.91 -14.03
C THR A 96 -9.81 -22.87 -13.05
N TYR A 97 -8.75 -23.20 -12.35
CA TYR A 97 -8.08 -22.26 -11.46
C TYR A 97 -6.58 -22.38 -11.68
N PHE A 98 -5.85 -21.36 -11.20
CA PHE A 98 -4.37 -21.35 -11.28
C PHE A 98 -3.82 -21.79 -9.91
N LEU A 99 -3.14 -22.94 -9.88
CA LEU A 99 -2.61 -23.54 -8.64
C LEU A 99 -1.56 -22.66 -7.94
N ASN A 100 -0.63 -22.05 -8.70
CA ASN A 100 0.44 -21.23 -8.09
C ASN A 100 0.00 -19.76 -7.96
N ASP A 101 -1.22 -19.44 -8.41
CA ASP A 101 -1.75 -18.06 -8.38
C ASP A 101 -1.91 -17.59 -6.92
N LYS A 102 -1.49 -16.35 -6.62
CA LYS A 102 -1.62 -15.78 -5.25
C LYS A 102 -2.85 -14.87 -5.21
N LYS A 103 -2.99 -13.97 -6.18
CA LYS A 103 -4.16 -13.06 -6.28
C LYS A 103 -4.54 -12.92 -7.76
N SER A 104 -5.83 -12.97 -8.08
CA SER A 104 -6.26 -12.88 -9.49
C SER A 104 -7.61 -12.17 -9.61
N PHE A 105 -7.91 -11.65 -10.80
CA PHE A 105 -9.21 -11.06 -11.05
C PHE A 105 -9.47 -11.06 -12.56
N VAL A 106 -10.73 -11.13 -12.91
CA VAL A 106 -11.17 -10.87 -14.27
C VAL A 106 -11.50 -9.39 -14.38
N HIS A 107 -11.04 -8.76 -15.47
CA HIS A 107 -11.27 -7.33 -15.75
C HIS A 107 -12.78 -7.09 -15.90
N GLY A 108 -13.27 -5.94 -15.42
CA GLY A 108 -14.69 -5.68 -15.42
C GLY A 108 -15.12 -4.33 -15.96
N VAL A 109 -14.27 -3.72 -16.80
CA VAL A 109 -14.60 -2.40 -17.41
C VAL A 109 -14.46 -2.55 -18.92
N THR A 110 -15.53 -2.29 -19.69
CA THR A 110 -16.78 -1.67 -19.19
C THR A 110 -17.79 -2.70 -18.75
N VAL A 111 -17.69 -3.90 -19.32
CA VAL A 111 -18.43 -5.06 -18.85
C VAL A 111 -17.39 -6.05 -18.36
N LYS A 112 -17.83 -7.19 -17.82
CA LYS A 112 -16.91 -8.24 -17.44
C LYS A 112 -16.22 -8.79 -18.68
N ASN A 113 -14.89 -8.83 -18.64
CA ASN A 113 -14.07 -9.10 -19.83
C ASN A 113 -14.11 -10.59 -20.16
N ARG A 114 -15.25 -11.02 -20.70
CA ARG A 114 -15.42 -12.40 -21.10
C ARG A 114 -16.20 -12.47 -22.41
N MET A 115 -16.10 -13.62 -23.04
CA MET A 115 -16.67 -13.86 -24.36
C MET A 115 -17.25 -15.26 -24.40
N ILE A 116 -18.48 -15.38 -24.90
CA ILE A 116 -19.10 -16.66 -25.20
C ILE A 116 -19.36 -16.70 -26.70
N ARG A 117 -18.80 -17.69 -27.37
CA ARG A 117 -19.05 -17.92 -28.79
C ARG A 117 -19.52 -19.35 -28.96
N LEU A 118 -20.74 -19.52 -29.43
CA LEU A 118 -21.30 -20.84 -29.65
C LEU A 118 -21.06 -21.30 -31.09
N HIS A 119 -21.14 -22.61 -31.29
CA HIS A 119 -20.94 -23.24 -32.58
C HIS A 119 -22.09 -24.23 -32.80
N PRO A 120 -22.43 -24.53 -34.06
CA PRO A 120 -23.61 -25.38 -34.32
C PRO A 120 -23.51 -26.80 -33.78
N ASP A 121 -22.31 -27.36 -33.65
CA ASP A 121 -22.17 -28.69 -33.07
C ASP A 121 -22.13 -28.66 -31.54
N GLY A 122 -22.22 -27.49 -30.93
CA GLY A 122 -22.18 -27.38 -29.49
C GLY A 122 -20.83 -26.98 -28.91
N THR A 123 -19.86 -26.63 -29.73
CA THR A 123 -18.56 -26.20 -29.26
C THR A 123 -18.65 -24.81 -28.66
N VAL A 124 -18.18 -24.66 -27.43
CA VAL A 124 -18.21 -23.39 -26.71
C VAL A 124 -16.81 -22.81 -26.67
N LEU A 125 -16.67 -21.57 -27.13
CA LEU A 125 -15.47 -20.79 -26.92
C LEU A 125 -15.73 -19.83 -25.76
N TYR A 126 -14.93 -19.94 -24.71
CA TYR A 126 -15.08 -19.15 -23.49
C TYR A 126 -13.76 -18.46 -23.20
N GLY A 127 -13.71 -17.16 -23.42
CA GLY A 127 -12.51 -16.37 -23.22
C GLY A 127 -12.62 -15.54 -21.97
N LEU A 128 -11.48 -15.32 -21.31
CA LEU A 128 -11.41 -14.49 -20.11
C LEU A 128 -10.12 -13.69 -20.14
N ARG A 129 -10.25 -12.40 -19.77
CA ARG A 129 -9.08 -11.50 -19.63
C ARG A 129 -8.76 -11.51 -18.12
N ILE A 130 -7.62 -12.11 -17.77
CA ILE A 130 -7.27 -12.34 -16.37
C ILE A 130 -5.92 -11.69 -16.10
N THR A 131 -5.82 -10.94 -15.00
CA THR A 131 -4.55 -10.50 -14.46
C THR A 131 -4.24 -11.36 -13.23
N THR A 132 -3.16 -12.14 -13.33
CA THR A 132 -2.82 -13.08 -12.23
C THR A 132 -1.44 -12.79 -11.64
N THR A 133 -1.37 -12.67 -10.31
CA THR A 133 -0.06 -12.57 -9.64
C THR A 133 0.26 -14.02 -9.23
N ALA A 134 1.19 -14.66 -9.93
CA ALA A 134 1.50 -16.08 -9.66
C ALA A 134 2.81 -16.21 -8.90
N ALA A 135 2.87 -17.17 -7.97
CA ALA A 135 4.11 -17.39 -7.22
C ALA A 135 5.20 -17.96 -8.12
N CYS A 136 6.42 -17.47 -7.92
CA CYS A 136 7.60 -17.99 -8.62
C CYS A 136 8.74 -18.05 -7.61
N MET A 137 9.02 -19.24 -7.10
CA MET A 137 10.15 -19.44 -6.20
C MET A 137 11.45 -19.29 -6.98
N MET A 138 12.31 -18.39 -6.52
CA MET A 138 13.51 -18.01 -7.27
C MET A 138 14.77 -18.49 -6.57
N ASP A 139 15.68 -19.06 -7.34
CA ASP A 139 17.01 -19.44 -6.87
C ASP A 139 17.93 -18.25 -7.09
N LEU A 140 18.31 -17.58 -6.01
CA LEU A 140 19.06 -16.34 -6.08
C LEU A 140 20.53 -16.53 -5.73
N ARG A 141 21.07 -17.74 -5.93
CA ARG A 141 22.47 -17.99 -5.61
C ARG A 141 23.41 -17.31 -6.59
N ARG A 142 22.95 -17.06 -7.82
CA ARG A 142 23.74 -16.38 -8.83
C ARG A 142 23.19 -15.00 -9.16
N TYR A 143 22.40 -14.43 -8.27
CA TYR A 143 21.80 -13.11 -8.49
C TYR A 143 22.89 -12.05 -8.47
N PRO A 144 22.88 -11.09 -9.42
CA PRO A 144 21.88 -10.87 -10.47
C PRO A 144 22.25 -11.40 -11.86
N LEU A 145 23.09 -12.42 -11.92
CA LEU A 145 23.44 -13.07 -13.18
C LEU A 145 22.74 -14.41 -13.32
N ASP A 146 21.50 -14.49 -12.85
CA ASP A 146 20.77 -15.74 -12.70
C ASP A 146 19.69 -15.89 -13.78
N GLU A 147 19.32 -17.13 -14.00
CA GLU A 147 18.17 -17.49 -14.83
C GLU A 147 17.08 -18.05 -13.94
N GLN A 148 15.84 -17.60 -14.16
CA GLN A 148 14.72 -18.05 -13.35
C GLN A 148 13.68 -18.73 -14.22
N ASN A 149 12.98 -19.69 -13.63
CA ASN A 149 11.94 -20.47 -14.29
C ASN A 149 10.64 -20.22 -13.56
N CYS A 150 9.77 -19.40 -14.14
CA CYS A 150 8.49 -19.05 -13.55
C CYS A 150 7.38 -19.75 -14.33
N THR A 151 6.51 -20.44 -13.61
CA THR A 151 5.49 -21.29 -14.22
C THR A 151 4.10 -20.72 -13.96
N LEU A 152 3.15 -21.24 -14.72
CA LEU A 152 1.72 -21.03 -14.48
C LEU A 152 1.04 -22.38 -14.52
N GLU A 153 0.53 -22.82 -13.37
CA GLU A 153 -0.03 -24.16 -13.23
C GLU A 153 -1.55 -24.09 -13.35
N ILE A 154 -2.08 -24.74 -14.38
CA ILE A 154 -3.50 -24.69 -14.72
C ILE A 154 -4.10 -26.04 -14.35
N GLU A 155 -5.13 -26.02 -13.50
CA GLU A 155 -5.70 -27.25 -12.98
C GLU A 155 -7.21 -27.12 -12.88
N SER A 156 -7.89 -28.27 -12.93
CA SER A 156 -9.29 -28.36 -12.60
C SER A 156 -9.45 -28.49 -11.09
N TYR A 157 -10.41 -27.75 -10.52
CA TYR A 157 -10.51 -27.73 -9.07
C TYR A 157 -11.21 -28.96 -8.52
N GLY A 158 -12.41 -29.25 -9.00
CA GLY A 158 -13.21 -30.29 -8.39
C GLY A 158 -13.39 -31.53 -9.24
N TYR A 159 -13.31 -31.37 -10.56
CA TYR A 159 -13.48 -32.48 -11.48
C TYR A 159 -12.16 -33.22 -11.65
N THR A 160 -12.20 -34.53 -11.49
CA THR A 160 -11.03 -35.37 -11.66
C THR A 160 -10.84 -35.70 -13.14
N THR A 161 -9.87 -36.55 -13.45
CA THR A 161 -9.63 -36.95 -14.84
C THR A 161 -10.72 -37.88 -15.37
N ASP A 162 -11.54 -38.46 -14.47
CA ASP A 162 -12.72 -39.19 -14.91
C ASP A 162 -13.80 -38.27 -15.46
N ASP A 163 -13.77 -36.99 -15.09
CA ASP A 163 -14.81 -36.04 -15.57
C ASP A 163 -14.27 -34.98 -16.54
N ILE A 164 -13.01 -34.55 -16.38
CA ILE A 164 -12.46 -33.46 -17.26
C ILE A 164 -11.04 -33.80 -17.71
N GLU A 165 -10.73 -33.57 -18.99
CA GLU A 165 -9.36 -33.77 -19.55
C GLU A 165 -8.89 -32.45 -20.17
N PHE A 166 -7.69 -32.00 -19.80
CA PHE A 166 -7.11 -30.77 -20.34
C PHE A 166 -6.16 -31.10 -21.48
N TYR A 167 -6.07 -30.19 -22.44
CA TYR A 167 -5.04 -30.24 -23.46
C TYR A 167 -4.77 -28.84 -23.98
N TRP A 168 -3.55 -28.63 -24.44
CA TRP A 168 -3.20 -27.38 -25.12
C TRP A 168 -3.74 -27.42 -26.54
N ARG A 169 -4.70 -26.54 -26.85
CA ARG A 169 -5.34 -26.54 -28.15
C ARG A 169 -4.43 -25.87 -29.16
N GLY A 170 -3.88 -26.67 -30.07
CA GLY A 170 -2.89 -26.21 -31.03
C GLY A 170 -1.49 -26.70 -30.77
N GLY A 171 -1.29 -27.56 -29.77
CA GLY A 171 0.01 -28.10 -29.47
C GLY A 171 0.94 -27.09 -28.84
N ASP A 172 2.07 -26.81 -29.49
CA ASP A 172 3.02 -25.82 -29.01
C ASP A 172 2.67 -24.41 -29.46
N LYS A 173 1.72 -24.25 -30.38
CA LYS A 173 1.23 -22.95 -30.77
C LYS A 173 0.03 -22.50 -29.94
N ALA A 174 -0.23 -23.17 -28.82
CA ALA A 174 -1.39 -22.83 -27.98
C ALA A 174 -1.18 -21.56 -27.18
N VAL A 175 0.07 -21.13 -26.98
CA VAL A 175 0.37 -19.92 -26.25
C VAL A 175 1.04 -18.93 -27.19
N THR A 176 0.40 -17.79 -27.40
CA THR A 176 0.92 -16.72 -28.23
C THR A 176 1.18 -15.49 -27.38
N GLY A 177 1.89 -14.53 -27.96
CA GLY A 177 2.17 -13.28 -27.27
C GLY A 177 3.35 -13.33 -26.33
N VAL A 178 4.26 -14.29 -26.49
CA VAL A 178 5.45 -14.33 -25.65
C VAL A 178 6.43 -13.24 -26.07
N GLU A 179 6.41 -12.87 -27.35
CA GLU A 179 7.21 -11.75 -27.84
C GLU A 179 6.63 -10.41 -27.41
N ARG A 180 5.39 -10.38 -26.94
CA ARG A 180 4.77 -9.15 -26.46
C ARG A 180 5.26 -8.77 -25.06
N ILE A 181 5.91 -9.70 -24.36
CA ILE A 181 6.39 -9.45 -23.01
C ILE A 181 7.57 -8.50 -23.06
N GLU A 182 7.44 -7.35 -22.40
CA GLU A 182 8.49 -6.34 -22.35
C GLU A 182 8.82 -6.06 -20.88
N LEU A 183 9.71 -6.87 -20.34
CA LEU A 183 10.28 -6.58 -19.02
C LEU A 183 11.60 -5.85 -19.20
N PRO A 184 11.86 -4.78 -18.45
CA PRO A 184 13.14 -4.07 -18.63
C PRO A 184 14.34 -4.84 -18.14
N GLN A 185 14.23 -5.53 -17.00
CA GLN A 185 15.36 -6.26 -16.43
C GLN A 185 15.36 -7.74 -16.78
N PHE A 186 14.50 -8.17 -17.69
CA PHE A 186 14.42 -9.59 -18.05
C PHE A 186 14.25 -9.75 -19.55
N SER A 187 14.62 -10.92 -20.04
CA SER A 187 14.36 -11.34 -21.41
C SER A 187 13.90 -12.79 -21.40
N ILE A 188 12.90 -13.09 -22.21
CA ILE A 188 12.35 -14.44 -22.29
C ILE A 188 13.28 -15.27 -23.15
N VAL A 189 13.89 -16.29 -22.55
CA VAL A 189 14.74 -17.21 -23.30
C VAL A 189 13.90 -18.26 -24.01
N GLU A 190 13.00 -18.91 -23.28
CA GLU A 190 12.25 -20.04 -23.79
C GLU A 190 10.94 -20.15 -23.02
N HIS A 191 9.90 -20.65 -23.69
CA HIS A 191 8.67 -21.04 -23.03
C HIS A 191 8.29 -22.44 -23.44
N ARG A 192 7.71 -23.19 -22.50
CA ARG A 192 7.36 -24.58 -22.71
C ARG A 192 5.93 -24.84 -22.27
N LEU A 193 5.34 -25.90 -22.81
CA LEU A 193 3.98 -26.32 -22.50
C LEU A 193 4.00 -27.77 -22.03
N VAL A 194 3.51 -28.01 -20.83
CA VAL A 194 3.52 -29.33 -20.21
C VAL A 194 2.08 -29.72 -19.90
N SER A 195 1.73 -30.97 -20.20
CA SER A 195 0.44 -31.55 -19.84
C SER A 195 0.68 -32.75 -18.93
N ARG A 196 0.05 -32.73 -17.75
CA ARG A 196 0.25 -33.77 -16.75
C ARG A 196 -1.07 -34.22 -16.17
N ASN A 197 -1.00 -35.26 -15.36
CA ASN A 197 -2.04 -35.63 -14.41
C ASN A 197 -1.44 -35.64 -13.02
N VAL A 198 -2.07 -34.93 -12.09
CA VAL A 198 -1.56 -34.79 -10.74
C VAL A 198 -2.52 -35.49 -9.79
N VAL A 199 -2.01 -36.43 -9.00
CA VAL A 199 -2.82 -37.25 -8.12
C VAL A 199 -2.81 -36.65 -6.72
N PHE A 200 -3.99 -36.44 -6.16
CA PHE A 200 -4.16 -35.98 -4.79
C PHE A 200 -4.87 -37.06 -3.99
N ALA A 201 -5.24 -36.71 -2.76
CA ALA A 201 -6.03 -37.63 -1.94
C ALA A 201 -7.45 -37.76 -2.46
N THR A 202 -7.96 -36.74 -3.15
CA THR A 202 -9.30 -36.75 -3.71
C THR A 202 -9.36 -37.29 -5.13
N GLY A 203 -8.22 -37.57 -5.75
CA GLY A 203 -8.19 -38.17 -7.06
C GLY A 203 -7.10 -37.57 -7.92
N ALA A 204 -7.07 -37.99 -9.18
CA ALA A 204 -6.11 -37.48 -10.15
C ALA A 204 -6.75 -36.33 -10.93
N TYR A 205 -5.99 -35.24 -11.12
CA TYR A 205 -6.53 -34.05 -11.72
C TYR A 205 -5.73 -33.65 -12.96
N PRO A 206 -6.39 -33.15 -14.00
CA PRO A 206 -5.66 -32.71 -15.19
C PRO A 206 -4.89 -31.42 -14.95
N ARG A 207 -3.68 -31.36 -15.50
CA ARG A 207 -2.77 -30.25 -15.25
C ARG A 207 -2.16 -29.76 -16.56
N LEU A 208 -2.23 -28.46 -16.80
CA LEU A 208 -1.48 -27.81 -17.85
C LEU A 208 -0.49 -26.84 -17.21
N SER A 209 0.73 -26.80 -17.75
CA SER A 209 1.77 -25.95 -17.22
C SER A 209 2.35 -25.09 -18.33
N LEU A 210 2.42 -23.79 -18.09
CA LEU A 210 3.12 -22.84 -18.94
C LEU A 210 4.26 -22.24 -18.15
N SER A 211 5.49 -22.51 -18.56
CA SER A 211 6.67 -22.03 -17.87
C SER A 211 7.49 -21.14 -18.79
N PHE A 212 8.13 -20.13 -18.20
CA PHE A 212 9.01 -19.22 -18.92
C PHE A 212 10.40 -19.29 -18.30
N ARG A 213 11.42 -19.13 -19.13
CA ARG A 213 12.79 -18.98 -18.64
C ARG A 213 13.18 -17.52 -18.76
N LEU A 214 13.48 -16.90 -17.61
CA LEU A 214 13.77 -15.48 -17.52
C LEU A 214 15.26 -15.28 -17.28
N LYS A 215 15.94 -14.61 -18.21
CA LYS A 215 17.34 -14.24 -18.03
C LYS A 215 17.40 -12.78 -17.62
N ARG A 216 18.06 -12.51 -16.51
CA ARG A 216 18.14 -11.17 -15.98
C ARG A 216 19.17 -10.34 -16.74
N ASN A 217 18.85 -9.07 -16.97
CA ASN A 217 19.75 -8.14 -17.61
C ASN A 217 20.68 -7.52 -16.57
N ILE A 218 21.99 -7.53 -16.87
CA ILE A 218 22.98 -7.07 -15.90
C ILE A 218 23.15 -5.56 -15.92
N GLY A 219 22.56 -4.86 -16.88
CA GLY A 219 22.90 -3.46 -17.12
C GLY A 219 22.45 -2.52 -16.04
N TYR A 220 21.37 -2.85 -15.33
CA TYR A 220 20.93 -2.02 -14.21
C TYR A 220 21.87 -2.19 -13.01
N PHE A 221 22.33 -3.41 -12.76
CA PHE A 221 23.11 -3.69 -11.56
C PHE A 221 24.56 -3.26 -11.71
N ILE A 222 25.04 -3.06 -12.95
CA ILE A 222 26.33 -2.41 -13.15
C ILE A 222 26.27 -0.97 -12.65
N LEU A 223 25.32 -0.20 -13.17
CA LEU A 223 25.20 1.22 -12.76
C LEU A 223 24.83 1.32 -11.28
N GLN A 224 23.87 0.50 -10.84
CA GLN A 224 23.32 0.50 -9.45
C GLN A 224 24.31 0.08 -8.35
N THR A 225 25.11 -0.98 -8.56
CA THR A 225 26.00 -1.46 -7.47
C THR A 225 27.45 -1.73 -7.89
N TYR A 226 27.65 -2.45 -8.99
CA TYR A 226 29.00 -2.88 -9.38
C TYR A 226 29.93 -1.70 -9.60
N MET A 227 29.53 -0.76 -10.46
CA MET A 227 30.37 0.42 -10.72
C MET A 227 30.52 1.35 -9.51
N PRO A 228 29.53 1.58 -8.63
CA PRO A 228 29.86 2.27 -7.38
C PRO A 228 30.85 1.52 -6.49
N SER A 229 30.83 0.19 -6.47
CA SER A 229 31.76 -0.54 -5.63
C SER A 229 33.16 -0.59 -6.22
N ILE A 230 33.28 -0.47 -7.55
CA ILE A 230 34.60 -0.41 -8.17
C ILE A 230 35.25 0.94 -7.87
N LEU A 231 34.48 2.02 -7.95
CA LEU A 231 35.04 3.36 -7.80
C LEU A 231 35.41 3.67 -6.36
N ILE A 232 34.77 3.01 -5.38
CA ILE A 232 35.19 3.17 -3.99
C ILE A 232 36.49 2.41 -3.74
N THR A 233 36.67 1.27 -4.42
CA THR A 233 37.91 0.51 -4.27
C THR A 233 39.09 1.24 -4.91
N ILE A 234 38.86 1.91 -6.04
CA ILE A 234 39.89 2.75 -6.65
C ILE A 234 40.15 3.98 -5.77
N LEU A 235 39.12 4.48 -5.09
CA LEU A 235 39.27 5.60 -4.16
C LEU A 235 40.16 5.25 -2.98
N SER A 236 40.17 4.00 -2.55
CA SER A 236 41.03 3.58 -1.47
C SER A 236 42.49 3.43 -1.89
N TRP A 237 42.77 3.37 -3.19
CA TRP A 237 44.14 3.30 -3.68
C TRP A 237 44.79 4.67 -3.81
N VAL A 238 44.00 5.74 -3.67
CA VAL A 238 44.53 7.10 -3.69
C VAL A 238 45.42 7.34 -2.48
N SER A 239 45.15 6.63 -1.37
CA SER A 239 45.95 6.76 -0.16
C SER A 239 47.39 6.30 -0.34
N PHE A 240 47.64 5.40 -1.31
CA PHE A 240 49.00 4.89 -1.52
C PHE A 240 49.94 5.93 -2.11
N TRP A 241 49.41 6.91 -2.86
CA TRP A 241 50.23 7.97 -3.41
C TRP A 241 50.37 9.16 -2.49
N ILE A 242 49.65 9.19 -1.39
CA ILE A 242 49.77 10.27 -0.41
C ILE A 242 50.89 9.92 0.56
N ASN A 243 51.66 10.93 0.96
CA ASN A 243 52.77 10.77 1.90
C ASN A 243 52.27 10.25 3.24
N TYR A 244 53.10 9.42 3.89
CA TYR A 244 52.68 8.75 5.12
C TYR A 244 52.63 9.68 6.32
N ASP A 245 53.17 10.90 6.23
CA ASP A 245 53.00 11.87 7.30
C ASP A 245 51.56 12.36 7.39
N ALA A 246 50.82 12.33 6.27
CA ALA A 246 49.42 12.75 6.24
C ALA A 246 48.57 11.65 6.86
N SER A 247 48.57 11.62 8.20
CA SER A 247 47.87 10.57 8.93
C SER A 247 46.37 10.78 8.90
N ALA A 248 45.91 12.02 9.07
CA ALA A 248 44.49 12.30 9.05
C ALA A 248 43.91 12.19 7.64
N ALA A 249 44.74 12.38 6.62
CA ALA A 249 44.26 12.26 5.24
C ALA A 249 44.15 10.82 4.79
N ARG A 250 45.06 9.95 5.23
CA ARG A 250 45.07 8.56 4.78
C ARG A 250 44.17 7.66 5.62
N VAL A 251 43.93 8.02 6.88
CA VAL A 251 42.99 7.26 7.69
C VAL A 251 41.56 7.58 7.27
N ALA A 252 41.27 8.84 6.97
CA ALA A 252 39.94 9.23 6.50
C ALA A 252 39.63 8.65 5.13
N LEU A 253 40.65 8.41 4.30
CA LEU A 253 40.43 7.65 3.08
C LEU A 253 40.12 6.20 3.38
N GLY A 254 40.76 5.64 4.41
CA GLY A 254 40.46 4.27 4.80
C GLY A 254 39.15 4.13 5.55
N ILE A 255 38.72 5.19 6.25
CA ILE A 255 37.47 5.15 6.98
C ILE A 255 36.29 5.21 6.01
N THR A 256 36.31 6.19 5.11
CA THR A 256 35.12 6.49 4.32
C THR A 256 34.91 5.46 3.20
N THR A 257 35.97 4.80 2.76
CA THR A 257 35.81 3.73 1.79
C THR A 257 35.30 2.45 2.44
N VAL A 258 35.63 2.24 3.71
CA VAL A 258 35.10 1.07 4.42
C VAL A 258 33.65 1.28 4.79
N LEU A 259 33.30 2.48 5.25
CA LEU A 259 31.92 2.79 5.62
C LEU A 259 30.98 2.85 4.43
N THR A 260 31.47 3.26 3.26
CA THR A 260 30.61 3.27 2.07
C THR A 260 30.27 1.86 1.61
N MET A 261 31.21 0.92 1.77
CA MET A 261 30.92 -0.48 1.43
C MET A 261 29.88 -1.08 2.36
N THR A 262 29.79 -0.60 3.61
CA THR A 262 28.74 -1.06 4.50
C THR A 262 27.38 -0.50 4.11
N THR A 263 27.34 0.73 3.61
CA THR A 263 26.06 1.31 3.18
C THR A 263 25.58 0.73 1.86
N ILE A 264 26.50 0.31 0.99
CA ILE A 264 26.11 -0.36 -0.25
C ILE A 264 25.59 -1.76 0.05
N ASN A 265 26.20 -2.46 1.00
CA ASN A 265 25.72 -3.84 1.32
C ASN A 265 24.30 -3.80 1.88
N THR A 266 24.05 -2.89 2.84
CA THR A 266 22.73 -2.77 3.50
C THR A 266 21.66 -2.41 2.46
N HIS A 267 21.98 -1.47 1.57
CA HIS A 267 21.02 -1.04 0.51
C HIS A 267 20.70 -2.24 -0.39
N LEU A 268 21.71 -3.04 -0.72
CA LEU A 268 21.54 -4.23 -1.59
C LEU A 268 20.59 -5.23 -0.93
N ARG A 269 20.70 -5.41 0.39
CA ARG A 269 19.83 -6.41 1.09
C ARG A 269 18.34 -6.05 0.96
N GLU A 270 18.00 -4.76 1.05
CA GLU A 270 16.63 -4.25 1.03
C GLU A 270 15.89 -4.67 -0.23
N THR A 271 16.60 -4.81 -1.34
CA THR A 271 16.01 -5.20 -2.61
C THR A 271 15.85 -6.71 -2.77
N LEU A 272 16.22 -7.49 -1.76
CA LEU A 272 16.21 -8.93 -1.80
C LEU A 272 15.39 -9.50 -0.66
N PRO A 273 14.85 -10.72 -0.80
CA PRO A 273 14.21 -11.38 0.34
C PRO A 273 15.26 -11.85 1.34
N LYS A 274 14.78 -12.24 2.52
CA LYS A 274 15.67 -12.64 3.62
C LYS A 274 16.10 -14.09 3.44
N ILE A 275 16.96 -14.30 2.46
CA ILE A 275 17.48 -15.63 2.13
C ILE A 275 18.70 -15.91 3.02
N PRO A 276 18.91 -17.15 3.45
CA PRO A 276 20.04 -17.44 4.33
C PRO A 276 21.37 -17.62 3.60
N TYR A 277 21.37 -17.72 2.29
CA TYR A 277 22.59 -17.97 1.54
C TYR A 277 23.15 -16.68 0.96
N VAL A 278 24.25 -16.82 0.22
CA VAL A 278 25.02 -15.69 -0.31
C VAL A 278 24.80 -15.64 -1.81
N THR A 279 24.45 -14.46 -2.32
CA THR A 279 24.24 -14.24 -3.74
C THR A 279 25.56 -13.91 -4.43
N ALA A 280 25.51 -13.70 -5.74
CA ALA A 280 26.72 -13.39 -6.49
C ALA A 280 27.15 -11.94 -6.26
N ILE A 281 26.20 -11.02 -6.10
CA ILE A 281 26.54 -9.64 -5.82
C ILE A 281 27.01 -9.50 -4.37
N ASP A 282 26.59 -10.39 -3.48
CA ASP A 282 27.13 -10.41 -2.12
C ASP A 282 28.59 -10.84 -2.11
N MET A 283 28.95 -11.79 -2.98
CA MET A 283 30.35 -12.21 -3.08
C MET A 283 31.24 -11.12 -3.65
N TYR A 284 30.68 -10.23 -4.47
CA TYR A 284 31.46 -9.13 -5.02
C TYR A 284 31.67 -8.03 -3.99
N LEU A 285 30.64 -7.76 -3.18
CA LEU A 285 30.77 -6.71 -2.18
C LEU A 285 31.65 -7.14 -1.01
N MET A 286 31.57 -8.41 -0.63
CA MET A 286 32.46 -8.92 0.40
C MET A 286 33.89 -9.01 -0.11
N GLY A 287 34.06 -9.24 -1.41
CA GLY A 287 35.40 -9.17 -1.99
C GLY A 287 35.91 -7.74 -2.08
N CYS A 288 35.02 -6.79 -2.38
CA CYS A 288 35.43 -5.39 -2.43
C CYS A 288 35.65 -4.82 -1.04
N PHE A 289 34.99 -5.39 -0.02
CA PHE A 289 35.25 -4.93 1.35
C PHE A 289 36.63 -5.35 1.82
N VAL A 290 37.13 -6.50 1.37
CA VAL A 290 38.46 -6.96 1.77
C VAL A 290 39.54 -6.05 1.19
N PHE A 291 39.32 -5.54 -0.03
CA PHE A 291 40.31 -4.69 -0.68
C PHE A 291 40.38 -3.31 -0.02
N VAL A 292 39.24 -2.77 0.41
CA VAL A 292 39.26 -1.46 1.05
C VAL A 292 39.63 -1.56 2.54
N PHE A 293 39.47 -2.73 3.15
CA PHE A 293 39.88 -2.90 4.54
C PHE A 293 41.39 -3.13 4.64
N LEU A 294 41.96 -3.88 3.69
CA LEU A 294 43.39 -4.08 3.66
C LEU A 294 44.14 -2.83 3.21
N ALA A 295 43.47 -1.90 2.54
CA ALA A 295 44.11 -0.64 2.18
C ALA A 295 44.29 0.25 3.40
N LEU A 296 43.35 0.20 4.35
CA LEU A 296 43.53 0.93 5.60
C LEU A 296 44.49 0.21 6.53
N LEU A 297 44.47 -1.12 6.53
CA LEU A 297 45.45 -1.90 7.29
C LEU A 297 46.85 -1.76 6.73
N GLU A 298 46.98 -1.42 5.45
CA GLU A 298 48.30 -1.16 4.89
C GLU A 298 48.90 0.12 5.46
N TYR A 299 48.09 1.15 5.67
CA TYR A 299 48.61 2.37 6.27
C TYR A 299 48.89 2.18 7.76
N ALA A 300 48.05 1.39 8.44
CA ALA A 300 48.26 1.13 9.87
C ALA A 300 49.52 0.33 10.12
N PHE A 301 49.98 -0.45 9.12
CA PHE A 301 51.29 -1.07 9.20
C PHE A 301 52.38 -0.08 8.80
N VAL A 302 52.08 0.83 7.88
CA VAL A 302 53.04 1.84 7.47
C VAL A 302 53.23 2.88 8.56
N ASN A 303 52.13 3.34 9.17
CA ASN A 303 52.19 4.27 10.30
C ASN A 303 52.87 3.66 11.52
N TYR A 304 52.86 2.33 11.65
CA TYR A 304 53.49 1.67 12.78
C TYR A 304 55.00 1.62 12.65
N ILE A 305 55.54 1.65 11.43
CA ILE A 305 56.96 1.41 11.21
C ILE A 305 57.68 2.58 10.55
N PHE A 306 56.99 3.67 10.20
CA PHE A 306 57.65 4.72 9.43
C PHE A 306 58.54 5.62 10.28
N PHE A 307 58.54 5.46 11.62
CA PHE A 307 59.50 6.19 12.44
C PHE A 307 60.83 5.45 12.49
N SER A 308 60.81 4.15 12.79
CA SER A 308 62.04 3.39 12.91
C SER A 308 62.58 2.97 11.55
N GLN A 309 61.71 2.52 10.65
CA GLN A 309 62.08 2.03 9.32
C GLN A 309 61.39 2.87 8.27
N PRO A 310 61.92 4.04 7.92
CA PRO A 310 61.28 4.87 6.89
C PRO A 310 61.48 4.35 5.48
N ALA A 311 62.56 3.61 5.23
CA ALA A 311 62.78 3.04 3.89
C ALA A 311 61.90 1.83 3.64
N ARG A 312 61.61 1.05 4.70
CA ARG A 312 60.71 -0.08 4.55
C ARG A 312 59.27 0.38 4.34
N ALA A 313 58.86 1.43 5.06
CA ALA A 313 57.50 1.95 4.91
C ALA A 313 57.31 2.64 3.57
N ALA A 314 58.37 3.21 2.99
CA ALA A 314 58.26 3.77 1.65
C ALA A 314 58.22 2.67 0.60
N ALA A 315 58.77 1.49 0.91
CA ALA A 315 58.72 0.37 -0.02
C ALA A 315 57.34 -0.27 -0.06
N ILE A 316 56.66 -0.33 1.09
CA ILE A 316 55.32 -0.91 1.16
C ILE A 316 54.31 -0.03 0.42
N ASP A 317 54.49 1.29 0.50
CA ASP A 317 53.64 2.20 -0.26
C ASP A 317 53.88 2.07 -1.77
N ARG A 318 55.13 1.85 -2.17
CA ARG A 318 55.43 1.60 -3.57
C ARG A 318 54.94 0.24 -4.03
N TRP A 319 55.01 -0.75 -3.14
CA TRP A 319 54.54 -2.10 -3.44
C TRP A 319 53.01 -2.14 -3.57
N SER A 320 52.31 -1.35 -2.76
CA SER A 320 50.85 -1.37 -2.78
C SER A 320 50.27 -0.61 -3.96
N ARG A 321 51.04 0.26 -4.61
CA ARG A 321 50.55 1.00 -5.76
C ARG A 321 50.35 0.12 -6.98
N ILE A 322 51.01 -1.04 -7.04
CA ILE A 322 50.90 -1.93 -8.19
C ILE A 322 50.27 -3.27 -7.83
N VAL A 323 50.28 -3.67 -6.56
CA VAL A 323 49.71 -4.97 -6.19
C VAL A 323 48.20 -4.86 -5.98
N PHE A 324 47.75 -3.78 -5.35
CA PHE A 324 46.31 -3.57 -5.16
C PHE A 324 45.50 -3.39 -6.46
N PRO A 325 45.97 -2.68 -7.50
CA PRO A 325 45.22 -2.76 -8.77
C PRO A 325 45.37 -4.08 -9.49
N PHE A 326 46.47 -4.81 -9.28
CA PHE A 326 46.66 -6.08 -9.97
C PHE A 326 45.81 -7.18 -9.36
N THR A 327 45.71 -7.22 -8.02
CA THR A 327 44.90 -8.23 -7.37
C THR A 327 43.41 -7.98 -7.57
N PHE A 328 43.02 -6.71 -7.71
CA PHE A 328 41.62 -6.40 -7.98
C PHE A 328 41.24 -6.70 -9.41
N SER A 329 42.17 -6.56 -10.35
CA SER A 329 41.93 -7.01 -11.71
C SER A 329 41.91 -8.53 -11.80
N LEU A 330 42.68 -9.20 -10.95
CA LEU A 330 42.62 -10.65 -10.88
C LEU A 330 41.35 -11.12 -10.19
N PHE A 331 40.87 -10.35 -9.21
CA PHE A 331 39.61 -10.68 -8.56
C PHE A 331 38.44 -10.53 -9.51
N ASN A 332 38.44 -9.48 -10.33
CA ASN A 332 37.38 -9.30 -11.32
C ASN A 332 37.48 -10.31 -12.45
N LEU A 333 38.67 -10.82 -12.72
CA LEU A 333 38.83 -11.83 -13.77
C LEU A 333 38.26 -13.17 -13.34
N VAL A 334 38.50 -13.57 -12.09
CA VAL A 334 37.96 -14.82 -11.57
C VAL A 334 36.46 -14.70 -11.36
N TYR A 335 35.98 -13.52 -10.95
CA TYR A 335 34.56 -13.33 -10.68
C TYR A 335 33.73 -13.35 -11.96
N TRP A 336 34.09 -12.51 -12.93
CA TRP A 336 33.26 -12.35 -14.12
C TRP A 336 33.39 -13.49 -15.11
N LEU A 337 34.38 -14.37 -14.96
CA LEU A 337 34.43 -15.58 -15.76
C LEU A 337 33.74 -16.76 -15.08
N TYR A 338 33.43 -16.65 -13.79
CA TYR A 338 32.70 -17.70 -13.10
C TYR A 338 31.20 -17.54 -13.23
N TYR A 339 30.71 -16.30 -13.29
CA TYR A 339 29.26 -16.05 -13.31
C TYR A 339 28.71 -15.72 -14.68
N VAL A 340 29.54 -15.36 -15.64
CA VAL A 340 29.07 -15.10 -17.00
C VAL A 340 29.36 -16.30 -17.90
N GLN B 1 16.10 -31.33 -14.85
CA GLN B 1 16.83 -32.56 -15.18
C GLN B 1 17.67 -33.03 -14.01
N VAL B 2 17.17 -34.03 -13.29
CA VAL B 2 17.83 -34.57 -12.10
C VAL B 2 18.27 -36.00 -12.41
N GLN B 3 19.57 -36.25 -12.31
CA GLN B 3 20.10 -37.59 -12.44
C GLN B 3 20.22 -38.20 -11.05
N LEU B 4 19.77 -39.45 -10.92
CA LEU B 4 19.68 -40.11 -9.62
C LEU B 4 20.41 -41.45 -9.66
N VAL B 5 21.29 -41.66 -8.68
CA VAL B 5 21.97 -42.93 -8.47
C VAL B 5 21.94 -43.23 -6.97
N GLU B 6 21.65 -44.47 -6.61
CA GLU B 6 21.63 -44.88 -5.22
C GLU B 6 22.53 -46.08 -5.03
N SER B 7 23.18 -46.14 -3.87
CA SER B 7 24.09 -47.22 -3.53
C SER B 7 24.21 -47.29 -2.01
N GLY B 8 24.46 -48.51 -1.52
CA GLY B 8 24.56 -48.71 -0.09
C GLY B 8 23.60 -49.77 0.43
N GLY B 9 23.12 -50.62 -0.47
CA GLY B 9 22.21 -51.68 -0.10
C GLY B 9 22.70 -53.06 -0.51
N GLY B 10 23.04 -53.88 0.49
CA GLY B 10 23.54 -55.24 0.25
C GLY B 10 22.68 -56.28 0.93
N LEU B 11 23.07 -57.55 0.78
CA LEU B 11 22.36 -58.68 1.37
C LEU B 11 22.81 -58.87 2.82
N VAL B 12 21.91 -58.50 3.73
CA VAL B 12 22.16 -58.66 5.18
C VAL B 12 21.18 -59.71 5.73
N GLN B 13 21.36 -60.08 7.00
CA GLN B 13 20.49 -61.04 7.65
C GLN B 13 19.19 -60.39 8.09
N GLY B 403 19.18 -55.92 11.77
CA GLY B 403 20.31 -54.97 11.75
C GLY B 403 19.92 -53.63 11.17
N SER B 404 20.87 -52.70 11.09
CA SER B 404 20.60 -51.35 10.53
C SER B 404 21.30 -51.19 9.18
N LEU B 405 20.54 -50.89 8.12
CA LEU B 405 21.09 -50.71 6.75
C LEU B 405 20.84 -49.27 6.31
N ARG B 406 21.87 -48.59 5.81
CA ARG B 406 21.69 -47.19 5.36
C ARG B 406 21.93 -47.09 3.84
N LEU B 407 20.91 -46.65 3.09
CA LEU B 407 21.03 -46.45 1.63
C LEU B 407 21.38 -44.98 1.38
N SER B 408 21.77 -44.61 0.16
CA SER B 408 22.14 -43.22 -0.07
C SER B 408 21.93 -42.87 -1.52
N CYS B 409 21.06 -41.90 -1.78
CA CYS B 409 20.68 -41.50 -3.14
C CYS B 409 21.30 -40.14 -3.43
N ALA B 410 22.08 -40.07 -4.51
CA ALA B 410 22.78 -38.85 -4.89
C ALA B 410 22.09 -38.21 -6.10
N ALA B 411 21.95 -36.89 -6.05
CA ALA B 411 21.29 -36.12 -7.09
C ALA B 411 22.28 -35.18 -7.77
N SER B 412 21.94 -34.78 -9.00
CA SER B 412 22.75 -33.86 -9.77
C SER B 412 21.87 -33.22 -10.85
N GLY B 413 22.00 -31.90 -10.99
CA GLY B 413 21.27 -31.17 -12.01
C GLY B 413 20.39 -30.10 -11.39
N HIS B 414 19.22 -29.88 -12.01
CA HIS B 414 18.27 -28.85 -11.57
C HIS B 414 17.48 -29.38 -10.38
N THR B 415 18.12 -29.38 -9.22
CA THR B 415 17.50 -29.84 -7.99
C THR B 415 16.70 -28.75 -7.28
N PHE B 416 16.71 -27.52 -7.80
CA PHE B 416 15.91 -26.46 -7.21
C PHE B 416 14.45 -26.60 -7.60
N ASN B 417 14.17 -26.96 -8.84
CA ASN B 417 12.80 -27.17 -9.29
C ASN B 417 12.20 -28.46 -8.77
N TYR B 418 13.00 -29.35 -8.17
CA TYR B 418 12.54 -30.62 -7.62
C TYR B 418 12.97 -30.68 -6.16
N PRO B 419 12.26 -29.97 -5.27
CA PRO B 419 12.74 -29.83 -3.90
C PRO B 419 12.46 -31.02 -3.00
N ILE B 420 11.71 -32.02 -3.46
CA ILE B 420 11.28 -33.13 -2.64
C ILE B 420 11.83 -34.43 -3.22
N MET B 421 12.56 -35.18 -2.40
CA MET B 421 12.98 -36.53 -2.73
C MET B 421 12.12 -37.54 -2.00
N GLY B 422 11.81 -38.63 -2.69
CA GLY B 422 10.99 -39.66 -2.08
C GLY B 422 11.57 -41.05 -2.25
N TRP B 423 11.36 -41.90 -1.24
CA TRP B 423 11.76 -43.29 -1.30
C TRP B 423 10.56 -44.19 -1.54
N PHE B 424 10.68 -45.08 -2.50
CA PHE B 424 9.62 -46.01 -2.85
C PHE B 424 10.19 -47.43 -2.91
N ARG B 425 9.31 -48.41 -2.74
CA ARG B 425 9.70 -49.81 -2.85
C ARG B 425 8.60 -50.56 -3.57
N GLN B 426 8.99 -51.60 -4.30
CA GLN B 426 8.06 -52.39 -5.10
C GLN B 426 8.32 -53.87 -4.85
N ALA B 427 7.49 -54.48 -4.01
CA ALA B 427 7.58 -55.91 -3.78
C ALA B 427 7.20 -56.67 -5.05
N PRO B 428 7.80 -57.86 -5.28
CA PRO B 428 7.47 -58.63 -6.49
C PRO B 428 6.03 -59.10 -6.52
N GLY B 429 5.27 -58.58 -7.48
CA GLY B 429 3.86 -58.87 -7.58
C GLY B 429 2.93 -57.88 -6.90
N LYS B 430 3.47 -56.80 -6.35
CA LYS B 430 2.67 -55.84 -5.59
C LYS B 430 2.85 -54.44 -6.18
N GLU B 431 2.16 -53.48 -5.58
CA GLU B 431 2.19 -52.09 -6.01
C GLU B 431 3.43 -51.39 -5.47
N ARG B 432 3.80 -50.30 -6.13
CA ARG B 432 4.93 -49.49 -5.68
C ARG B 432 4.53 -48.69 -4.46
N GLU B 433 5.18 -48.96 -3.33
CA GLU B 433 4.75 -48.49 -2.03
C GLU B 433 5.59 -47.32 -1.56
N PHE B 434 4.94 -46.28 -1.04
CA PHE B 434 5.63 -45.13 -0.49
C PHE B 434 6.31 -45.50 0.82
N VAL B 435 7.59 -45.17 0.93
CA VAL B 435 8.34 -45.41 2.16
C VAL B 435 8.46 -44.11 2.94
N GLY B 436 9.08 -43.11 2.33
CA GLY B 436 9.28 -41.84 3.01
C GLY B 436 9.71 -40.77 2.04
N ALA B 437 9.61 -39.52 2.51
CA ALA B 437 9.92 -38.37 1.67
C ALA B 437 10.74 -37.37 2.48
N ILE B 438 11.47 -36.52 1.76
CA ILE B 438 12.40 -35.57 2.37
C ILE B 438 12.48 -34.35 1.46
N SER B 439 12.49 -33.17 2.08
CA SER B 439 12.69 -31.92 1.35
C SER B 439 14.18 -31.57 1.35
N TRP B 440 14.66 -31.05 0.22
CA TRP B 440 16.04 -30.57 0.14
C TRP B 440 16.27 -29.38 1.06
N SER B 441 15.60 -28.27 0.78
CA SER B 441 15.69 -27.08 1.63
C SER B 441 14.80 -27.27 2.84
N GLY B 442 15.40 -27.24 4.03
CA GLY B 442 14.66 -27.57 5.23
C GLY B 442 15.03 -28.94 5.75
N GLY B 443 14.20 -29.93 5.48
CA GLY B 443 14.43 -31.26 6.00
C GLY B 443 13.19 -31.85 6.64
N SER B 444 12.04 -31.26 6.35
CA SER B 444 10.76 -31.77 6.85
C SER B 444 10.47 -33.14 6.23
N THR B 445 10.37 -34.15 7.09
CA THR B 445 10.23 -35.54 6.66
C THR B 445 8.79 -36.00 6.75
N SER B 446 8.51 -37.08 6.02
CA SER B 446 7.26 -37.81 6.11
C SER B 446 7.56 -39.28 5.95
N TYR B 447 6.74 -40.13 6.57
CA TYR B 447 6.98 -41.56 6.55
C TYR B 447 5.65 -42.29 6.40
N ALA B 448 5.74 -43.52 5.90
CA ALA B 448 4.61 -44.42 5.93
C ALA B 448 4.45 -45.02 7.32
N ASP B 449 3.28 -45.62 7.56
CA ASP B 449 3.01 -46.20 8.87
C ASP B 449 3.80 -47.47 9.13
N SER B 450 4.10 -48.25 8.10
CA SER B 450 4.82 -49.51 8.28
C SER B 450 6.30 -49.31 8.57
N VAL B 451 6.85 -48.14 8.28
CA VAL B 451 8.26 -47.87 8.49
C VAL B 451 8.48 -46.71 9.47
N LYS B 452 7.43 -46.25 10.14
CA LYS B 452 7.56 -45.14 11.07
C LYS B 452 8.25 -45.60 12.35
N ASP B 453 9.09 -44.72 12.90
CA ASP B 453 9.91 -44.92 14.11
C ASP B 453 10.90 -46.09 13.96
N ARG B 454 11.17 -46.52 12.74
CA ARG B 454 12.22 -47.48 12.40
C ARG B 454 13.14 -46.98 11.31
N PHE B 455 12.62 -46.22 10.36
CA PHE B 455 13.40 -45.66 9.26
C PHE B 455 13.57 -44.17 9.49
N THR B 456 14.78 -43.68 9.24
CA THR B 456 15.07 -42.25 9.33
C THR B 456 15.65 -41.79 8.01
N ILE B 457 15.14 -40.67 7.50
CA ILE B 457 15.61 -40.07 6.26
C ILE B 457 16.08 -38.66 6.57
N SER B 458 17.27 -38.31 6.07
CA SER B 458 17.78 -36.96 6.13
C SER B 458 18.75 -36.77 4.96
N ARG B 459 19.29 -35.57 4.85
CA ARG B 459 20.07 -35.23 3.67
C ARG B 459 21.14 -34.21 4.05
N ASP B 460 22.12 -34.06 3.16
CA ASP B 460 23.05 -32.94 3.17
C ASP B 460 23.01 -32.28 1.81
N ASN B 461 22.95 -30.95 1.80
CA ASN B 461 22.85 -30.22 0.55
C ASN B 461 24.20 -29.98 -0.12
N ALA B 462 25.30 -30.35 0.55
CA ALA B 462 26.62 -30.19 -0.04
C ALA B 462 26.89 -31.25 -1.11
N LYS B 463 26.75 -32.52 -0.74
CA LYS B 463 26.96 -33.62 -1.67
C LYS B 463 25.77 -33.83 -2.60
N ASN B 464 24.63 -33.18 -2.34
CA ASN B 464 23.33 -33.47 -2.92
C ASN B 464 23.00 -34.96 -2.77
N THR B 465 22.95 -35.38 -1.52
CA THR B 465 22.81 -36.79 -1.16
C THR B 465 21.67 -36.96 -0.17
N VAL B 466 20.74 -37.86 -0.49
CA VAL B 466 19.63 -38.23 0.39
C VAL B 466 19.87 -39.66 0.83
N TYR B 467 19.87 -39.89 2.15
CA TYR B 467 20.10 -41.22 2.69
C TYR B 467 18.88 -41.72 3.45
N LEU B 468 18.59 -43.00 3.25
CA LEU B 468 17.45 -43.68 3.92
C LEU B 468 18.04 -44.67 4.93
N GLU B 469 18.03 -44.31 6.21
CA GLU B 469 18.59 -45.23 7.23
C GLU B 469 17.49 -46.21 7.63
N MET B 470 17.67 -47.48 7.28
CA MET B 470 16.66 -48.51 7.63
C MET B 470 17.17 -49.27 8.85
N ASN B 471 16.52 -49.04 10.00
CA ASN B 471 16.88 -49.72 11.27
C ASN B 471 15.77 -50.70 11.62
N ASN B 472 16.08 -51.71 12.42
CA ASN B 472 15.07 -52.70 12.84
C ASN B 472 14.37 -53.33 11.63
N LEU B 473 15.19 -54.03 10.84
CA LEU B 473 14.72 -54.66 9.57
C LEU B 473 13.73 -55.79 9.85
N LYS B 474 12.86 -56.03 8.86
CA LYS B 474 11.83 -57.04 8.90
C LYS B 474 11.78 -57.76 7.56
N PRO B 475 11.31 -59.01 7.52
CA PRO B 475 11.21 -59.72 6.23
C PRO B 475 10.16 -59.16 5.28
N GLU B 476 9.30 -58.24 5.72
CA GLU B 476 8.39 -57.54 4.83
C GLU B 476 9.05 -56.38 4.10
N ASP B 477 10.34 -56.13 4.32
CA ASP B 477 11.08 -55.05 3.69
C ASP B 477 11.96 -55.55 2.56
N THR B 478 11.47 -56.54 1.82
CA THR B 478 12.22 -57.15 0.72
C THR B 478 11.61 -56.65 -0.60
N ALA B 479 12.23 -55.64 -1.18
CA ALA B 479 11.74 -55.01 -2.41
C ALA B 479 12.87 -54.22 -3.05
N VAL B 480 12.67 -53.85 -4.31
CA VAL B 480 13.57 -52.95 -5.00
C VAL B 480 13.29 -51.54 -4.51
N TYR B 481 14.24 -50.95 -3.79
CA TYR B 481 14.07 -49.62 -3.22
C TYR B 481 14.44 -48.56 -4.26
N TYR B 482 13.47 -47.75 -4.65
CA TYR B 482 13.67 -46.69 -5.62
C TYR B 482 13.80 -45.34 -4.93
N CYS B 483 14.51 -44.44 -5.61
CA CYS B 483 14.67 -43.07 -5.14
C CYS B 483 14.14 -42.16 -6.25
N ALA B 484 13.30 -41.19 -5.88
CA ALA B 484 12.60 -40.40 -6.88
C ALA B 484 12.57 -38.93 -6.46
N ALA B 485 12.46 -38.06 -7.46
CA ALA B 485 12.40 -36.62 -7.26
C ALA B 485 11.03 -36.11 -7.68
N LYS B 486 10.56 -35.08 -6.99
CA LYS B 486 9.21 -34.57 -7.16
C LYS B 486 9.24 -33.06 -7.37
N GLY B 487 8.51 -32.57 -8.36
CA GLY B 487 8.42 -31.16 -8.65
C GLY B 487 7.68 -30.39 -7.56
N ARG B 488 7.76 -29.06 -7.69
CA ARG B 488 7.21 -28.19 -6.66
C ARG B 488 5.68 -28.19 -6.69
N TYR B 489 5.09 -27.93 -7.85
CA TYR B 489 3.64 -27.95 -7.99
C TYR B 489 3.19 -29.31 -8.50
N SER B 490 3.68 -30.36 -7.84
CA SER B 490 3.09 -31.69 -7.93
C SER B 490 2.57 -31.98 -6.54
N GLY B 491 1.42 -32.62 -6.44
CA GLY B 491 0.75 -32.78 -5.17
C GLY B 491 0.77 -34.22 -4.68
N GLY B 492 0.95 -34.38 -3.38
CA GLY B 492 0.85 -35.70 -2.78
C GLY B 492 2.18 -36.41 -2.75
N LEU B 493 2.73 -36.62 -1.55
CA LEU B 493 3.99 -37.34 -1.44
C LEU B 493 3.81 -38.83 -1.70
N TYR B 494 2.61 -39.35 -1.42
CA TYR B 494 2.43 -40.79 -1.33
C TYR B 494 2.33 -41.44 -2.70
N TYR B 495 2.13 -40.64 -3.74
CA TYR B 495 1.75 -41.17 -5.04
C TYR B 495 2.95 -41.14 -5.98
N PRO B 496 3.42 -42.28 -6.49
CA PRO B 496 4.61 -42.30 -7.34
C PRO B 496 4.41 -41.74 -8.74
N THR B 497 3.16 -41.50 -9.15
CA THR B 497 2.91 -40.90 -10.45
C THR B 497 3.36 -39.44 -10.49
N ASN B 498 3.36 -38.77 -9.34
CA ASN B 498 3.77 -37.36 -9.26
C ASN B 498 5.27 -37.18 -9.30
N TYR B 499 6.06 -38.25 -9.28
CA TYR B 499 7.50 -38.17 -9.25
C TYR B 499 8.05 -38.40 -10.65
N ASP B 500 9.03 -37.58 -11.04
CA ASP B 500 9.48 -37.54 -12.43
C ASP B 500 10.74 -38.36 -12.66
N TYR B 501 11.83 -38.04 -11.97
CA TYR B 501 13.12 -38.70 -12.19
C TYR B 501 13.31 -39.79 -11.15
N TRP B 502 13.55 -41.00 -11.61
CA TRP B 502 13.64 -42.17 -10.74
C TRP B 502 15.07 -42.69 -10.67
N GLY B 503 15.35 -43.39 -9.57
CA GLY B 503 16.60 -44.10 -9.43
C GLY B 503 16.57 -45.45 -10.13
N GLN B 504 17.69 -46.16 -10.05
CA GLN B 504 17.78 -47.46 -10.69
C GLN B 504 17.03 -48.53 -9.91
N GLY B 505 17.24 -48.58 -8.60
CA GLY B 505 16.54 -49.53 -7.76
C GLY B 505 17.34 -50.78 -7.48
N THR B 506 17.85 -50.91 -6.26
CA THR B 506 18.64 -52.06 -5.86
C THR B 506 17.75 -53.10 -5.20
N GLN B 507 17.97 -54.37 -5.54
CA GLN B 507 17.20 -55.47 -4.96
C GLN B 507 17.74 -55.77 -3.57
N VAL B 508 16.90 -55.54 -2.56
CA VAL B 508 17.30 -55.76 -1.14
C VAL B 508 16.44 -56.86 -0.51
N THR B 509 17.10 -57.92 -0.02
CA THR B 509 16.44 -59.04 0.63
C THR B 509 17.12 -59.33 1.95
N VAL B 510 16.36 -59.29 3.03
CA VAL B 510 16.92 -59.58 4.35
C VAL B 510 16.66 -61.03 4.73
N GLN C 1 3.73 -25.77 27.98
CA GLN C 1 3.91 -26.55 29.20
C GLN C 1 4.23 -25.65 30.38
N VAL C 2 3.22 -25.38 31.21
CA VAL C 2 3.34 -24.51 32.37
C VAL C 2 3.18 -25.35 33.62
N GLN C 3 4.20 -25.34 34.48
CA GLN C 3 4.11 -25.96 35.79
C GLN C 3 3.68 -24.92 36.80
N LEU C 4 2.72 -25.30 37.66
CA LEU C 4 2.10 -24.38 38.59
C LEU C 4 2.19 -24.92 40.00
N VAL C 5 2.68 -24.10 40.92
CA VAL C 5 2.69 -24.40 42.35
C VAL C 5 2.26 -23.14 43.09
N GLU C 6 1.39 -23.30 44.09
CA GLU C 6 0.92 -22.18 44.88
C GLU C 6 1.16 -22.46 46.36
N SER C 7 1.49 -21.41 47.11
CA SER C 7 1.76 -21.52 48.53
C SER C 7 1.53 -20.15 49.17
N GLY C 8 1.14 -20.17 50.43
CA GLY C 8 0.86 -18.93 51.14
C GLY C 8 -0.54 -18.89 51.72
N GLY C 9 -1.15 -20.06 51.88
CA GLY C 9 -2.48 -20.14 52.45
C GLY C 9 -2.56 -21.06 53.65
N GLY C 10 -2.81 -20.45 54.82
CA GLY C 10 -2.90 -21.21 56.08
C GLY C 10 -4.24 -21.00 56.76
N LEU C 11 -4.41 -21.64 57.93
CA LEU C 11 -5.64 -21.54 58.70
C LEU C 11 -5.61 -20.29 59.56
N VAL C 12 -6.42 -19.32 59.16
CA VAL C 12 -6.55 -18.03 59.90
C VAL C 12 -7.96 -17.96 60.48
N GLN C 13 -8.21 -16.95 61.30
CA GLN C 13 -9.52 -16.73 61.90
C GLN C 13 -10.48 -16.08 60.90
N GLY C 403 -9.48 -11.09 58.54
CA GLY C 403 -8.08 -10.63 58.32
C GLY C 403 -7.71 -10.62 56.86
N SER C 404 -6.47 -10.27 56.54
CA SER C 404 -5.99 -10.22 55.13
C SER C 404 -4.98 -11.35 54.90
N LEU C 405 -5.24 -12.18 53.87
CA LEU C 405 -4.34 -13.32 53.55
C LEU C 405 -3.81 -13.15 52.12
N ARG C 406 -2.58 -13.57 51.86
CA ARG C 406 -2.01 -13.44 50.50
C ARG C 406 -1.54 -14.81 49.99
N LEU C 407 -2.08 -15.25 48.85
CA LEU C 407 -1.63 -16.52 48.21
C LEU C 407 -0.64 -16.17 47.09
N SER C 408 0.11 -17.14 46.58
CA SER C 408 1.07 -16.78 45.54
C SER C 408 1.32 -17.99 44.66
N CYS C 409 1.03 -17.86 43.37
CA CYS C 409 1.12 -18.94 42.40
C CYS C 409 2.32 -18.67 41.49
N ALA C 410 3.25 -19.63 41.43
CA ALA C 410 4.45 -19.49 40.63
C ALA C 410 4.36 -20.36 39.38
N ALA C 411 4.80 -19.80 38.25
CA ALA C 411 4.73 -20.46 36.96
C ALA C 411 6.15 -20.69 36.43
N SER C 412 6.26 -21.68 35.53
CA SER C 412 7.52 -22.01 34.89
C SER C 412 7.23 -22.76 33.60
N GLY C 413 7.93 -22.38 32.53
CA GLY C 413 7.80 -23.03 31.24
C GLY C 413 7.35 -22.05 30.17
N HIS C 414 6.55 -22.55 29.23
CA HIS C 414 6.06 -21.75 28.10
C HIS C 414 4.91 -20.88 28.56
N THR C 415 5.25 -19.81 29.26
CA THR C 415 4.26 -18.86 29.77
C THR C 415 3.88 -17.79 28.74
N PHE C 416 4.53 -17.79 27.57
CA PHE C 416 4.16 -16.84 26.53
C PHE C 416 2.88 -17.27 25.82
N ASN C 417 2.71 -18.56 25.57
CA ASN C 417 1.50 -19.07 24.93
C ASN C 417 0.31 -19.12 25.89
N TYR C 418 0.53 -18.90 27.18
CA TYR C 418 -0.52 -18.90 28.19
C TYR C 418 -0.45 -17.57 28.93
N PRO C 419 -0.94 -16.49 28.34
CA PRO C 419 -0.74 -15.16 28.91
C PRO C 419 -1.68 -14.81 30.05
N ILE C 420 -2.67 -15.64 30.36
CA ILE C 420 -3.68 -15.32 31.35
C ILE C 420 -3.64 -16.35 32.45
N MET C 421 -3.48 -15.89 33.69
CA MET C 421 -3.61 -16.73 34.88
C MET C 421 -4.95 -16.46 35.54
N GLY C 422 -5.56 -17.53 36.05
CA GLY C 422 -6.85 -17.39 36.71
C GLY C 422 -6.90 -18.08 38.06
N TRP C 423 -7.65 -17.50 38.99
CA TRP C 423 -7.86 -18.09 40.29
C TRP C 423 -9.27 -18.67 40.37
N PHE C 424 -9.36 -19.92 40.82
CA PHE C 424 -10.62 -20.62 40.97
C PHE C 424 -10.71 -21.22 42.37
N ARG C 425 -11.94 -21.46 42.81
CA ARG C 425 -12.16 -22.11 44.09
C ARG C 425 -13.33 -23.08 43.94
N GLN C 426 -13.29 -24.15 44.72
CA GLN C 426 -14.29 -25.22 44.65
C GLN C 426 -14.74 -25.56 46.07
N ALA C 427 -15.90 -25.03 46.46
CA ALA C 427 -16.48 -25.39 47.74
C ALA C 427 -16.89 -26.85 47.75
N PRO C 428 -16.82 -27.54 48.91
CA PRO C 428 -17.21 -28.95 48.98
C PRO C 428 -18.67 -29.18 48.66
N GLY C 429 -18.94 -29.87 47.56
CA GLY C 429 -20.28 -30.11 47.10
C GLY C 429 -20.81 -29.10 46.10
N LYS C 430 -19.98 -28.16 45.65
CA LYS C 430 -20.42 -27.10 44.74
C LYS C 430 -19.55 -27.09 43.49
N GLU C 431 -19.87 -26.16 42.61
CA GLU C 431 -19.17 -26.01 41.34
C GLU C 431 -17.87 -25.21 41.54
N ARG C 432 -16.95 -25.40 40.59
CA ARG C 432 -15.70 -24.65 40.62
C ARG C 432 -15.95 -23.21 40.20
N GLU C 433 -15.71 -22.27 41.12
CA GLU C 433 -16.15 -20.89 40.97
C GLU C 433 -14.98 -20.00 40.57
N PHE C 434 -15.23 -19.12 39.60
CA PHE C 434 -14.23 -18.15 39.18
C PHE C 434 -14.04 -17.09 40.25
N VAL C 435 -12.79 -16.83 40.62
CA VAL C 435 -12.48 -15.78 41.60
C VAL C 435 -11.97 -14.56 40.85
N GLY C 436 -10.88 -14.72 40.12
CA GLY C 436 -10.29 -13.59 39.42
C GLY C 436 -9.26 -14.05 38.41
N ALA C 437 -8.90 -13.14 37.51
CA ALA C 437 -7.97 -13.44 36.44
C ALA C 437 -6.98 -12.30 36.28
N ILE C 438 -5.84 -12.62 35.69
CA ILE C 438 -4.73 -11.67 35.57
C ILE C 438 -3.96 -12.02 34.30
N SER C 439 -3.57 -10.99 33.54
CA SER C 439 -2.70 -11.17 32.39
C SER C 439 -1.25 -11.00 32.80
N TRP C 440 -0.37 -11.83 32.22
CA TRP C 440 1.07 -11.70 32.45
C TRP C 440 1.59 -10.37 31.90
N SER C 441 1.53 -10.21 30.58
CA SER C 441 1.96 -8.96 29.95
C SER C 441 0.85 -7.93 30.10
N GLY C 442 1.16 -6.83 30.77
CA GLY C 442 0.13 -5.86 31.09
C GLY C 442 -0.23 -5.90 32.56
N GLY C 443 -1.34 -6.57 32.89
CA GLY C 443 -1.81 -6.60 34.26
C GLY C 443 -3.27 -6.26 34.36
N SER C 444 -3.99 -6.31 33.24
CA SER C 444 -5.43 -6.07 33.23
C SER C 444 -6.14 -7.18 34.00
N THR C 445 -6.83 -6.79 35.06
CA THR C 445 -7.45 -7.74 35.98
C THR C 445 -8.96 -7.86 35.71
N SER C 446 -9.52 -8.96 36.21
CA SER C 446 -10.95 -9.17 36.23
C SER C 446 -11.28 -9.89 37.53
N TYR C 447 -12.49 -9.67 38.05
CA TYR C 447 -12.90 -10.25 39.32
C TYR C 447 -14.34 -10.69 39.24
N ALA C 448 -14.70 -11.65 40.11
CA ALA C 448 -16.09 -11.98 40.31
C ALA C 448 -16.76 -10.94 41.20
N ASP C 449 -18.09 -10.97 41.23
CA ASP C 449 -18.84 -10.00 42.01
C ASP C 449 -18.73 -10.25 43.51
N SER C 450 -18.60 -11.51 43.93
CA SER C 450 -18.54 -11.82 45.35
C SER C 450 -17.21 -11.46 45.99
N VAL C 451 -16.17 -11.25 45.20
CA VAL C 451 -14.84 -10.94 45.71
C VAL C 451 -14.34 -9.58 45.21
N LYS C 452 -15.21 -8.80 44.57
CA LYS C 452 -14.80 -7.50 44.04
C LYS C 452 -14.64 -6.50 45.17
N ASP C 453 -13.63 -5.63 45.05
CA ASP C 453 -13.22 -4.60 46.01
C ASP C 453 -12.82 -5.18 47.37
N ARG C 454 -12.52 -6.47 47.44
CA ARG C 454 -11.96 -7.14 48.60
C ARG C 454 -10.70 -7.93 48.25
N PHE C 455 -10.66 -8.51 47.06
CA PHE C 455 -9.52 -9.29 46.60
C PHE C 455 -8.77 -8.49 45.54
N THR C 456 -7.44 -8.50 45.63
CA THR C 456 -6.60 -7.86 44.63
C THR C 456 -5.61 -8.88 44.07
N ILE C 457 -5.50 -8.92 42.75
CA ILE C 457 -4.58 -9.82 42.06
C ILE C 457 -3.62 -8.98 41.24
N SER C 458 -2.33 -9.27 41.36
CA SER C 458 -1.31 -8.69 40.52
C SER C 458 -0.15 -9.67 40.42
N ARG C 459 0.87 -9.30 39.64
CA ARG C 459 1.94 -10.23 39.34
C ARG C 459 3.24 -9.46 39.14
N ASP C 460 4.35 -10.22 39.18
CA ASP C 460 5.64 -9.75 38.71
C ASP C 460 6.16 -10.75 37.69
N ASN C 461 6.67 -10.23 36.58
CA ASN C 461 7.15 -11.10 35.51
C ASN C 461 8.57 -11.59 35.72
N ALA C 462 9.24 -11.11 36.76
CA ALA C 462 10.60 -11.57 37.06
C ALA C 462 10.58 -12.96 37.68
N LYS C 463 9.85 -13.13 38.79
CA LYS C 463 9.74 -14.42 39.44
C LYS C 463 8.79 -15.37 38.74
N ASN C 464 8.02 -14.88 37.77
CA ASN C 464 6.85 -15.56 37.19
C ASN C 464 5.90 -16.01 38.30
N THR C 465 5.42 -15.02 39.05
CA THR C 465 4.63 -15.26 40.25
C THR C 465 3.35 -14.43 40.19
N VAL C 466 2.21 -15.08 40.37
CA VAL C 466 0.92 -14.44 40.45
C VAL C 466 0.42 -14.58 41.89
N TYR C 467 0.06 -13.47 42.52
CA TYR C 467 -0.42 -13.49 43.90
C TYR C 467 -1.85 -13.01 43.99
N LEU C 468 -2.62 -13.70 44.84
CA LEU C 468 -4.04 -13.36 45.08
C LEU C 468 -4.14 -12.85 46.52
N GLU C 469 -4.26 -11.53 46.69
CA GLU C 469 -4.36 -10.98 48.07
C GLU C 469 -5.84 -11.01 48.48
N MET C 470 -6.17 -11.84 49.46
CA MET C 470 -7.58 -11.93 49.92
C MET C 470 -7.71 -11.08 51.19
N ASN C 471 -8.35 -9.91 51.06
CA ASN C 471 -8.56 -9.02 52.23
C ASN C 471 -10.05 -9.09 52.62
N ASN C 472 -10.36 -8.72 53.86
CA ASN C 472 -11.75 -8.74 54.34
C ASN C 472 -12.40 -10.11 54.10
N LEU C 473 -11.84 -11.11 54.78
CA LEU C 473 -12.26 -12.52 54.65
C LEU C 473 -13.68 -12.74 55.19
N LYS C 474 -14.35 -13.74 54.64
CA LYS C 474 -15.71 -14.12 54.99
C LYS C 474 -15.78 -15.64 55.10
N PRO C 475 -16.73 -16.18 55.88
CA PRO C 475 -16.87 -17.64 55.97
C PRO C 475 -17.37 -18.31 54.69
N GLU C 476 -17.82 -17.55 53.69
CA GLU C 476 -18.15 -18.11 52.39
C GLU C 476 -16.92 -18.32 51.50
N ASP C 477 -15.72 -18.00 51.99
CA ASP C 477 -14.48 -18.13 51.24
C ASP C 477 -13.71 -19.36 51.67
N THR C 478 -14.41 -20.45 52.00
CA THR C 478 -13.80 -21.68 52.46
C THR C 478 -13.86 -22.70 51.32
N ALA C 479 -12.76 -22.83 50.60
CA ALA C 479 -12.70 -23.71 49.44
C ALA C 479 -11.23 -23.99 49.11
N VAL C 480 -11.00 -25.00 48.28
CA VAL C 480 -9.67 -25.27 47.74
C VAL C 480 -9.42 -24.26 46.62
N TYR C 481 -8.48 -23.35 46.83
CA TYR C 481 -8.17 -22.31 45.87
C TYR C 481 -7.19 -22.85 44.83
N TYR C 482 -7.63 -22.89 43.58
CA TYR C 482 -6.80 -23.38 42.48
C TYR C 482 -6.24 -22.21 41.68
N CYS C 483 -5.10 -22.46 41.04
CA CYS C 483 -4.46 -21.49 40.16
C CYS C 483 -4.32 -22.16 38.80
N ALA C 484 -4.72 -21.45 37.74
CA ALA C 484 -4.80 -22.06 36.42
C ALA C 484 -4.29 -21.10 35.37
N ALA C 485 -3.80 -21.69 34.26
CA ALA C 485 -3.29 -20.94 33.13
C ALA C 485 -4.19 -21.14 31.92
N LYS C 486 -4.31 -20.09 31.10
CA LYS C 486 -5.24 -20.08 29.99
C LYS C 486 -4.52 -19.67 28.71
N GLY C 487 -4.78 -20.41 27.63
CA GLY C 487 -4.19 -20.11 26.34
C GLY C 487 -4.71 -18.83 25.73
N ARG C 488 -4.06 -18.41 24.65
CA ARG C 488 -4.38 -17.13 24.03
C ARG C 488 -5.71 -17.17 23.30
N TYR C 489 -5.90 -18.14 22.42
CA TYR C 489 -7.16 -18.30 21.70
C TYR C 489 -8.04 -19.32 22.42
N SER C 490 -8.19 -19.12 23.72
CA SER C 490 -9.25 -19.72 24.50
C SER C 490 -10.11 -18.57 24.98
N GLY C 491 -11.42 -18.74 24.98
CA GLY C 491 -12.33 -17.65 25.24
C GLY C 491 -13.02 -17.78 26.58
N GLY C 492 -13.19 -16.64 27.24
CA GLY C 492 -13.96 -16.61 28.47
C GLY C 492 -13.09 -16.84 29.69
N LEU C 493 -12.94 -15.82 30.53
CA LEU C 493 -12.16 -15.97 31.75
C LEU C 493 -12.90 -16.79 32.79
N TYR C 494 -14.24 -16.78 32.73
CA TYR C 494 -15.03 -17.26 33.87
C TYR C 494 -15.13 -18.78 33.87
N TYR C 495 -14.76 -19.42 32.77
CA TYR C 495 -15.06 -20.82 32.58
C TYR C 495 -13.81 -21.67 32.79
N PRO C 496 -13.79 -22.57 33.77
CA PRO C 496 -12.57 -23.34 34.06
C PRO C 496 -12.25 -24.41 33.03
N THR C 497 -13.16 -24.71 32.10
CA THR C 497 -12.87 -25.68 31.04
C THR C 497 -11.84 -25.13 30.06
N ASN C 498 -11.77 -23.81 29.91
CA ASN C 498 -10.83 -23.18 28.99
C ASN C 498 -9.41 -23.12 29.53
N TYR C 499 -9.19 -23.51 30.78
CA TYR C 499 -7.88 -23.43 31.41
C TYR C 499 -7.22 -24.80 31.38
N ASP C 500 -5.93 -24.83 31.03
CA ASP C 500 -5.24 -26.08 30.74
C ASP C 500 -4.43 -26.61 31.92
N TYR C 501 -3.47 -25.83 32.40
CA TYR C 501 -2.58 -26.27 33.46
C TYR C 501 -3.07 -25.74 34.80
N TRP C 502 -3.29 -26.64 35.75
CA TRP C 502 -3.88 -26.30 37.04
C TRP C 502 -2.86 -26.42 38.16
N GLY C 503 -3.13 -25.69 39.24
CA GLY C 503 -2.35 -25.81 40.45
C GLY C 503 -2.82 -26.99 41.29
N GLN C 504 -2.16 -27.17 42.42
CA GLN C 504 -2.50 -28.28 43.31
C GLN C 504 -3.78 -27.99 44.09
N GLY C 505 -3.87 -26.80 44.68
CA GLY C 505 -5.06 -26.42 45.40
C GLY C 505 -4.95 -26.64 46.90
N THR C 506 -4.80 -25.56 47.66
CA THR C 506 -4.66 -25.64 49.10
C THR C 506 -6.02 -25.45 49.76
N GLN C 507 -6.31 -26.26 50.78
CA GLN C 507 -7.57 -26.17 51.51
C GLN C 507 -7.49 -25.00 52.48
N VAL C 508 -8.34 -24.00 52.24
CA VAL C 508 -8.36 -22.77 53.09
C VAL C 508 -9.71 -22.64 53.81
N THR C 509 -9.68 -22.60 55.14
CA THR C 509 -10.87 -22.46 55.96
C THR C 509 -10.64 -21.35 56.97
N VAL C 510 -11.51 -20.34 56.96
CA VAL C 510 -11.41 -19.23 57.90
C VAL C 510 -12.32 -19.46 59.09
N GLN D 1 -13.20 15.61 32.28
CA GLN D 1 -13.61 16.42 33.41
C GLN D 1 -13.18 17.87 33.23
N VAL D 2 -14.12 18.72 32.82
CA VAL D 2 -13.86 20.13 32.56
C VAL D 2 -14.61 20.95 33.60
N GLN D 3 -13.88 21.76 34.36
CA GLN D 3 -14.47 22.71 35.28
C GLN D 3 -14.62 24.06 34.59
N LEU D 4 -15.79 24.68 34.73
CA LEU D 4 -16.12 25.89 34.01
C LEU D 4 -16.56 26.98 34.98
N VAL D 5 -15.95 28.16 34.85
CA VAL D 5 -16.35 29.35 35.58
C VAL D 5 -16.34 30.51 34.60
N GLU D 6 -17.37 31.35 34.67
CA GLU D 6 -17.45 32.53 33.81
C GLU D 6 -17.66 33.77 34.67
N SER D 7 -17.07 34.87 34.22
CA SER D 7 -17.15 36.15 34.91
C SER D 7 -16.88 37.27 33.92
N GLY D 8 -17.50 38.42 34.17
CA GLY D 8 -17.36 39.55 33.28
C GLY D 8 -18.69 40.09 32.79
N GLY D 9 -19.75 39.76 33.51
CA GLY D 9 -21.08 40.23 33.15
C GLY D 9 -21.77 40.97 34.26
N GLY D 10 -21.96 42.28 34.06
CA GLY D 10 -22.61 43.14 35.06
C GLY D 10 -23.84 43.83 34.49
N LEU D 11 -24.48 44.65 35.33
CA LEU D 11 -25.69 45.39 34.95
C LEU D 11 -25.28 46.67 34.23
N VAL D 12 -25.51 46.68 32.92
CA VAL D 12 -25.22 47.86 32.07
C VAL D 12 -26.55 48.39 31.53
N GLN D 13 -26.50 49.55 30.88
CA GLN D 13 -27.68 50.16 30.30
C GLN D 13 -28.05 49.49 28.97
N GLY D 403 -24.55 49.32 24.51
CA GLY D 403 -23.10 49.31 24.76
C GLY D 403 -22.48 47.96 24.42
N SER D 404 -21.16 47.83 24.63
CA SER D 404 -20.45 46.56 24.33
C SER D 404 -20.00 45.91 25.65
N LEU D 405 -20.37 44.65 25.85
CA LEU D 405 -20.01 43.89 27.09
C LEU D 405 -19.19 42.66 26.70
N ARG D 406 -18.23 42.27 27.54
CA ARG D 406 -17.42 41.07 27.23
C ARG D 406 -17.47 40.09 28.40
N LEU D 407 -17.93 38.86 28.12
CA LEU D 407 -17.95 37.77 29.15
C LEU D 407 -16.70 36.91 28.94
N SER D 408 -16.35 36.05 29.91
CA SER D 408 -15.14 35.26 29.72
C SER D 408 -15.27 33.97 30.51
N CYS D 409 -15.22 32.83 29.83
CA CYS D 409 -15.41 31.52 30.42
C CYS D 409 -14.07 30.81 30.46
N ALA D 410 -13.64 30.38 31.65
CA ALA D 410 -12.36 29.72 31.83
C ALA D 410 -12.57 28.23 32.06
N ALA D 411 -11.72 27.42 31.43
CA ALA D 411 -11.80 25.96 31.50
C ALA D 411 -10.55 25.41 32.17
N SER D 412 -10.70 24.19 32.72
CA SER D 412 -9.60 23.50 33.36
C SER D 412 -9.92 22.01 33.39
N GLY D 413 -8.93 21.18 33.05
CA GLY D 413 -9.08 19.74 33.08
C GLY D 413 -8.84 19.13 31.70
N HIS D 414 -9.58 18.06 31.41
CA HIS D 414 -9.45 17.33 30.15
C HIS D 414 -10.19 18.09 29.05
N THR D 415 -9.56 19.16 28.57
CA THR D 415 -10.13 19.98 27.51
C THR D 415 -9.80 19.45 26.12
N PHE D 416 -9.00 18.38 26.01
CA PHE D 416 -8.73 17.80 24.71
C PHE D 416 -9.91 16.97 24.21
N ASN D 417 -10.54 16.22 25.11
CA ASN D 417 -11.71 15.42 24.74
C ASN D 417 -12.96 16.26 24.54
N TYR D 418 -12.93 17.54 24.91
CA TYR D 418 -14.06 18.45 24.76
C TYR D 418 -13.58 19.66 23.97
N PRO D 419 -13.44 19.53 22.64
CA PRO D 419 -12.79 20.59 21.87
C PRO D 419 -13.70 21.76 21.52
N ILE D 420 -14.99 21.69 21.84
CA ILE D 420 -15.94 22.72 21.44
C ILE D 420 -16.56 23.34 22.69
N MET D 421 -16.46 24.65 22.80
CA MET D 421 -17.17 25.40 23.82
C MET D 421 -18.37 26.10 23.20
N GLY D 422 -19.46 26.15 23.96
CA GLY D 422 -20.67 26.79 23.48
C GLY D 422 -21.28 27.76 24.47
N TRP D 423 -21.86 28.83 23.97
CA TRP D 423 -22.56 29.80 24.79
C TRP D 423 -24.07 29.61 24.64
N PHE D 424 -24.77 29.55 25.76
CA PHE D 424 -26.21 29.39 25.78
C PHE D 424 -26.82 30.43 26.70
N ARG D 425 -28.10 30.73 26.48
CA ARG D 425 -28.83 31.65 27.34
C ARG D 425 -30.23 31.11 27.53
N GLN D 426 -30.81 31.41 28.69
CA GLN D 426 -32.13 30.91 29.05
C GLN D 426 -32.95 32.08 29.61
N ALA D 427 -33.83 32.62 28.78
CA ALA D 427 -34.74 33.66 29.24
C ALA D 427 -35.73 33.08 30.24
N PRO D 428 -36.19 33.88 31.22
CA PRO D 428 -37.15 33.37 32.21
C PRO D 428 -38.49 32.98 31.60
N GLY D 429 -38.80 31.69 31.66
CA GLY D 429 -40.00 31.15 31.06
C GLY D 429 -39.83 30.62 29.66
N LYS D 430 -38.61 30.60 29.11
CA LYS D 430 -38.37 30.18 27.75
C LYS D 430 -37.35 29.04 27.72
N GLU D 431 -37.06 28.58 26.50
CA GLU D 431 -36.13 27.49 26.28
C GLU D 431 -34.69 28.00 26.32
N ARG D 432 -33.77 27.08 26.57
CA ARG D 432 -32.34 27.41 26.57
C ARG D 432 -31.87 27.59 25.12
N GLU D 433 -31.44 28.80 24.80
CA GLU D 433 -31.21 29.21 23.41
C GLU D 433 -29.73 29.21 23.10
N PHE D 434 -29.37 28.65 21.94
CA PHE D 434 -27.99 28.66 21.48
C PHE D 434 -27.58 30.06 21.06
N VAL D 435 -26.44 30.53 21.56
CA VAL D 435 -25.91 31.83 21.20
C VAL D 435 -24.79 31.65 20.18
N GLY D 436 -23.75 30.93 20.57
CA GLY D 436 -22.61 30.73 19.69
C GLY D 436 -21.70 29.64 20.21
N ALA D 437 -20.82 29.18 19.33
CA ALA D 437 -19.92 28.08 19.63
C ALA D 437 -18.53 28.40 19.11
N ILE D 438 -17.53 27.75 19.72
CA ILE D 438 -16.14 28.02 19.42
C ILE D 438 -15.35 26.73 19.64
N SER D 439 -14.42 26.46 18.72
CA SER D 439 -13.50 25.33 18.87
C SER D 439 -12.22 25.80 19.57
N TRP D 440 -11.70 24.94 20.45
CA TRP D 440 -10.42 25.23 21.10
C TRP D 440 -9.28 25.25 20.08
N SER D 441 -9.01 24.11 19.47
CA SER D 441 -7.98 24.02 18.44
C SER D 441 -8.54 24.55 17.12
N GLY D 442 -7.93 25.60 16.60
CA GLY D 442 -8.49 26.26 15.45
C GLY D 442 -9.11 27.59 15.81
N GLY D 443 -10.43 27.61 15.95
CA GLY D 443 -11.13 28.85 16.22
C GLY D 443 -12.30 29.07 15.29
N SER D 444 -12.73 28.00 14.61
CA SER D 444 -13.90 28.07 13.74
C SER D 444 -15.15 28.33 14.56
N THR D 445 -15.81 29.46 14.29
CA THR D 445 -16.94 29.91 15.08
C THR D 445 -18.26 29.61 14.39
N SER D 446 -19.32 29.62 15.19
CA SER D 446 -20.69 29.54 14.70
C SER D 446 -21.54 30.44 15.57
N TYR D 447 -22.61 30.99 15.00
CA TYR D 447 -23.47 31.91 15.72
C TYR D 447 -24.92 31.65 15.37
N ALA D 448 -25.80 32.07 16.26
CA ALA D 448 -27.22 32.10 15.96
C ALA D 448 -27.54 33.33 15.10
N ASP D 449 -28.74 33.32 14.51
CA ASP D 449 -29.14 34.41 13.64
C ASP D 449 -29.44 35.70 14.40
N SER D 450 -29.94 35.59 15.63
CA SER D 450 -30.31 36.77 16.40
C SER D 450 -29.10 37.51 16.95
N VAL D 451 -27.93 36.88 17.01
CA VAL D 451 -26.73 37.50 17.54
C VAL D 451 -25.62 37.58 16.51
N LYS D 452 -25.92 37.29 15.24
CA LYS D 452 -24.90 37.32 14.20
C LYS D 452 -24.56 38.76 13.84
N ASP D 453 -23.26 38.99 13.57
CA ASP D 453 -22.66 40.30 13.25
C ASP D 453 -22.81 41.32 14.37
N ARG D 454 -23.11 40.88 15.58
CA ARG D 454 -23.12 41.69 16.79
C ARG D 454 -22.29 41.08 17.91
N PHE D 455 -22.27 39.75 18.00
CA PHE D 455 -21.50 39.03 19.01
C PHE D 455 -20.29 38.39 18.35
N THR D 456 -19.14 38.48 19.01
CA THR D 456 -17.93 37.83 18.54
C THR D 456 -17.39 36.93 19.64
N ILE D 457 -17.05 35.69 19.28
CA ILE D 457 -16.49 34.72 20.20
C ILE D 457 -15.11 34.31 19.69
N SER D 458 -14.13 34.32 20.58
CA SER D 458 -12.80 33.79 20.29
C SER D 458 -12.18 33.33 21.60
N ARG D 459 -10.99 32.78 21.52
CA ARG D 459 -10.37 32.14 22.67
C ARG D 459 -8.86 32.28 22.60
N ASP D 460 -8.21 32.04 23.73
CA ASP D 460 -6.77 31.80 23.80
C ASP D 460 -6.54 30.48 24.51
N ASN D 461 -5.66 29.66 23.95
CA ASN D 461 -5.40 28.35 24.51
C ASN D 461 -4.39 28.38 25.66
N ALA D 462 -3.79 29.53 25.95
CA ALA D 462 -2.85 29.63 27.05
C ALA D 462 -3.58 29.66 28.39
N LYS D 463 -4.52 30.59 28.56
CA LYS D 463 -5.29 30.69 29.79
C LYS D 463 -6.40 29.66 29.87
N ASN D 464 -6.68 28.94 28.78
CA ASN D 464 -7.89 28.14 28.58
C ASN D 464 -9.14 28.97 28.88
N THR D 465 -9.29 30.04 28.10
CA THR D 465 -10.32 31.04 28.34
C THR D 465 -11.07 31.29 27.03
N VAL D 466 -12.40 31.19 27.11
CA VAL D 466 -13.29 31.49 25.99
C VAL D 466 -14.08 32.75 26.37
N TYR D 467 -14.03 33.76 25.51
CA TYR D 467 -14.73 35.01 25.78
C TYR D 467 -15.81 35.27 24.74
N LEU D 468 -16.95 35.77 25.23
CA LEU D 468 -18.11 36.11 24.37
C LEU D 468 -18.27 37.63 24.39
N GLU D 469 -17.85 38.31 23.32
CA GLU D 469 -17.96 39.79 23.28
C GLU D 469 -19.36 40.13 22.76
N MET D 470 -20.20 40.70 23.62
CA MET D 470 -21.57 41.07 23.20
C MET D 470 -21.58 42.57 22.89
N ASN D 471 -21.62 42.91 21.59
CA ASN D 471 -21.65 44.32 21.16
C ASN D 471 -23.06 44.64 20.65
N ASN D 472 -23.43 45.91 20.64
CA ASN D 472 -24.76 46.34 20.16
C ASN D 472 -25.87 45.57 20.89
N LEU D 473 -25.93 45.80 22.20
CA LEU D 473 -26.88 45.13 23.11
C LEU D 473 -28.33 45.52 22.80
N LYS D 474 -29.24 44.61 23.11
CA LYS D 474 -30.68 44.76 22.90
C LYS D 474 -31.41 44.26 24.14
N PRO D 475 -32.63 44.75 24.39
CA PRO D 475 -33.39 44.26 25.55
C PRO D 475 -33.87 42.82 25.43
N GLU D 476 -33.75 42.19 24.25
CA GLU D 476 -34.02 40.77 24.11
C GLU D 476 -32.85 39.89 24.55
N ASP D 477 -31.76 40.48 25.02
CA ASP D 477 -30.57 39.76 25.45
C ASP D 477 -30.49 39.68 26.98
N THR D 478 -31.65 39.54 27.63
CA THR D 478 -31.72 39.49 29.09
C THR D 478 -32.00 38.04 29.50
N ALA D 479 -30.94 37.33 29.87
CA ALA D 479 -31.02 35.92 30.23
C ALA D 479 -29.78 35.53 31.02
N VAL D 480 -29.85 34.37 31.67
CA VAL D 480 -28.69 33.79 32.33
C VAL D 480 -27.82 33.16 31.24
N TYR D 481 -26.63 33.73 31.03
CA TYR D 481 -25.73 33.25 29.99
C TYR D 481 -24.89 32.10 30.54
N TYR D 482 -25.05 30.93 29.94
CA TYR D 482 -24.32 29.74 30.33
C TYR D 482 -23.16 29.47 29.38
N CYS D 483 -22.14 28.80 29.91
CA CYS D 483 -20.99 28.38 29.12
C CYS D 483 -20.88 26.88 29.25
N ALA D 484 -20.73 26.17 28.13
CA ALA D 484 -20.80 24.72 28.14
C ALA D 484 -19.73 24.13 27.24
N ALA D 485 -19.34 22.89 27.56
CA ALA D 485 -18.34 22.15 26.82
C ALA D 485 -18.99 20.95 26.13
N LYS D 486 -18.49 20.61 24.95
CA LYS D 486 -19.07 19.57 24.12
C LYS D 486 -18.02 18.57 23.69
N GLY D 487 -18.35 17.28 23.79
CA GLY D 487 -17.45 16.22 23.39
C GLY D 487 -17.24 16.17 21.89
N ARG D 488 -16.28 15.34 21.50
CA ARG D 488 -15.89 15.28 20.09
C ARG D 488 -16.95 14.57 19.24
N TYR D 489 -17.35 13.37 19.64
CA TYR D 489 -18.39 12.63 18.94
C TYR D 489 -19.74 12.88 19.60
N SER D 490 -20.05 14.16 19.81
CA SER D 490 -21.40 14.62 20.07
C SER D 490 -21.75 15.50 18.89
N GLY D 491 -22.99 15.42 18.42
CA GLY D 491 -23.37 16.07 17.19
C GLY D 491 -24.30 17.25 17.43
N GLY D 492 -24.09 18.31 16.64
CA GLY D 492 -24.99 19.44 16.68
C GLY D 492 -24.57 20.47 17.69
N LEU D 493 -24.16 21.65 17.22
CA LEU D 493 -23.78 22.71 18.13
C LEU D 493 -25.00 23.34 18.81
N TYR D 494 -26.14 23.28 18.15
CA TYR D 494 -27.28 24.11 18.55
C TYR D 494 -28.01 23.52 19.74
N TYR D 495 -27.74 22.26 20.06
CA TYR D 495 -28.57 21.52 21.00
C TYR D 495 -27.87 21.42 22.34
N PRO D 496 -28.43 21.96 23.43
CA PRO D 496 -27.73 21.93 24.72
C PRO D 496 -27.71 20.57 25.39
N THR D 497 -28.46 19.59 24.89
CA THR D 497 -28.41 18.24 25.46
C THR D 497 -27.08 17.56 25.15
N ASN D 498 -26.42 17.95 24.06
CA ASN D 498 -25.15 17.37 23.67
C ASN D 498 -23.97 17.90 24.48
N TYR D 499 -24.19 18.89 25.33
CA TYR D 499 -23.12 19.53 26.09
C TYR D 499 -23.12 18.96 27.50
N ASP D 500 -21.93 18.66 28.02
CA ASP D 500 -21.79 17.90 29.26
C ASP D 500 -21.53 18.79 30.47
N TYR D 501 -20.45 19.56 30.45
CA TYR D 501 -20.06 20.37 31.60
C TYR D 501 -20.53 21.81 31.39
N TRP D 502 -21.30 22.32 32.35
CA TRP D 502 -21.92 23.63 32.22
C TRP D 502 -21.30 24.62 33.19
N GLY D 503 -21.42 25.90 32.84
CA GLY D 503 -21.03 26.98 33.72
C GLY D 503 -22.11 27.28 34.74
N GLN D 504 -21.82 28.26 35.60
CA GLN D 504 -22.77 28.63 36.63
C GLN D 504 -23.93 29.45 36.07
N GLY D 505 -23.62 30.45 35.26
CA GLY D 505 -24.65 31.25 34.63
C GLY D 505 -24.93 32.54 35.38
N THR D 506 -24.49 33.66 34.83
CA THR D 506 -24.70 34.97 35.45
C THR D 506 -25.94 35.62 34.88
N GLN D 507 -26.74 36.23 35.75
CA GLN D 507 -27.95 36.93 35.34
C GLN D 507 -27.59 38.28 34.77
N VAL D 508 -27.85 38.45 33.46
CA VAL D 508 -27.50 39.72 32.75
C VAL D 508 -28.78 40.40 32.25
N THR D 509 -29.00 41.64 32.69
CA THR D 509 -30.15 42.43 32.28
C THR D 509 -29.68 43.80 31.84
N VAL D 510 -30.00 44.17 30.61
CA VAL D 510 -29.63 45.48 30.07
C VAL D 510 -30.77 46.46 30.24
N GLN E 1 -11.30 35.63 -7.88
CA GLN E 1 -11.54 36.99 -8.34
C GLN E 1 -10.50 37.39 -9.38
N VAL E 2 -10.89 37.34 -10.65
CA VAL E 2 -10.01 37.65 -11.77
C VAL E 2 -10.52 38.92 -12.43
N GLN E 3 -9.67 39.95 -12.48
CA GLN E 3 -9.97 41.16 -13.23
C GLN E 3 -9.39 41.05 -14.63
N LEU E 4 -10.19 41.41 -15.62
CA LEU E 4 -9.82 41.23 -17.02
C LEU E 4 -9.93 42.54 -17.77
N VAL E 5 -8.87 42.90 -18.49
CA VAL E 5 -8.85 44.03 -19.40
C VAL E 5 -8.15 43.59 -20.68
N GLU E 6 -8.72 43.98 -21.83
CA GLU E 6 -8.13 43.65 -23.12
C GLU E 6 -7.93 44.91 -23.93
N SER E 7 -6.85 44.95 -24.70
CA SER E 7 -6.52 46.09 -25.54
C SER E 7 -5.61 45.62 -26.67
N GLY E 8 -5.71 46.30 -27.80
CA GLY E 8 -4.93 45.93 -28.97
C GLY E 8 -5.77 45.67 -30.19
N GLY E 9 -7.00 46.19 -30.19
CA GLY E 9 -7.89 46.03 -31.31
C GLY E 9 -8.41 47.34 -31.87
N GLY E 10 -7.98 47.65 -33.09
CA GLY E 10 -8.38 48.91 -33.75
C GLY E 10 -9.05 48.65 -35.08
N LEU E 11 -9.44 49.73 -35.76
CA LEU E 11 -10.11 49.66 -37.06
C LEU E 11 -9.07 49.50 -38.17
N VAL E 12 -9.01 48.29 -38.72
CA VAL E 12 -8.09 47.98 -39.84
C VAL E 12 -8.92 47.70 -41.09
N GLN E 13 -8.25 47.54 -42.22
CA GLN E 13 -8.93 47.23 -43.48
C GLN E 13 -9.28 45.74 -43.56
N GLY E 403 -5.45 41.71 -43.23
CA GLY E 403 -4.19 41.92 -42.48
C GLY E 403 -4.15 41.08 -41.22
N SER E 404 -3.07 41.22 -40.43
CA SER E 404 -2.91 40.46 -39.17
C SER E 404 -3.05 41.40 -37.98
N LEU E 405 -3.97 41.10 -37.05
CA LEU E 405 -4.20 41.93 -35.85
C LEU E 405 -3.93 41.10 -34.59
N ARG E 406 -3.41 41.73 -33.54
CA ARG E 406 -3.14 40.96 -32.30
C ARG E 406 -3.84 41.64 -31.11
N LEU E 407 -4.72 40.91 -30.44
CA LEU E 407 -5.40 41.41 -29.21
C LEU E 407 -4.63 40.90 -27.98
N SER E 408 -4.88 41.46 -26.80
CA SER E 408 -4.11 40.98 -25.65
C SER E 408 -4.93 41.21 -24.39
N CYS E 409 -5.24 40.13 -23.68
CA CYS E 409 -6.09 40.16 -22.49
C CYS E 409 -5.21 39.93 -21.27
N ALA E 410 -5.25 40.87 -20.33
CA ALA E 410 -4.44 40.79 -19.12
C ALA E 410 -5.30 40.40 -17.92
N ALA E 411 -4.78 39.51 -17.09
CA ALA E 411 -5.49 39.01 -15.91
C ALA E 411 -4.75 39.42 -14.64
N SER E 412 -5.51 39.44 -13.54
CA SER E 412 -4.96 39.78 -12.23
C SER E 412 -5.89 39.22 -11.16
N GLY E 413 -5.30 38.59 -10.14
CA GLY E 413 -6.05 38.04 -9.03
C GLY E 413 -5.83 36.54 -8.88
N HIS E 414 -6.88 35.84 -8.47
CA HIS E 414 -6.83 34.40 -8.25
C HIS E 414 -6.95 33.68 -9.58
N THR E 415 -5.84 33.66 -10.33
CA THR E 415 -5.78 33.00 -11.62
C THR E 415 -5.45 31.52 -11.51
N PHE E 416 -5.19 31.02 -10.31
CA PHE E 416 -4.93 29.59 -10.15
C PHE E 416 -6.23 28.79 -10.19
N ASN E 417 -7.29 29.31 -9.57
CA ASN E 417 -8.58 28.64 -9.60
C ASN E 417 -9.29 28.77 -10.94
N TYR E 418 -8.78 29.62 -11.84
CA TYR E 418 -9.37 29.82 -13.16
C TYR E 418 -8.27 29.58 -14.20
N PRO E 419 -7.94 28.31 -14.47
CA PRO E 419 -6.77 28.01 -15.30
C PRO E 419 -7.01 28.15 -16.79
N ILE E 420 -8.22 28.41 -17.24
CA ILE E 420 -8.56 28.43 -18.66
C ILE E 420 -9.08 29.81 -19.03
N MET E 421 -8.46 30.44 -20.01
CA MET E 421 -8.96 31.67 -20.61
C MET E 421 -9.60 31.36 -21.95
N GLY E 422 -10.69 32.06 -22.25
CA GLY E 422 -11.39 31.84 -23.50
C GLY E 422 -11.70 33.13 -24.22
N TRP E 423 -11.67 33.08 -25.55
CA TRP E 423 -12.04 34.22 -26.39
C TRP E 423 -13.40 33.98 -27.00
N PHE E 424 -14.27 34.97 -26.88
CA PHE E 424 -15.62 34.91 -27.43
C PHE E 424 -15.89 36.17 -28.24
N ARG E 425 -16.85 36.06 -29.16
CA ARG E 425 -17.27 37.20 -29.96
C ARG E 425 -18.78 37.15 -30.11
N GLN E 426 -19.39 38.33 -30.23
CA GLN E 426 -20.84 38.45 -30.32
C GLN E 426 -21.17 39.41 -31.46
N ALA E 427 -21.55 38.85 -32.61
CA ALA E 427 -21.99 39.66 -33.72
C ALA E 427 -23.33 40.34 -33.37
N PRO E 428 -23.57 41.56 -33.91
CA PRO E 428 -24.83 42.25 -33.61
C PRO E 428 -26.06 41.52 -34.12
N GLY E 429 -26.90 41.06 -33.19
CA GLY E 429 -28.07 40.29 -33.53
C GLY E 429 -27.87 38.78 -33.50
N LYS E 430 -26.70 38.29 -33.09
CA LYS E 430 -26.39 36.88 -33.10
C LYS E 430 -25.98 36.41 -31.72
N GLU E 431 -25.68 35.12 -31.62
CA GLU E 431 -25.28 34.50 -30.37
C GLU E 431 -23.80 34.74 -30.09
N ARG E 432 -23.43 34.64 -28.82
CA ARG E 432 -22.03 34.78 -28.43
C ARG E 432 -21.25 33.53 -28.84
N GLU E 433 -20.30 33.71 -29.74
CA GLU E 433 -19.65 32.60 -30.44
C GLU E 433 -18.27 32.33 -29.84
N PHE E 434 -17.97 31.06 -29.62
CA PHE E 434 -16.66 30.65 -29.15
C PHE E 434 -15.62 30.82 -30.24
N VAL E 435 -14.51 31.48 -29.90
CA VAL E 435 -13.41 31.67 -30.84
C VAL E 435 -12.30 30.68 -30.52
N GLY E 436 -11.77 30.76 -29.31
CA GLY E 436 -10.68 29.89 -28.92
C GLY E 436 -10.45 29.95 -27.42
N ALA E 437 -9.69 28.97 -26.94
CA ALA E 437 -9.43 28.83 -25.51
C ALA E 437 -7.96 28.50 -25.30
N ILE E 438 -7.48 28.82 -24.09
CA ILE E 438 -6.06 28.67 -23.75
C ILE E 438 -5.96 28.36 -22.26
N SER E 439 -5.08 27.42 -21.91
CA SER E 439 -4.79 27.13 -20.52
C SER E 439 -3.60 27.97 -20.05
N TRP E 440 -3.66 28.46 -18.81
CA TRP E 440 -2.55 29.18 -18.22
C TRP E 440 -1.33 28.27 -18.05
N SER E 441 -1.46 27.25 -17.20
CA SER E 441 -0.38 26.29 -17.00
C SER E 441 -0.40 25.29 -18.14
N GLY E 442 0.70 25.22 -18.89
CA GLY E 442 0.71 24.41 -20.09
C GLY E 442 0.66 25.26 -21.33
N GLY E 443 -0.53 25.38 -21.94
CA GLY E 443 -0.66 26.11 -23.17
C GLY E 443 -1.42 25.33 -24.22
N SER E 444 -2.13 24.29 -23.78
CA SER E 444 -2.96 23.50 -24.68
C SER E 444 -4.11 24.33 -25.21
N THR E 445 -4.16 24.52 -26.52
CA THR E 445 -5.12 25.41 -27.16
C THR E 445 -6.29 24.63 -27.77
N SER E 446 -7.37 25.35 -28.00
CA SER E 446 -8.51 24.86 -28.74
C SER E 446 -9.05 26.01 -29.58
N TYR E 447 -9.65 25.68 -30.72
CA TYR E 447 -10.15 26.70 -31.63
C TYR E 447 -11.48 26.25 -32.22
N ALA E 448 -12.26 27.24 -32.67
CA ALA E 448 -13.43 26.95 -33.48
C ALA E 448 -13.02 26.64 -34.90
N ASP E 449 -13.96 26.07 -35.67
CA ASP E 449 -13.68 25.70 -37.05
C ASP E 449 -13.55 26.90 -37.96
N SER E 450 -14.28 27.98 -37.69
CA SER E 450 -14.25 29.15 -38.57
C SER E 450 -12.97 29.97 -38.42
N VAL E 451 -12.22 29.79 -37.33
CA VAL E 451 -10.99 30.53 -37.08
C VAL E 451 -9.78 29.62 -36.98
N LYS E 452 -9.92 28.35 -37.32
CA LYS E 452 -8.81 27.41 -37.23
C LYS E 452 -7.82 27.66 -38.36
N ASP E 453 -6.52 27.52 -38.04
CA ASP E 453 -5.36 27.74 -38.92
C ASP E 453 -5.29 29.18 -39.44
N ARG E 454 -5.97 30.11 -38.81
CA ARG E 454 -5.88 31.54 -39.06
C ARG E 454 -5.62 32.33 -37.79
N PHE E 455 -6.18 31.90 -36.67
CA PHE E 455 -6.02 32.55 -35.38
C PHE E 455 -5.09 31.71 -34.52
N THR E 456 -4.17 32.37 -33.82
CA THR E 456 -3.29 31.69 -32.88
C THR E 456 -3.41 32.35 -31.52
N ILE E 457 -3.56 31.54 -30.48
CA ILE E 457 -3.67 32.02 -29.11
C ILE E 457 -2.53 31.40 -28.30
N SER E 458 -1.83 32.24 -27.53
CA SER E 458 -0.83 31.78 -26.59
C SER E 458 -0.74 32.81 -25.47
N ARG E 459 0.11 32.53 -24.49
CA ARG E 459 0.16 33.35 -23.29
C ARG E 459 1.57 33.35 -22.71
N ASP E 460 1.81 34.31 -21.82
CA ASP E 460 2.96 34.30 -20.93
C ASP E 460 2.46 34.43 -19.51
N ASN E 461 3.00 33.60 -18.61
CA ASN E 461 2.56 33.60 -17.23
C ASN E 461 3.23 34.68 -16.39
N ALA E 462 4.21 35.41 -16.95
CA ALA E 462 4.86 36.48 -16.21
C ALA E 462 3.95 37.71 -16.12
N LYS E 463 3.51 38.22 -17.27
CA LYS E 463 2.62 39.39 -17.28
C LYS E 463 1.18 39.03 -16.94
N ASN E 464 0.84 37.74 -16.87
CA ASN E 464 -0.53 37.23 -16.84
C ASN E 464 -1.34 37.81 -18.00
N THR E 465 -0.86 37.53 -19.20
CA THR E 465 -1.38 38.11 -20.43
C THR E 465 -1.70 37.02 -21.43
N VAL E 466 -2.92 37.03 -21.95
CA VAL E 466 -3.36 36.11 -23.00
C VAL E 466 -3.59 36.95 -24.25
N TYR E 467 -2.95 36.55 -25.36
CA TYR E 467 -3.08 37.28 -26.61
C TYR E 467 -3.73 36.41 -27.68
N LEU E 468 -4.61 37.05 -28.45
CA LEU E 468 -5.32 36.37 -29.57
C LEU E 468 -4.81 36.99 -30.88
N GLU E 469 -3.93 36.28 -31.59
CA GLU E 469 -3.40 36.84 -32.86
C GLU E 469 -4.37 36.47 -33.97
N MET E 470 -5.04 37.48 -34.54
CA MET E 470 -6.01 37.22 -35.64
C MET E 470 -5.31 37.51 -36.97
N ASN E 471 -4.96 36.45 -37.71
CA ASN E 471 -4.30 36.61 -39.02
C ASN E 471 -5.31 36.25 -40.11
N ASN E 472 -5.09 36.74 -41.33
CA ASN E 472 -5.99 36.45 -42.45
C ASN E 472 -7.45 36.80 -42.11
N LEU E 473 -7.65 38.09 -41.87
CA LEU E 473 -8.97 38.65 -41.45
C LEU E 473 -10.01 38.50 -42.56
N LYS E 474 -11.27 38.42 -42.14
CA LYS E 474 -12.43 38.26 -43.02
C LYS E 474 -13.53 39.20 -42.54
N PRO E 475 -14.44 39.61 -43.42
CA PRO E 475 -15.56 40.48 -42.98
C PRO E 475 -16.58 39.78 -42.07
N GLU E 476 -16.50 38.46 -41.90
CA GLU E 476 -17.32 37.76 -40.92
C GLU E 476 -16.76 37.83 -39.51
N ASP E 477 -15.63 38.52 -39.32
CA ASP E 477 -14.98 38.64 -38.02
C ASP E 477 -15.24 40.02 -37.40
N THR E 478 -16.43 40.55 -37.60
CA THR E 478 -16.82 41.86 -37.10
C THR E 478 -17.75 41.66 -35.91
N ALA E 479 -17.20 41.75 -34.70
CA ALA E 479 -17.95 41.51 -33.48
C ALA E 479 -17.17 42.11 -32.31
N VAL E 480 -17.86 42.25 -31.17
CA VAL E 480 -17.20 42.63 -29.93
C VAL E 480 -16.49 41.41 -29.37
N TYR E 481 -15.17 41.44 -29.36
CA TYR E 481 -14.37 40.32 -28.90
C TYR E 481 -14.22 40.37 -27.38
N TYR E 482 -14.75 39.36 -26.71
CA TYR E 482 -14.69 39.27 -25.26
C TYR E 482 -13.60 38.30 -24.83
N CYS E 483 -13.08 38.53 -23.63
CA CYS E 483 -12.09 37.66 -23.00
C CYS E 483 -12.67 37.18 -21.69
N ALA E 484 -12.61 35.88 -21.43
CA ALA E 484 -13.30 35.31 -20.28
C ALA E 484 -12.43 34.27 -19.59
N ALA E 485 -12.68 34.08 -18.30
CA ALA E 485 -11.96 33.11 -17.48
C ALA E 485 -12.92 32.01 -17.05
N LYS E 486 -12.39 30.79 -16.93
CA LYS E 486 -13.20 29.61 -16.66
C LYS E 486 -12.60 28.84 -15.50
N GLY E 487 -13.46 28.43 -14.56
CA GLY E 487 -13.05 27.65 -13.42
C GLY E 487 -12.60 26.24 -13.79
N ARG E 488 -12.01 25.57 -12.80
CA ARG E 488 -11.43 24.26 -13.04
C ARG E 488 -12.50 23.19 -13.25
N TYR E 489 -13.44 23.09 -12.33
CA TYR E 489 -14.54 22.12 -12.46
C TYR E 489 -15.76 22.82 -13.07
N SER E 490 -15.52 23.51 -14.18
CA SER E 490 -16.57 23.91 -15.11
C SER E 490 -16.27 23.16 -16.39
N GLY E 491 -17.30 22.69 -17.06
CA GLY E 491 -17.13 21.81 -18.20
C GLY E 491 -17.48 22.48 -19.51
N GLY E 492 -16.70 22.18 -20.53
CA GLY E 492 -17.02 22.65 -21.87
C GLY E 492 -16.40 23.99 -22.16
N LEU E 493 -15.45 24.02 -23.10
CA LEU E 493 -14.83 25.29 -23.47
C LEU E 493 -15.76 26.14 -24.31
N TYR E 494 -16.68 25.50 -25.05
CA TYR E 494 -17.40 26.18 -26.11
C TYR E 494 -18.54 27.03 -25.57
N TYR E 495 -18.90 26.83 -24.30
CA TYR E 495 -20.13 27.40 -23.77
C TYR E 495 -19.81 28.60 -22.88
N PRO E 496 -20.29 29.80 -23.23
CA PRO E 496 -19.95 30.99 -22.45
C PRO E 496 -20.63 31.07 -21.09
N THR E 497 -21.62 30.21 -20.81
CA THR E 497 -22.26 30.19 -19.50
C THR E 497 -21.32 29.67 -18.42
N ASN E 498 -20.36 28.83 -18.81
CA ASN E 498 -19.40 28.26 -17.86
C ASN E 498 -18.30 29.22 -17.46
N TYR E 499 -18.23 30.39 -18.09
CA TYR E 499 -17.16 31.36 -17.84
C TYR E 499 -17.68 32.44 -16.90
N ASP E 500 -16.86 32.79 -15.91
CA ASP E 500 -17.31 33.65 -14.81
C ASP E 500 -16.94 35.11 -15.00
N TYR E 501 -15.65 35.41 -15.12
CA TYR E 501 -15.17 36.79 -15.21
C TYR E 501 -14.94 37.15 -16.66
N TRP E 502 -15.58 38.23 -17.11
CA TRP E 502 -15.56 38.62 -18.51
C TRP E 502 -14.77 39.91 -18.70
N GLY E 503 -14.26 40.09 -19.92
CA GLY E 503 -13.64 41.33 -20.31
C GLY E 503 -14.65 42.37 -20.72
N GLN E 504 -14.15 43.55 -21.08
CA GLN E 504 -15.04 44.63 -21.47
C GLN E 504 -15.59 44.42 -22.88
N GLY E 505 -14.73 44.07 -23.83
CA GLY E 505 -15.18 43.81 -25.18
C GLY E 505 -15.02 45.00 -26.10
N THR E 506 -14.04 44.94 -26.99
CA THR E 506 -13.79 46.01 -27.94
C THR E 506 -14.50 45.73 -29.26
N GLN E 507 -15.11 46.78 -29.83
CA GLN E 507 -15.80 46.65 -31.10
C GLN E 507 -14.79 46.66 -32.23
N VAL E 508 -14.70 45.52 -32.94
CA VAL E 508 -13.71 45.38 -34.05
C VAL E 508 -14.45 45.17 -35.38
N THR E 509 -14.20 46.05 -36.34
CA THR E 509 -14.80 45.98 -37.67
C THR E 509 -13.70 46.13 -38.71
N VAL E 510 -13.59 45.13 -39.59
CA VAL E 510 -12.60 45.16 -40.65
C VAL E 510 -13.22 45.69 -41.94
N GLN F 1 6.81 6.64 -37.04
CA GLN F 1 7.28 6.74 -38.41
C GLN F 1 8.57 5.95 -38.61
N VAL F 2 8.46 4.76 -39.19
CA VAL F 2 9.59 3.87 -39.41
C VAL F 2 9.81 3.75 -40.92
N GLN F 3 11.00 4.13 -41.36
CA GLN F 3 11.40 3.91 -42.75
C GLN F 3 12.14 2.59 -42.86
N LEU F 4 11.79 1.80 -43.87
CA LEU F 4 12.31 0.45 -44.02
C LEU F 4 12.92 0.27 -45.40
N VAL F 5 14.15 -0.23 -45.43
CA VAL F 5 14.83 -0.63 -46.65
C VAL F 5 15.51 -1.96 -46.41
N GLU F 6 15.40 -2.87 -47.38
CA GLU F 6 16.03 -4.18 -47.27
C GLU F 6 16.90 -4.43 -48.49
N SER F 7 18.02 -5.11 -48.28
CA SER F 7 18.97 -5.43 -49.33
C SER F 7 19.79 -6.64 -48.91
N GLY F 8 20.22 -7.41 -49.90
CA GLY F 8 20.98 -8.62 -49.62
C GLY F 8 20.36 -9.85 -50.23
N GLY F 9 19.50 -9.67 -51.22
CA GLY F 9 18.86 -10.78 -51.89
C GLY F 9 19.07 -10.78 -53.39
N GLY F 10 19.83 -11.77 -53.87
CA GLY F 10 20.14 -11.90 -55.29
C GLY F 10 19.69 -13.23 -55.85
N LEU F 11 19.95 -13.44 -57.14
CA LEU F 11 19.59 -14.67 -57.84
C LEU F 11 20.65 -15.73 -57.61
N VAL F 12 20.30 -16.71 -56.79
CA VAL F 12 21.20 -17.86 -56.48
C VAL F 12 20.58 -19.12 -57.06
N GLN F 13 21.32 -20.22 -57.01
CA GLN F 13 20.85 -21.51 -57.50
C GLN F 13 19.92 -22.16 -56.49
N GLY F 403 21.55 -23.46 -51.25
CA GLY F 403 22.58 -22.66 -50.58
C GLY F 403 22.00 -21.82 -49.45
N SER F 404 22.84 -21.02 -48.79
CA SER F 404 22.39 -20.15 -47.67
C SER F 404 22.45 -18.68 -48.11
N LEU F 405 21.33 -17.96 -47.98
CA LEU F 405 21.25 -16.53 -48.36
C LEU F 405 20.89 -15.70 -47.13
N ARG F 406 21.41 -14.47 -47.04
CA ARG F 406 21.08 -13.61 -45.87
C ARG F 406 20.52 -12.27 -46.36
N LEU F 407 19.30 -11.94 -45.93
CA LEU F 407 18.67 -10.62 -46.25
C LEU F 407 18.91 -9.68 -45.06
N SER F 408 18.69 -8.38 -45.22
CA SER F 408 18.93 -7.50 -44.08
C SER F 408 18.06 -6.27 -44.23
N CYS F 409 17.19 -6.04 -43.24
CA CYS F 409 16.22 -4.95 -43.27
C CYS F 409 16.66 -3.90 -42.25
N ALA F 410 16.84 -2.67 -42.70
CA ALA F 410 17.28 -1.57 -41.85
C ALA F 410 16.12 -0.63 -41.54
N ALA F 411 16.04 -0.21 -40.28
CA ALA F 411 14.98 0.66 -39.80
C ALA F 411 15.54 2.00 -39.36
N SER F 412 14.67 3.01 -39.36
CA SER F 412 15.04 4.35 -38.92
C SER F 412 13.77 5.10 -38.55
N GLY F 413 13.82 5.80 -37.40
CA GLY F 413 12.71 6.60 -36.93
C GLY F 413 12.24 6.14 -35.55
N HIS F 414 10.92 6.24 -35.33
CA HIS F 414 10.31 5.88 -34.05
C HIS F 414 10.16 4.36 -33.99
N THR F 415 11.27 3.69 -33.71
CA THR F 415 11.29 2.24 -33.59
C THR F 415 10.94 1.76 -32.18
N PHE F 416 10.72 2.67 -31.25
CA PHE F 416 10.30 2.26 -29.91
C PHE F 416 8.82 1.90 -29.88
N ASN F 417 7.99 2.65 -30.59
CA ASN F 417 6.56 2.35 -30.66
C ASN F 417 6.26 1.16 -31.56
N TYR F 418 7.25 0.66 -32.32
CA TYR F 418 7.08 -0.48 -33.21
C TYR F 418 8.14 -1.51 -32.84
N PRO F 419 7.95 -2.25 -31.76
CA PRO F 419 9.03 -3.11 -31.25
C PRO F 419 9.17 -4.44 -31.97
N ILE F 420 8.28 -4.76 -32.90
CA ILE F 420 8.28 -6.06 -33.57
C ILE F 420 8.47 -5.87 -35.06
N MET F 421 9.49 -6.52 -35.61
CA MET F 421 9.69 -6.59 -37.05
C MET F 421 9.26 -7.96 -37.56
N GLY F 422 8.65 -7.97 -38.74
CA GLY F 422 8.19 -9.21 -39.32
C GLY F 422 8.61 -9.39 -40.76
N TRP F 423 8.87 -10.62 -41.16
CA TRP F 423 9.20 -10.95 -42.54
C TRP F 423 8.00 -11.63 -43.20
N PHE F 424 7.64 -11.13 -44.39
CA PHE F 424 6.53 -11.68 -45.14
C PHE F 424 6.99 -11.95 -46.57
N ARG F 425 6.28 -12.85 -47.25
CA ARG F 425 6.56 -13.13 -48.64
C ARG F 425 5.23 -13.32 -49.37
N GLN F 426 5.22 -12.97 -50.66
CA GLN F 426 4.01 -13.03 -51.47
C GLN F 426 4.34 -13.71 -52.78
N ALA F 427 4.00 -14.99 -52.91
CA ALA F 427 4.16 -15.70 -54.16
C ALA F 427 3.22 -15.13 -55.22
N PRO F 428 3.62 -15.15 -56.50
CA PRO F 428 2.75 -14.61 -57.56
C PRO F 428 1.45 -15.39 -57.72
N GLY F 429 0.34 -14.73 -57.42
CA GLY F 429 -0.96 -15.35 -57.45
C GLY F 429 -1.44 -15.92 -56.12
N LYS F 430 -0.69 -15.72 -55.04
CA LYS F 430 -1.03 -16.28 -53.74
C LYS F 430 -1.13 -15.18 -52.70
N GLU F 431 -1.44 -15.60 -51.47
CA GLU F 431 -1.59 -14.68 -50.35
C GLU F 431 -0.23 -14.31 -49.76
N ARG F 432 -0.21 -13.18 -49.06
CA ARG F 432 1.01 -12.75 -48.39
C ARG F 432 1.24 -13.61 -47.15
N GLU F 433 2.35 -14.34 -47.14
CA GLU F 433 2.59 -15.42 -46.18
C GLU F 433 3.57 -14.96 -45.11
N PHE F 434 3.24 -15.25 -43.86
CA PHE F 434 4.13 -14.95 -42.75
C PHE F 434 5.34 -15.88 -42.77
N VAL F 435 6.53 -15.29 -42.68
CA VAL F 435 7.77 -16.07 -42.62
C VAL F 435 8.26 -16.14 -41.20
N GLY F 436 8.53 -14.98 -40.59
CA GLY F 436 9.05 -14.95 -39.24
C GLY F 436 8.98 -13.56 -38.68
N ALA F 437 9.13 -13.48 -37.35
CA ALA F 437 9.03 -12.22 -36.63
C ALA F 437 10.14 -12.13 -35.59
N ILE F 438 10.47 -10.90 -35.22
CA ILE F 438 11.57 -10.62 -34.32
C ILE F 438 11.25 -9.37 -33.52
N SER F 439 11.55 -9.40 -32.22
CA SER F 439 11.42 -8.24 -31.37
C SER F 439 12.74 -7.46 -31.33
N TRP F 440 12.63 -6.13 -31.33
CA TRP F 440 13.82 -5.28 -31.19
C TRP F 440 14.47 -5.47 -29.83
N SER F 441 13.76 -5.09 -28.77
CA SER F 441 14.26 -5.26 -27.42
C SER F 441 14.03 -6.71 -26.99
N GLY F 442 15.13 -7.41 -26.68
CA GLY F 442 15.03 -8.82 -26.42
C GLY F 442 15.59 -9.64 -27.57
N GLY F 443 14.71 -10.15 -28.42
CA GLY F 443 15.14 -11.01 -29.50
C GLY F 443 14.35 -12.30 -29.58
N SER F 444 13.18 -12.32 -28.91
CA SER F 444 12.30 -13.47 -28.96
C SER F 444 11.73 -13.63 -30.37
N THR F 445 12.03 -14.78 -30.99
CA THR F 445 11.69 -15.03 -32.38
C THR F 445 10.46 -15.90 -32.50
N SER F 446 9.85 -15.85 -33.68
CA SER F 446 8.78 -16.75 -34.07
C SER F 446 8.95 -17.06 -35.55
N TYR F 447 8.51 -18.25 -35.94
CA TYR F 447 8.68 -18.71 -37.31
C TYR F 447 7.43 -19.43 -37.78
N ALA F 448 7.25 -19.48 -39.10
CA ALA F 448 6.25 -20.34 -39.70
C ALA F 448 6.76 -21.78 -39.73
N ASP F 449 5.84 -22.70 -39.98
CA ASP F 449 6.20 -24.12 -40.01
C ASP F 449 7.00 -24.49 -41.25
N SER F 450 6.78 -23.83 -42.37
CA SER F 450 7.48 -24.17 -43.61
C SER F 450 8.92 -23.70 -43.62
N VAL F 451 9.29 -22.76 -42.75
CA VAL F 451 10.64 -22.22 -42.70
C VAL F 451 11.31 -22.47 -41.36
N LYS F 452 10.69 -23.28 -40.49
CA LYS F 452 11.27 -23.54 -39.18
C LYS F 452 12.47 -24.47 -39.29
N ASP F 453 13.49 -24.22 -38.46
CA ASP F 453 14.77 -24.93 -38.41
C ASP F 453 15.57 -24.84 -39.72
N ARG F 454 15.22 -23.90 -40.58
CA ARG F 454 15.97 -23.56 -41.78
C ARG F 454 16.28 -22.08 -41.88
N PHE F 455 15.38 -21.23 -41.41
CA PHE F 455 15.57 -19.78 -41.43
C PHE F 455 15.85 -19.31 -40.01
N THR F 456 16.80 -18.39 -39.87
CA THR F 456 17.11 -17.78 -38.59
C THR F 456 17.03 -16.27 -38.72
N ILE F 457 16.34 -15.64 -37.77
CA ILE F 457 16.18 -14.19 -37.75
C ILE F 457 16.76 -13.68 -36.44
N SER F 458 17.58 -12.64 -36.52
CA SER F 458 18.08 -11.93 -35.36
C SER F 458 18.39 -10.50 -35.78
N ARG F 459 18.82 -9.70 -34.82
CA ARG F 459 18.98 -8.27 -35.06
C ARG F 459 20.11 -7.72 -34.20
N ASP F 460 20.56 -6.51 -34.57
CA ASP F 460 21.40 -5.69 -33.71
C ASP F 460 20.73 -4.33 -33.57
N ASN F 461 20.68 -3.83 -32.33
CA ASN F 461 20.02 -2.56 -32.07
C ASN F 461 20.91 -1.36 -32.34
N ALA F 462 22.19 -1.57 -32.67
CA ALA F 462 23.08 -0.46 -32.99
C ALA F 462 22.79 0.09 -34.38
N LYS F 463 22.84 -0.77 -35.40
CA LYS F 463 22.55 -0.34 -36.76
C LYS F 463 21.06 -0.18 -37.04
N ASN F 464 20.20 -0.63 -36.12
CA ASN F 464 18.76 -0.82 -36.34
C ASN F 464 18.53 -1.67 -37.60
N THR F 465 19.07 -2.88 -37.54
CA THR F 465 19.10 -3.78 -38.68
C THR F 465 18.55 -5.15 -38.28
N VAL F 466 17.57 -5.64 -39.04
CA VAL F 466 17.00 -6.97 -38.85
C VAL F 466 17.40 -7.80 -40.07
N TYR F 467 18.01 -8.95 -39.82
CA TYR F 467 18.46 -9.82 -40.90
C TYR F 467 17.72 -11.15 -40.87
N LEU F 468 17.37 -11.63 -42.06
CA LEU F 468 16.67 -12.94 -42.22
C LEU F 468 17.63 -13.89 -42.94
N GLU F 469 18.25 -14.80 -42.19
CA GLU F 469 19.21 -15.74 -42.82
C GLU F 469 18.40 -16.93 -43.36
N MET F 470 18.34 -17.07 -44.69
CA MET F 470 17.59 -18.19 -45.30
C MET F 470 18.59 -19.28 -45.67
N ASN F 471 18.61 -20.37 -44.89
CA ASN F 471 19.53 -21.51 -45.17
C ASN F 471 18.69 -22.67 -45.72
N ASN F 472 19.34 -23.60 -46.42
CA ASN F 472 18.63 -24.76 -47.00
C ASN F 472 17.43 -24.32 -47.84
N LEU F 473 17.76 -23.60 -48.91
CA LEU F 473 16.76 -23.02 -49.84
C LEU F 473 15.99 -24.12 -50.60
N LYS F 474 14.76 -23.77 -50.98
CA LYS F 474 13.84 -24.65 -51.69
C LYS F 474 13.18 -23.86 -52.80
N PRO F 475 12.71 -24.52 -53.87
CA PRO F 475 12.01 -23.80 -54.94
C PRO F 475 10.64 -23.26 -54.56
N GLU F 476 10.11 -23.61 -53.38
CA GLU F 476 8.89 -23.00 -52.87
C GLU F 476 9.15 -21.67 -52.17
N ASP F 477 10.39 -21.20 -52.14
CA ASP F 477 10.77 -19.95 -51.50
C ASP F 477 11.00 -18.84 -52.52
N THR F 478 10.22 -18.83 -53.59
CA THR F 478 10.34 -17.87 -54.67
C THR F 478 9.20 -16.86 -54.54
N ALA F 479 9.49 -15.71 -53.93
CA ALA F 479 8.49 -14.69 -53.67
C ALA F 479 9.20 -13.37 -53.40
N VAL F 480 8.43 -12.28 -53.45
CA VAL F 480 8.92 -10.97 -53.04
C VAL F 480 8.91 -10.94 -51.50
N TYR F 481 10.10 -10.89 -50.91
CA TYR F 481 10.24 -10.90 -49.46
C TYR F 481 10.09 -9.48 -48.92
N TYR F 482 9.06 -9.26 -48.11
CA TYR F 482 8.79 -7.96 -47.51
C TYR F 482 9.25 -7.94 -46.07
N CYS F 483 9.57 -6.73 -45.60
CA CYS F 483 9.95 -6.50 -44.21
C CYS F 483 8.98 -5.47 -43.66
N ALA F 484 8.42 -5.75 -42.47
CA ALA F 484 7.35 -4.92 -41.95
C ALA F 484 7.53 -4.70 -40.45
N ALA F 485 6.99 -3.58 -39.98
CA ALA F 485 7.04 -3.20 -38.57
C ALA F 485 5.64 -3.24 -37.97
N LYS F 486 5.57 -3.60 -36.69
CA LYS F 486 4.29 -3.83 -36.02
C LYS F 486 4.26 -3.06 -34.71
N GLY F 487 3.14 -2.37 -34.47
CA GLY F 487 2.95 -1.62 -33.25
C GLY F 487 2.83 -2.50 -32.02
N ARG F 488 2.85 -1.85 -30.87
CA ARG F 488 2.86 -2.59 -29.59
C ARG F 488 1.51 -3.21 -29.31
N TYR F 489 0.44 -2.43 -29.35
CA TYR F 489 -0.92 -2.93 -29.13
C TYR F 489 -1.58 -3.24 -30.47
N SER F 490 -0.85 -3.98 -31.29
CA SER F 490 -1.42 -4.68 -32.43
C SER F 490 -1.22 -6.16 -32.13
N GLY F 491 -2.21 -6.98 -32.45
CA GLY F 491 -2.20 -8.37 -32.04
C GLY F 491 -1.98 -9.32 -33.19
N GLY F 492 -1.21 -10.36 -32.93
CA GLY F 492 -1.03 -11.41 -33.92
C GLY F 492 0.15 -11.15 -34.83
N LEU F 493 1.19 -11.98 -34.72
CA LEU F 493 2.35 -11.82 -35.59
C LEU F 493 2.05 -12.28 -37.01
N TYR F 494 1.11 -13.21 -37.16
CA TYR F 494 0.97 -13.94 -38.42
C TYR F 494 0.23 -13.11 -39.46
N TYR F 495 -0.42 -12.04 -39.04
CA TYR F 495 -1.37 -11.34 -39.90
C TYR F 495 -0.76 -10.05 -40.42
N PRO F 496 -0.61 -9.90 -41.74
CA PRO F 496 0.06 -8.70 -42.28
C PRO F 496 -0.79 -7.43 -42.21
N THR F 497 -2.07 -7.54 -41.88
CA THR F 497 -2.89 -6.34 -41.72
C THR F 497 -2.50 -5.55 -40.48
N ASN F 498 -1.94 -6.21 -39.47
CA ASN F 498 -1.53 -5.56 -38.24
C ASN F 498 -0.21 -4.80 -38.37
N TYR F 499 0.46 -4.91 -39.51
CA TYR F 499 1.76 -4.29 -39.71
C TYR F 499 1.59 -3.00 -40.51
N ASP F 500 2.27 -1.95 -40.08
CA ASP F 500 2.02 -0.61 -40.61
C ASP F 500 3.02 -0.20 -41.69
N TYR F 501 4.31 -0.18 -41.37
CA TYR F 501 5.33 0.29 -42.31
C TYR F 501 5.97 -0.89 -42.99
N TRP F 502 5.96 -0.90 -44.31
CA TRP F 502 6.42 -2.03 -45.10
C TRP F 502 7.71 -1.69 -45.84
N GLY F 503 8.47 -2.73 -46.16
CA GLY F 503 9.63 -2.60 -47.01
C GLY F 503 9.25 -2.57 -48.49
N GLN F 504 10.28 -2.43 -49.33
CA GLN F 504 10.03 -2.39 -50.77
C GLN F 504 9.72 -3.76 -51.33
N GLY F 505 10.52 -4.76 -50.97
CA GLY F 505 10.28 -6.11 -51.42
C GLY F 505 11.10 -6.49 -52.63
N THR F 506 12.12 -7.32 -52.43
CA THR F 506 13.00 -7.76 -53.50
C THR F 506 12.51 -9.10 -54.06
N GLN F 507 12.53 -9.22 -55.38
CA GLN F 507 12.10 -10.45 -56.04
C GLN F 507 13.22 -11.48 -55.96
N VAL F 508 12.96 -12.56 -55.23
CA VAL F 508 13.98 -13.64 -55.03
C VAL F 508 13.50 -14.95 -55.67
N THR F 509 14.30 -15.49 -56.59
CA THR F 509 14.00 -16.74 -57.27
C THR F 509 15.23 -17.62 -57.22
N VAL F 510 15.07 -18.83 -56.66
CA VAL F 510 16.18 -19.78 -56.57
C VAL F 510 16.10 -20.76 -57.74
N ASN G 8 -47.22 13.10 -17.65
CA ASN G 8 -47.88 11.80 -17.72
C ASN G 8 -46.84 10.69 -17.55
N MET G 9 -46.95 9.93 -16.47
CA MET G 9 -45.99 8.88 -16.16
C MET G 9 -46.54 7.48 -16.40
N SER G 10 -47.86 7.32 -16.51
CA SER G 10 -48.43 6.00 -16.72
C SER G 10 -48.27 5.54 -18.16
N PHE G 11 -48.39 6.46 -19.12
CA PHE G 11 -48.22 6.10 -20.53
C PHE G 11 -46.75 5.81 -20.85
N VAL G 12 -45.83 6.52 -20.21
CA VAL G 12 -44.41 6.25 -20.43
C VAL G 12 -44.01 4.93 -19.78
N LYS G 13 -44.62 4.60 -18.64
CA LYS G 13 -44.36 3.30 -18.00
C LYS G 13 -44.88 2.15 -18.86
N GLU G 14 -45.99 2.35 -19.56
CA GLU G 14 -46.45 1.37 -20.53
C GLU G 14 -45.56 1.33 -21.76
N THR G 15 -44.92 2.47 -22.08
CA THR G 15 -44.05 2.51 -23.26
C THR G 15 -42.72 1.81 -23.00
N VAL G 16 -42.12 2.05 -21.82
CA VAL G 16 -40.84 1.41 -21.51
C VAL G 16 -41.03 -0.08 -21.23
N ASP G 17 -42.16 -0.47 -20.63
CA ASP G 17 -42.46 -1.89 -20.46
C ASP G 17 -42.73 -2.58 -21.80
N LYS G 18 -43.21 -1.83 -22.79
CA LYS G 18 -43.36 -2.40 -24.13
C LYS G 18 -42.02 -2.62 -24.79
N LEU G 19 -41.05 -1.75 -24.52
CA LEU G 19 -39.72 -1.88 -25.13
C LEU G 19 -38.95 -3.05 -24.55
N LEU G 20 -39.13 -3.36 -23.28
CA LEU G 20 -38.35 -4.38 -22.59
C LEU G 20 -39.05 -5.74 -22.55
N LYS G 21 -40.31 -5.82 -22.99
CA LYS G 21 -41.00 -7.10 -23.05
C LYS G 21 -40.57 -7.85 -24.30
N GLY G 22 -40.04 -9.06 -24.11
CA GLY G 22 -39.47 -9.79 -25.21
C GLY G 22 -38.10 -9.33 -25.64
N TYR G 23 -37.43 -8.50 -24.82
CA TYR G 23 -36.09 -8.02 -25.14
C TYR G 23 -35.08 -9.05 -24.66
N ASP G 24 -34.25 -9.53 -25.58
CA ASP G 24 -33.20 -10.49 -25.27
C ASP G 24 -31.89 -9.73 -25.15
N ILE G 25 -31.32 -9.68 -23.94
CA ILE G 25 -30.05 -9.01 -23.73
C ILE G 25 -28.89 -9.80 -24.33
N ARG G 26 -29.08 -11.08 -24.62
CA ARG G 26 -28.03 -11.92 -25.17
C ARG G 26 -27.73 -11.63 -26.63
N LEU G 27 -28.60 -10.89 -27.32
CA LEU G 27 -28.46 -10.63 -28.74
C LEU G 27 -28.16 -9.16 -28.98
N ARG G 28 -27.21 -8.89 -29.87
CA ARG G 28 -26.88 -7.54 -30.27
C ARG G 28 -27.99 -7.01 -31.20
N PRO G 29 -28.07 -5.68 -31.37
CA PRO G 29 -28.96 -5.13 -32.41
C PRO G 29 -28.53 -5.57 -33.80
N ASP G 30 -29.53 -5.88 -34.63
CA ASP G 30 -29.36 -6.46 -35.96
C ASP G 30 -28.52 -7.74 -35.92
N PHE G 31 -28.90 -8.64 -35.00
CA PHE G 31 -28.20 -9.91 -34.86
C PHE G 31 -28.40 -10.77 -36.11
N GLY G 32 -27.30 -11.25 -36.66
CA GLY G 32 -27.33 -11.97 -37.91
C GLY G 32 -27.39 -11.09 -39.14
N GLY G 33 -27.27 -9.77 -38.99
CA GLY G 33 -27.31 -8.86 -40.11
C GLY G 33 -26.05 -8.02 -40.21
N PRO G 34 -26.15 -6.75 -40.65
CA PRO G 34 -24.98 -5.88 -40.73
C PRO G 34 -24.48 -5.50 -39.33
N PRO G 35 -23.18 -5.20 -39.13
CA PRO G 35 -22.69 -4.83 -37.81
C PRO G 35 -23.26 -3.51 -37.28
N VAL G 36 -23.54 -3.47 -35.98
CA VAL G 36 -24.03 -2.28 -35.30
C VAL G 36 -22.86 -1.32 -35.08
N CYS G 37 -23.00 -0.10 -35.58
CA CYS G 37 -21.95 0.91 -35.43
C CYS G 37 -22.05 1.58 -34.06
N VAL G 38 -20.95 1.58 -33.33
CA VAL G 38 -20.88 2.18 -32.01
C VAL G 38 -20.00 3.42 -32.08
N GLY G 39 -20.59 4.58 -31.83
CA GLY G 39 -19.85 5.83 -31.82
C GLY G 39 -19.44 6.21 -30.41
N MET G 40 -18.21 6.66 -30.27
CA MET G 40 -17.60 6.86 -28.96
C MET G 40 -17.12 8.29 -28.78
N ASN G 41 -17.41 8.84 -27.61
CA ASN G 41 -16.90 10.13 -27.17
C ASN G 41 -16.23 9.95 -25.82
N ILE G 42 -15.16 10.68 -25.58
CA ILE G 42 -14.45 10.67 -24.32
C ILE G 42 -14.31 12.09 -23.83
N ASP G 43 -14.80 12.34 -22.60
CA ASP G 43 -14.60 13.64 -21.94
C ASP G 43 -13.58 13.36 -20.84
N ILE G 44 -12.33 13.80 -21.02
CA ILE G 44 -11.28 13.52 -20.01
C ILE G 44 -11.48 14.44 -18.80
N ALA G 45 -11.60 13.82 -17.62
CA ALA G 45 -11.70 14.54 -16.37
C ALA G 45 -10.32 14.94 -15.84
N SER G 46 -9.40 13.97 -15.73
CA SER G 46 -8.07 14.24 -15.20
C SER G 46 -7.14 13.11 -15.58
N ILE G 47 -5.84 13.40 -15.55
CA ILE G 47 -4.79 12.40 -15.48
C ILE G 47 -4.09 12.62 -14.15
N ASP G 48 -4.30 11.70 -13.22
CA ASP G 48 -3.83 11.88 -11.85
C ASP G 48 -2.33 11.62 -11.72
N MET G 49 -1.91 10.42 -12.06
CA MET G 49 -0.51 10.01 -11.91
C MET G 49 0.05 9.58 -13.25
N VAL G 50 1.34 9.81 -13.43
CA VAL G 50 2.14 9.20 -14.50
C VAL G 50 3.36 8.63 -13.83
N SER G 51 3.45 7.31 -13.75
CA SER G 51 4.50 6.61 -13.02
C SER G 51 5.52 6.05 -14.00
N GLU G 52 6.79 6.36 -13.76
CA GLU G 52 7.85 5.80 -14.58
C GLU G 52 8.26 4.42 -14.11
N VAL G 53 8.18 4.18 -12.79
CA VAL G 53 8.60 2.90 -12.22
C VAL G 53 7.63 1.79 -12.62
N ASN G 54 6.33 2.06 -12.54
CA ASN G 54 5.33 1.08 -12.94
C ASN G 54 4.99 1.15 -14.42
N MET G 55 5.44 2.21 -15.11
CA MET G 55 5.20 2.45 -16.54
C MET G 55 3.71 2.46 -16.87
N ASP G 56 2.96 3.29 -16.15
CA ASP G 56 1.54 3.40 -16.36
C ASP G 56 1.09 4.82 -16.05
N TYR G 57 -0.20 5.07 -16.25
CA TYR G 57 -0.79 6.35 -15.93
C TYR G 57 -2.25 6.13 -15.55
N THR G 58 -2.74 6.96 -14.64
CA THR G 58 -4.11 6.88 -14.16
C THR G 58 -4.94 7.95 -14.84
N LEU G 59 -6.02 7.55 -15.49
CA LEU G 59 -6.86 8.43 -16.28
C LEU G 59 -8.31 8.30 -15.83
N THR G 60 -8.96 9.44 -15.59
CA THR G 60 -10.38 9.50 -15.28
C THR G 60 -11.09 10.20 -16.43
N MET G 61 -12.17 9.60 -16.91
CA MET G 61 -12.84 10.12 -18.08
C MET G 61 -14.33 9.80 -18.02
N TYR G 62 -15.09 10.48 -18.88
CA TYR G 62 -16.49 10.17 -19.14
C TYR G 62 -16.53 9.45 -20.49
N PHE G 63 -16.91 8.18 -20.48
CA PHE G 63 -16.87 7.34 -21.66
C PHE G 63 -18.29 7.16 -22.17
N GLN G 64 -18.59 7.76 -23.32
CA GLN G 64 -19.93 7.74 -23.90
C GLN G 64 -19.94 6.84 -25.14
N GLN G 65 -21.00 6.03 -25.26
CA GLN G 65 -21.17 5.15 -26.41
C GLN G 65 -22.53 5.39 -27.02
N TYR G 66 -22.56 5.46 -28.35
CA TYR G 66 -23.77 5.73 -29.12
C TYR G 66 -24.01 4.61 -30.11
N TRP G 67 -25.18 3.99 -30.06
CA TRP G 67 -25.57 3.01 -31.07
C TRP G 67 -27.08 3.03 -31.20
N ARG G 68 -27.56 2.47 -32.30
CA ARG G 68 -28.99 2.38 -32.56
C ARG G 68 -29.48 0.96 -32.31
N ASP G 69 -30.50 0.84 -31.48
CA ASP G 69 -31.17 -0.43 -31.21
C ASP G 69 -32.64 -0.25 -31.58
N LYS G 70 -33.05 -0.89 -32.67
CA LYS G 70 -34.42 -0.74 -33.16
C LYS G 70 -35.46 -1.44 -32.28
N ARG G 71 -35.03 -2.30 -31.36
CA ARG G 71 -35.94 -2.86 -30.38
C ARG G 71 -36.37 -1.84 -29.34
N LEU G 72 -35.64 -0.72 -29.21
CA LEU G 72 -35.92 0.30 -28.22
C LEU G 72 -36.53 1.56 -28.82
N ALA G 73 -37.04 1.49 -30.04
CA ALA G 73 -37.65 2.65 -30.68
C ALA G 73 -39.08 2.83 -30.16
N TYR G 74 -39.41 4.07 -29.79
CA TYR G 74 -40.74 4.41 -29.31
C TYR G 74 -41.32 5.53 -30.17
N SER G 75 -42.64 5.64 -30.16
CA SER G 75 -43.34 6.54 -31.07
C SER G 75 -44.20 7.59 -30.37
N GLY G 76 -44.86 7.24 -29.27
CA GLY G 76 -45.82 8.13 -28.66
C GLY G 76 -45.25 9.31 -27.90
N ILE G 77 -43.95 9.31 -27.63
CA ILE G 77 -43.30 10.34 -26.84
C ILE G 77 -42.35 11.11 -27.75
N PRO G 78 -42.45 12.43 -27.83
CA PRO G 78 -41.50 13.22 -28.62
C PRO G 78 -40.24 13.66 -27.88
N LEU G 79 -39.97 13.10 -26.71
CA LEU G 79 -38.83 13.50 -25.90
C LEU G 79 -37.76 12.41 -25.87
N ASN G 80 -36.55 12.83 -25.50
CA ASN G 80 -35.47 11.88 -25.25
C ASN G 80 -35.57 11.37 -23.82
N LEU G 81 -35.75 10.07 -23.66
CA LEU G 81 -36.02 9.47 -22.36
C LEU G 81 -34.71 9.23 -21.63
N THR G 82 -34.46 10.02 -20.58
CA THR G 82 -33.36 9.76 -19.66
C THR G 82 -33.90 8.87 -18.54
N LEU G 83 -33.44 7.63 -18.49
CA LEU G 83 -33.92 6.66 -17.53
C LEU G 83 -32.95 6.54 -16.37
N ASP G 84 -33.40 5.86 -15.32
CA ASP G 84 -32.52 5.53 -14.21
C ASP G 84 -31.46 4.54 -14.68
N ASN G 85 -30.26 4.64 -14.10
CA ASN G 85 -29.10 3.92 -14.60
C ASN G 85 -29.16 2.41 -14.39
N ARG G 86 -30.12 1.93 -13.58
CA ARG G 86 -30.28 0.49 -13.38
C ARG G 86 -30.98 -0.19 -14.56
N VAL G 87 -31.47 0.56 -15.54
CA VAL G 87 -32.03 -0.03 -16.76
C VAL G 87 -30.94 -0.57 -17.68
N ALA G 88 -29.68 -0.20 -17.46
CA ALA G 88 -28.58 -0.68 -18.28
C ALA G 88 -28.31 -2.16 -18.09
N ASP G 89 -28.73 -2.73 -16.96
CA ASP G 89 -28.65 -4.16 -16.74
C ASP G 89 -29.72 -4.93 -17.51
N GLN G 90 -30.74 -4.25 -18.03
CA GLN G 90 -31.79 -4.86 -18.82
C GLN G 90 -31.64 -4.57 -20.30
N LEU G 91 -30.54 -3.95 -20.71
CA LEU G 91 -30.28 -3.61 -22.10
C LEU G 91 -29.01 -4.31 -22.58
N TRP G 92 -28.92 -4.47 -23.89
CA TRP G 92 -27.66 -4.84 -24.50
C TRP G 92 -26.73 -3.63 -24.50
N VAL G 93 -25.49 -3.83 -24.09
CA VAL G 93 -24.44 -2.82 -24.20
C VAL G 93 -23.27 -3.45 -24.94
N PRO G 94 -22.45 -2.63 -25.62
CA PRO G 94 -21.24 -3.18 -26.24
C PRO G 94 -20.25 -3.68 -25.20
N ASP G 95 -19.49 -4.70 -25.59
CA ASP G 95 -18.49 -5.31 -24.70
C ASP G 95 -17.15 -4.59 -24.78
N THR G 96 -17.20 -3.27 -24.59
CA THR G 96 -16.04 -2.43 -24.75
C THR G 96 -15.11 -2.58 -23.55
N TYR G 97 -13.84 -2.83 -23.83
CA TYR G 97 -12.82 -2.89 -22.80
C TYR G 97 -11.59 -2.13 -23.27
N PHE G 98 -10.71 -1.81 -22.32
CA PHE G 98 -9.45 -1.11 -22.64
C PHE G 98 -8.33 -2.18 -22.68
N LEU G 99 -7.72 -2.34 -23.85
CA LEU G 99 -6.67 -3.38 -24.09
C LEU G 99 -5.41 -3.15 -23.24
N ASN G 100 -4.95 -1.90 -23.11
CA ASN G 100 -3.70 -1.61 -22.35
C ASN G 100 -4.02 -1.33 -20.87
N ASP G 101 -5.29 -1.39 -20.51
CA ASP G 101 -5.75 -1.10 -19.13
C ASP G 101 -5.21 -2.12 -18.13
N LYS G 102 -4.38 -1.68 -17.18
CA LYS G 102 -3.89 -2.56 -16.08
C LYS G 102 -5.00 -2.79 -15.05
N LYS G 103 -5.71 -1.74 -14.62
CA LYS G 103 -6.81 -1.86 -13.61
C LYS G 103 -7.82 -0.73 -13.83
N SER G 104 -9.11 -1.08 -13.93
CA SER G 104 -10.21 -0.11 -14.18
C SER G 104 -11.39 -0.31 -13.23
N PHE G 105 -12.24 0.71 -13.08
CA PHE G 105 -13.44 0.63 -12.21
C PHE G 105 -14.39 1.81 -12.50
N VAL G 106 -15.70 1.53 -12.55
CA VAL G 106 -16.73 2.55 -12.69
C VAL G 106 -17.03 3.07 -11.29
N HIS G 107 -17.14 4.41 -11.18
CA HIS G 107 -17.46 5.11 -9.92
C HIS G 107 -18.85 4.68 -9.45
N GLY G 108 -19.04 4.54 -8.13
CA GLY G 108 -20.29 4.02 -7.62
C GLY G 108 -20.91 4.80 -6.48
N VAL G 109 -20.54 6.09 -6.36
CA VAL G 109 -21.10 6.97 -5.30
C VAL G 109 -21.70 8.20 -5.98
N THR G 110 -22.99 8.47 -5.78
CA THR G 110 -23.85 7.78 -4.80
C THR G 110 -24.56 6.57 -5.40
N VAL G 111 -24.74 6.61 -6.71
CA VAL G 111 -25.19 5.46 -7.48
C VAL G 111 -24.05 5.12 -8.43
N LYS G 112 -24.21 4.04 -9.19
CA LYS G 112 -23.24 3.70 -10.22
C LYS G 112 -23.22 4.80 -11.29
N ASN G 113 -22.03 5.32 -11.57
CA ASN G 113 -21.86 6.53 -12.39
C ASN G 113 -22.07 6.20 -13.86
N ARG G 114 -23.34 5.97 -14.21
CA ARG G 114 -23.70 5.68 -15.59
C ARG G 114 -25.00 6.39 -15.95
N MET G 115 -25.22 6.50 -17.24
CA MET G 115 -26.36 7.23 -17.80
C MET G 115 -26.91 6.45 -18.98
N ILE G 116 -28.22 6.30 -19.03
CA ILE G 116 -28.93 5.77 -20.19
C ILE G 116 -29.86 6.86 -20.68
N ARG G 117 -29.70 7.26 -21.93
CA ARG G 117 -30.59 8.21 -22.57
C ARG G 117 -31.11 7.59 -23.86
N LEU G 118 -32.41 7.39 -23.94
CA LEU G 118 -33.02 6.81 -25.12
C LEU G 118 -33.49 7.90 -26.07
N HIS G 119 -33.68 7.52 -27.33
CA HIS G 119 -34.11 8.39 -28.40
C HIS G 119 -35.24 7.69 -29.16
N PRO G 120 -36.14 8.46 -29.79
CA PRO G 120 -37.31 7.83 -30.43
C PRO G 120 -36.99 6.88 -31.57
N ASP G 121 -35.88 7.07 -32.27
CA ASP G 121 -35.50 6.13 -33.32
C ASP G 121 -34.74 4.92 -32.79
N GLY G 122 -34.52 4.83 -31.48
CA GLY G 122 -33.80 3.73 -30.89
C GLY G 122 -32.33 3.98 -30.60
N THR G 123 -31.87 5.22 -30.74
CA THR G 123 -30.48 5.55 -30.45
C THR G 123 -30.27 5.57 -28.94
N VAL G 124 -29.27 4.83 -28.48
CA VAL G 124 -28.95 4.73 -27.06
C VAL G 124 -27.68 5.52 -26.79
N LEU G 125 -27.76 6.44 -25.83
CA LEU G 125 -26.59 7.10 -25.27
C LEU G 125 -26.26 6.42 -23.94
N TYR G 126 -25.06 5.87 -23.84
CA TYR G 126 -24.61 5.12 -22.68
C TYR G 126 -23.30 5.72 -22.20
N GLY G 127 -23.35 6.43 -21.08
CA GLY G 127 -22.19 7.10 -20.53
C GLY G 127 -21.68 6.35 -19.31
N LEU G 128 -20.36 6.40 -19.11
CA LEU G 128 -19.72 5.77 -17.96
C LEU G 128 -18.59 6.66 -17.47
N ARG G 129 -18.50 6.82 -16.15
CA ARG G 129 -17.40 7.55 -15.49
C ARG G 129 -16.40 6.47 -15.05
N ILE G 130 -15.25 6.42 -15.71
CA ILE G 130 -14.25 5.34 -15.45
C ILE G 130 -12.90 5.94 -15.05
N THR G 131 -12.27 5.35 -14.03
CA THR G 131 -10.88 5.70 -13.64
C THR G 131 -10.04 4.53 -14.15
N THR G 132 -9.07 4.78 -15.01
CA THR G 132 -8.30 3.66 -15.61
C THR G 132 -6.79 3.85 -15.43
N THR G 133 -6.13 2.82 -14.88
CA THR G 133 -4.64 2.82 -14.79
C THR G 133 -4.19 2.07 -16.05
N ALA G 134 -3.80 2.80 -17.09
CA ALA G 134 -3.44 2.16 -18.38
C ALA G 134 -1.92 2.06 -18.49
N ALA G 135 -1.45 0.96 -19.07
CA ALA G 135 -0.01 0.79 -19.25
C ALA G 135 0.53 1.75 -20.30
N CYS G 136 1.71 2.31 -20.03
CA CYS G 136 2.41 3.18 -20.97
C CYS G 136 3.89 2.83 -20.90
N MET G 137 4.37 2.06 -21.88
CA MET G 137 5.78 1.72 -21.97
C MET G 137 6.57 2.98 -22.36
N MET G 138 7.55 3.33 -21.54
CA MET G 138 8.26 4.60 -21.69
C MET G 138 9.70 4.37 -22.14
N ASP G 139 10.13 5.17 -23.11
CA ASP G 139 11.52 5.21 -23.55
C ASP G 139 12.24 6.25 -22.71
N LEU G 140 13.10 5.80 -21.80
CA LEU G 140 13.74 6.66 -20.83
C LEU G 140 15.20 6.93 -21.18
N ARG G 141 15.56 6.85 -22.46
CA ARG G 141 16.95 7.09 -22.85
C ARG G 141 17.32 8.56 -22.75
N ARG G 142 16.35 9.46 -22.86
CA ARG G 142 16.58 10.89 -22.74
C ARG G 142 15.96 11.46 -21.47
N TYR G 143 15.68 10.62 -20.48
CA TYR G 143 15.07 11.06 -19.23
C TYR G 143 16.05 11.94 -18.45
N PRO G 144 15.61 13.09 -17.91
CA PRO G 144 14.23 13.59 -17.86
C PRO G 144 13.90 14.68 -18.88
N LEU G 145 14.60 14.69 -20.02
CA LEU G 145 14.31 15.61 -21.11
C LEU G 145 13.61 14.88 -22.26
N ASP G 146 12.73 13.95 -21.92
CA ASP G 146 12.15 13.02 -22.87
C ASP G 146 10.69 13.36 -23.17
N GLU G 147 10.23 12.91 -24.33
CA GLU G 147 8.83 12.95 -24.71
C GLU G 147 8.28 11.54 -24.69
N GLN G 148 7.09 11.36 -24.11
CA GLN G 148 6.47 10.05 -24.04
C GLN G 148 5.13 10.05 -24.76
N ASN G 149 4.78 8.88 -25.30
CA ASN G 149 3.54 8.68 -26.04
C ASN G 149 2.74 7.61 -25.30
N CYS G 150 1.71 8.05 -24.58
CA CYS G 150 0.86 7.15 -23.81
C CYS G 150 -0.49 7.04 -24.49
N THR G 151 -0.93 5.80 -24.72
CA THR G 151 -2.13 5.52 -25.50
C THR G 151 -3.22 4.95 -24.62
N LEU G 152 -4.43 4.95 -25.17
CA LEU G 152 -5.57 4.23 -24.62
C LEU G 152 -6.21 3.45 -25.74
N GLU G 153 -6.13 2.12 -25.65
CA GLU G 153 -6.57 1.23 -26.72
C GLU G 153 -7.97 0.72 -26.40
N ILE G 154 -8.93 1.07 -27.24
CA ILE G 154 -10.34 0.75 -27.04
C ILE G 154 -10.72 -0.33 -28.03
N GLU G 155 -11.22 -1.45 -27.53
CA GLU G 155 -11.50 -2.61 -28.37
C GLU G 155 -12.78 -3.28 -27.92
N SER G 156 -13.42 -3.99 -28.86
CA SER G 156 -14.51 -4.90 -28.54
C SER G 156 -13.93 -6.25 -28.12
N TYR G 157 -14.50 -6.82 -27.07
CA TYR G 157 -13.91 -8.04 -26.52
C TYR G 157 -14.29 -9.27 -27.34
N GLY G 158 -15.57 -9.51 -27.54
CA GLY G 158 -16.01 -10.75 -28.13
C GLY G 158 -16.58 -10.62 -29.52
N TYR G 159 -17.13 -9.46 -29.83
CA TYR G 159 -17.73 -9.22 -31.14
C TYR G 159 -16.65 -8.81 -32.13
N THR G 160 -16.63 -9.47 -33.28
CA THR G 160 -15.68 -9.16 -34.34
C THR G 160 -16.22 -8.01 -35.17
N THR G 161 -15.52 -7.67 -36.26
CA THR G 161 -15.96 -6.60 -37.15
C THR G 161 -17.19 -7.01 -37.97
N ASP G 162 -17.50 -8.30 -38.03
CA ASP G 162 -18.76 -8.74 -38.62
C ASP G 162 -19.96 -8.39 -37.75
N ASP G 163 -19.74 -8.18 -36.46
CA ASP G 163 -20.87 -7.86 -35.54
C ASP G 163 -20.83 -6.42 -35.02
N ILE G 164 -19.65 -5.84 -34.80
CA ILE G 164 -19.56 -4.48 -34.21
C ILE G 164 -18.51 -3.62 -34.95
N GLU G 165 -18.85 -2.37 -35.24
CA GLU G 165 -17.90 -1.41 -35.88
C GLU G 165 -17.76 -0.17 -34.97
N PHE G 166 -16.52 0.23 -34.68
CA PHE G 166 -16.25 1.39 -33.85
C PHE G 166 -15.95 2.60 -34.71
N TYR G 167 -16.32 3.78 -34.22
CA TYR G 167 -15.88 5.02 -34.83
C TYR G 167 -15.87 6.11 -33.77
N TRP G 168 -15.01 7.10 -33.97
CA TRP G 168 -15.01 8.29 -33.14
C TRP G 168 -16.15 9.20 -33.55
N ARG G 169 -17.12 9.38 -32.65
CA ARG G 169 -18.31 10.17 -32.96
C ARG G 169 -17.97 11.65 -32.88
N GLY G 170 -17.92 12.31 -34.03
CA GLY G 170 -17.50 13.69 -34.13
C GLY G 170 -16.14 13.88 -34.77
N GLY G 171 -15.51 12.82 -35.25
CA GLY G 171 -14.23 12.92 -35.90
C GLY G 171 -13.09 13.20 -34.94
N ASP G 172 -12.41 14.32 -35.13
CA ASP G 172 -11.32 14.72 -34.23
C ASP G 172 -11.81 15.50 -33.02
N LYS G 173 -13.08 15.90 -33.01
CA LYS G 173 -13.70 16.53 -31.84
C LYS G 173 -14.35 15.51 -30.91
N ALA G 174 -14.07 14.22 -31.10
CA ALA G 174 -14.69 13.19 -30.27
C ALA G 174 -14.10 13.12 -28.87
N VAL G 175 -12.91 13.66 -28.66
CA VAL G 175 -12.28 13.66 -27.35
C VAL G 175 -12.12 15.11 -26.90
N THR G 176 -12.77 15.46 -25.80
CA THR G 176 -12.69 16.78 -25.19
C THR G 176 -12.04 16.68 -23.82
N GLY G 177 -11.67 17.83 -23.27
CA GLY G 177 -11.09 17.88 -21.96
C GLY G 177 -9.60 17.60 -21.90
N VAL G 178 -8.89 17.74 -23.02
CA VAL G 178 -7.45 17.55 -23.00
C VAL G 178 -6.77 18.75 -22.34
N GLU G 179 -7.38 19.93 -22.43
CA GLU G 179 -6.89 21.10 -21.72
C GLU G 179 -7.18 21.04 -20.23
N ARG G 180 -8.06 20.14 -19.80
CA ARG G 180 -8.36 19.96 -18.39
C ARG G 180 -7.27 19.19 -17.66
N ILE G 181 -6.37 18.54 -18.40
CA ILE G 181 -5.31 17.73 -17.80
C ILE G 181 -4.28 18.65 -17.18
N GLU G 182 -4.07 18.51 -15.87
CA GLU G 182 -3.10 19.31 -15.12
C GLU G 182 -2.12 18.37 -14.44
N LEU G 183 -1.08 17.99 -15.16
CA LEU G 183 0.03 17.28 -14.56
C LEU G 183 1.13 18.27 -14.22
N PRO G 184 1.72 18.19 -13.03
CA PRO G 184 2.77 19.17 -12.69
C PRO G 184 4.06 18.98 -13.47
N GLN G 185 4.49 17.74 -13.69
CA GLN G 185 5.74 17.48 -14.37
C GLN G 185 5.56 17.16 -15.85
N PHE G 186 4.37 17.38 -16.40
CA PHE G 186 4.11 17.07 -17.81
C PHE G 186 3.25 18.16 -18.43
N SER G 187 3.33 18.25 -19.75
CA SER G 187 2.45 19.09 -20.55
C SER G 187 2.03 18.32 -21.78
N ILE G 188 0.76 18.43 -22.15
CA ILE G 188 0.22 17.73 -23.31
C ILE G 188 0.63 18.50 -24.55
N VAL G 189 1.44 17.87 -25.40
CA VAL G 189 1.82 18.49 -26.67
C VAL G 189 0.73 18.28 -27.72
N GLU G 190 0.27 17.05 -27.88
CA GLU G 190 -0.65 16.70 -28.95
C GLU G 190 -1.44 15.47 -28.53
N HIS G 191 -2.67 15.38 -29.01
CA HIS G 191 -3.46 14.16 -28.90
C HIS G 191 -4.01 13.78 -30.27
N ARG G 192 -4.08 12.47 -30.51
CA ARG G 192 -4.52 11.95 -31.80
C ARG G 192 -5.58 10.87 -31.60
N LEU G 193 -6.36 10.65 -32.66
CA LEU G 193 -7.42 9.65 -32.66
C LEU G 193 -7.21 8.71 -33.84
N VAL G 194 -7.07 7.41 -33.55
CA VAL G 194 -6.79 6.39 -34.56
C VAL G 194 -7.91 5.37 -34.53
N SER G 195 -8.39 4.97 -35.71
CA SER G 195 -9.37 3.91 -35.87
C SER G 195 -8.74 2.79 -36.70
N ARG G 196 -8.74 1.57 -36.15
CA ARG G 196 -8.10 0.44 -36.81
C ARG G 196 -9.01 -0.78 -36.76
N ASN G 197 -8.58 -1.82 -37.47
CA ASN G 197 -9.06 -3.18 -37.28
C ASN G 197 -7.87 -4.05 -36.94
N VAL G 198 -7.98 -4.80 -35.84
CA VAL G 198 -6.89 -5.63 -35.35
C VAL G 198 -7.31 -7.09 -35.47
N VAL G 199 -6.49 -7.87 -36.16
CA VAL G 199 -6.80 -9.27 -36.47
C VAL G 199 -6.13 -10.17 -35.45
N PHE G 200 -6.91 -11.04 -34.82
CA PHE G 200 -6.40 -12.04 -33.90
C PHE G 200 -6.67 -13.43 -34.48
N ALA G 201 -6.41 -14.45 -33.66
CA ALA G 201 -6.73 -15.82 -34.07
C ALA G 201 -8.24 -16.05 -34.08
N THR G 202 -8.99 -15.31 -33.28
CA THR G 202 -10.44 -15.44 -33.23
C THR G 202 -11.17 -14.51 -34.20
N GLY G 203 -10.46 -13.64 -34.90
CA GLY G 203 -11.06 -12.79 -35.90
C GLY G 203 -10.49 -11.39 -35.86
N ALA G 204 -11.06 -10.51 -36.67
CA ALA G 204 -10.67 -9.11 -36.72
C ALA G 204 -11.57 -8.29 -35.81
N TYR G 205 -10.98 -7.40 -35.02
CA TYR G 205 -11.73 -6.67 -34.03
C TYR G 205 -11.60 -5.16 -34.24
N PRO G 206 -12.67 -4.39 -33.99
CA PRO G 206 -12.58 -2.94 -34.16
C PRO G 206 -11.76 -2.31 -33.03
N ARG G 207 -10.96 -1.31 -33.40
CA ARG G 207 -10.02 -0.69 -32.48
C ARG G 207 -10.09 0.83 -32.60
N LEU G 208 -10.25 1.50 -31.47
CA LEU G 208 -10.07 2.94 -31.37
C LEU G 208 -8.89 3.23 -30.45
N SER G 209 -8.07 4.20 -30.84
CA SER G 209 -6.88 4.54 -30.08
C SER G 209 -6.89 6.04 -29.78
N LEU G 210 -6.68 6.38 -28.53
CA LEU G 210 -6.46 7.76 -28.09
C LEU G 210 -5.08 7.83 -27.48
N SER G 211 -4.18 8.59 -28.11
CA SER G 211 -2.81 8.71 -27.66
C SER G 211 -2.51 10.17 -27.31
N PHE G 212 -1.66 10.36 -26.31
CA PHE G 212 -1.20 11.68 -25.90
C PHE G 212 0.31 11.73 -26.03
N ARG G 213 0.83 12.91 -26.36
CA ARG G 213 2.26 13.16 -26.33
C ARG G 213 2.58 14.00 -25.10
N LEU G 214 3.39 13.44 -24.20
CA LEU G 214 3.70 14.05 -22.92
C LEU G 214 5.14 14.57 -22.95
N LYS G 215 5.31 15.87 -22.77
CA LYS G 215 6.62 16.48 -22.65
C LYS G 215 6.89 16.75 -21.18
N ARG G 216 8.01 16.22 -20.68
CA ARG G 216 8.35 16.36 -19.27
C ARG G 216 8.90 17.74 -18.98
N ASN G 217 8.53 18.29 -17.83
CA ASN G 217 9.04 19.57 -17.37
C ASN G 217 10.35 19.37 -16.63
N ILE G 218 11.37 20.15 -16.99
CA ILE G 218 12.70 19.97 -16.45
C ILE G 218 12.87 20.66 -15.09
N GLY G 219 11.89 21.46 -14.66
CA GLY G 219 12.11 22.36 -13.53
C GLY G 219 12.23 21.65 -12.19
N TYR G 220 11.60 20.49 -12.05
CA TYR G 220 11.76 19.72 -10.82
C TYR G 220 13.15 19.08 -10.74
N PHE G 221 13.65 18.59 -11.87
CA PHE G 221 14.91 17.84 -11.88
C PHE G 221 16.13 18.75 -11.82
N ILE G 222 15.97 20.01 -12.22
CA ILE G 222 17.11 20.97 -12.10
C ILE G 222 17.39 21.16 -10.61
N LEU G 223 16.34 21.41 -9.83
CA LEU G 223 16.44 21.63 -8.35
C LEU G 223 16.79 20.33 -7.63
N GLN G 224 16.09 19.23 -7.98
CA GLN G 224 16.22 17.89 -7.35
C GLN G 224 17.60 17.24 -7.56
N THR G 225 18.17 17.28 -8.77
CA THR G 225 19.45 16.56 -9.01
C THR G 225 20.52 17.43 -9.70
N TYR G 226 20.14 18.17 -10.74
CA TYR G 226 21.14 18.90 -11.53
C TYR G 226 21.87 19.94 -10.71
N MET G 227 21.13 20.83 -10.06
CA MET G 227 21.76 21.86 -9.23
C MET G 227 22.47 21.32 -7.99
N PRO G 228 22.02 20.28 -7.29
CA PRO G 228 22.91 19.65 -6.29
C PRO G 228 24.19 19.07 -6.86
N SER G 229 24.16 18.52 -8.08
CA SER G 229 25.37 17.95 -8.64
C SER G 229 26.32 19.01 -9.17
N ILE G 230 25.81 20.18 -9.54
CA ILE G 230 26.68 21.28 -9.95
C ILE G 230 27.42 21.84 -8.74
N LEU G 231 26.71 22.01 -7.61
CA LEU G 231 27.28 22.65 -6.45
C LEU G 231 28.30 21.76 -5.73
N ILE G 232 28.19 20.43 -5.88
CA ILE G 232 29.21 19.54 -5.35
C ILE G 232 30.46 19.59 -6.21
N THR G 233 30.29 19.77 -7.52
CA THR G 233 31.45 19.89 -8.42
C THR G 233 32.20 21.20 -8.19
N ILE G 234 31.48 22.29 -7.93
CA ILE G 234 32.11 23.55 -7.56
C ILE G 234 32.76 23.43 -6.18
N LEU G 235 32.19 22.62 -5.29
CA LEU G 235 32.76 22.38 -3.97
C LEU G 235 34.11 21.66 -4.06
N SER G 236 34.30 20.82 -5.07
CA SER G 236 35.57 20.15 -5.25
C SER G 236 36.65 21.05 -5.83
N TRP G 237 36.29 22.21 -6.38
CA TRP G 237 37.27 23.17 -6.88
C TRP G 237 37.79 24.08 -5.79
N VAL G 238 37.18 24.06 -4.60
CA VAL G 238 37.65 24.83 -3.46
C VAL G 238 39.01 24.32 -3.00
N SER G 239 39.29 23.03 -3.23
CA SER G 239 40.56 22.44 -2.84
C SER G 239 41.74 23.03 -3.61
N PHE G 240 41.50 23.56 -4.82
CA PHE G 240 42.59 24.11 -5.63
C PHE G 240 43.15 25.41 -5.06
N TRP G 241 42.35 26.16 -4.31
CA TRP G 241 42.82 27.39 -3.68
C TRP G 241 43.40 27.17 -2.30
N ILE G 242 43.28 25.98 -1.75
CA ILE G 242 43.86 25.66 -0.45
C ILE G 242 45.31 25.20 -0.66
N ASN G 243 46.18 25.61 0.25
CA ASN G 243 47.60 25.26 0.20
C ASN G 243 47.79 23.75 0.28
N TYR G 244 48.81 23.25 -0.42
CA TYR G 244 49.00 21.81 -0.53
C TYR G 244 49.54 21.17 0.74
N ASP G 245 49.98 21.95 1.72
CA ASP G 245 50.35 21.39 3.02
C ASP G 245 49.13 20.91 3.78
N ALA G 246 47.96 21.49 3.52
CA ALA G 246 46.71 21.08 4.17
C ALA G 246 46.25 19.77 3.53
N SER G 247 46.87 18.68 3.97
CA SER G 247 46.58 17.38 3.38
C SER G 247 45.25 16.82 3.87
N ALA G 248 44.95 16.98 5.15
CA ALA G 248 43.68 16.50 5.68
C ALA G 248 42.51 17.35 5.21
N ALA G 249 42.75 18.62 4.87
CA ALA G 249 41.69 19.49 4.38
C ALA G 249 41.36 19.23 2.91
N ARG G 250 42.36 18.94 2.10
CA ARG G 250 42.13 18.76 0.67
C ARG G 250 41.72 17.33 0.31
N VAL G 251 42.11 16.34 1.11
CA VAL G 251 41.64 14.98 0.87
C VAL G 251 40.18 14.84 1.30
N ALA G 252 39.81 15.45 2.42
CA ALA G 252 38.43 15.42 2.87
C ALA G 252 37.50 16.17 1.94
N LEU G 253 38.00 17.19 1.23
CA LEU G 253 37.23 17.80 0.16
C LEU G 253 37.08 16.84 -1.02
N GLY G 254 38.11 16.06 -1.31
CA GLY G 254 38.01 15.08 -2.36
C GLY G 254 37.20 13.85 -1.97
N ILE G 255 37.18 13.51 -0.69
CA ILE G 255 36.41 12.37 -0.24
C ILE G 255 34.92 12.67 -0.28
N THR G 256 34.51 13.80 0.32
CA THR G 256 33.10 14.05 0.56
C THR G 256 32.39 14.47 -0.73
N THR G 257 33.11 15.02 -1.70
CA THR G 257 32.49 15.32 -2.98
C THR G 257 32.32 14.08 -3.83
N VAL G 258 33.21 13.10 -3.66
CA VAL G 258 33.07 11.83 -4.40
C VAL G 258 31.95 10.99 -3.78
N LEU G 259 31.88 10.94 -2.45
CA LEU G 259 30.85 10.16 -1.78
C LEU G 259 29.45 10.76 -1.93
N THR G 260 29.33 12.09 -2.07
CA THR G 260 28.03 12.70 -2.28
C THR G 260 27.49 12.36 -3.67
N MET G 261 28.38 12.27 -4.67
CA MET G 261 27.96 11.86 -6.01
C MET G 261 27.46 10.42 -6.04
N THR G 262 27.98 9.57 -5.16
CA THR G 262 27.46 8.21 -5.07
C THR G 262 26.08 8.17 -4.43
N THR G 263 25.82 9.04 -3.46
CA THR G 263 24.51 9.06 -2.82
C THR G 263 23.45 9.70 -3.72
N ILE G 264 23.85 10.65 -4.56
CA ILE G 264 22.92 11.23 -5.53
C ILE G 264 22.58 10.21 -6.61
N ASN G 265 23.56 9.43 -7.06
CA ASN G 265 23.28 8.42 -8.12
C ASN G 265 22.30 7.34 -7.61
N THR G 266 22.54 6.84 -6.40
CA THR G 266 21.69 5.77 -5.81
C THR G 266 20.27 6.30 -5.61
N HIS G 267 20.14 7.53 -5.12
CA HIS G 267 18.80 8.14 -4.89
C HIS G 267 18.06 8.27 -6.23
N LEU G 268 18.80 8.64 -7.28
CA LEU G 268 18.22 8.81 -8.65
C LEU G 268 17.68 7.47 -9.16
N ARG G 269 18.39 6.38 -8.89
CA ARG G 269 17.94 5.04 -9.39
C ARG G 269 16.58 4.63 -8.82
N GLU G 270 16.31 4.95 -7.55
CA GLU G 270 15.10 4.60 -6.81
C GLU G 270 13.85 5.14 -7.49
N THR G 271 13.95 6.30 -8.15
CA THR G 271 12.83 6.92 -8.81
C THR G 271 12.59 6.39 -10.22
N LEU G 272 13.38 5.42 -10.66
CA LEU G 272 13.33 4.88 -12.01
C LEU G 272 13.14 3.37 -11.98
N PRO G 273 12.58 2.78 -13.03
CA PRO G 273 12.55 1.32 -13.13
C PRO G 273 13.94 0.76 -13.42
N LYS G 274 14.07 -0.55 -13.29
CA LYS G 274 15.35 -1.22 -13.45
C LYS G 274 15.63 -1.47 -14.93
N ILE G 275 15.93 -0.38 -15.63
CA ILE G 275 16.22 -0.41 -17.06
C ILE G 275 17.70 -0.72 -17.26
N PRO G 276 18.08 -1.48 -18.30
CA PRO G 276 19.49 -1.82 -18.49
C PRO G 276 20.31 -0.73 -19.15
N TYR G 277 19.69 0.31 -19.69
CA TYR G 277 20.42 1.33 -20.43
C TYR G 277 20.66 2.55 -19.54
N VAL G 278 21.28 3.56 -20.14
CA VAL G 278 21.72 4.77 -19.44
C VAL G 278 20.82 5.92 -19.86
N THR G 279 20.29 6.65 -18.87
CA THR G 279 19.44 7.80 -19.12
C THR G 279 20.28 9.05 -19.31
N ALA G 280 19.62 10.19 -19.55
CA ALA G 280 20.34 11.44 -19.76
C ALA G 280 20.85 12.01 -18.44
N ILE G 281 20.10 11.83 -17.36
CA ILE G 281 20.56 12.29 -16.06
C ILE G 281 21.65 11.37 -15.52
N ASP G 282 21.69 10.11 -15.95
CA ASP G 282 22.80 9.23 -15.61
C ASP G 282 24.09 9.66 -16.29
N MET G 283 23.99 10.17 -17.53
CA MET G 283 25.17 10.68 -18.23
C MET G 283 25.70 11.95 -17.59
N TYR G 284 24.83 12.73 -16.95
CA TYR G 284 25.28 13.95 -16.28
C TYR G 284 25.96 13.63 -14.96
N LEU G 285 25.44 12.63 -14.22
CA LEU G 285 26.04 12.28 -12.93
C LEU G 285 27.35 11.55 -13.11
N MET G 286 27.45 10.70 -14.13
CA MET G 286 28.72 10.04 -14.43
C MET G 286 29.74 11.03 -14.97
N GLY G 287 29.27 12.07 -15.66
CA GLY G 287 30.18 13.15 -16.04
C GLY G 287 30.60 13.99 -14.86
N CYS G 288 29.69 14.24 -13.92
CA CYS G 288 30.05 15.00 -12.73
C CYS G 288 30.90 14.18 -11.77
N PHE G 289 30.80 12.86 -11.81
CA PHE G 289 31.67 12.04 -10.99
C PHE G 289 33.11 12.07 -11.47
N VAL G 290 33.32 12.20 -12.78
CA VAL G 290 34.68 12.27 -13.33
C VAL G 290 35.36 13.56 -12.91
N PHE G 291 34.60 14.65 -12.82
CA PHE G 291 35.18 15.94 -12.44
C PHE G 291 35.57 15.98 -10.96
N VAL G 292 34.77 15.36 -10.10
CA VAL G 292 35.12 15.35 -8.67
C VAL G 292 36.14 14.27 -8.34
N PHE G 293 36.27 13.24 -9.17
CA PHE G 293 37.29 12.22 -8.93
C PHE G 293 38.66 12.69 -9.40
N LEU G 294 38.71 13.41 -10.53
CA LEU G 294 39.96 13.97 -11.01
C LEU G 294 40.42 15.15 -10.17
N ALA G 295 39.53 15.77 -9.40
CA ALA G 295 39.95 16.83 -8.49
C ALA G 295 40.69 16.27 -7.29
N LEU G 296 40.30 15.08 -6.83
CA LEU G 296 41.04 14.42 -5.77
C LEU G 296 42.33 13.79 -6.29
N LEU G 297 42.30 13.25 -7.52
CA LEU G 297 43.51 12.75 -8.16
C LEU G 297 44.48 13.86 -8.50
N GLU G 298 44.00 15.10 -8.65
CA GLU G 298 44.90 16.22 -8.86
C GLU G 298 45.72 16.51 -7.61
N TYR G 299 45.11 16.40 -6.43
CA TYR G 299 45.87 16.61 -5.20
C TYR G 299 46.82 15.45 -4.93
N ALA G 300 46.39 14.23 -5.25
CA ALA G 300 47.24 13.05 -5.05
C ALA G 300 48.46 13.07 -5.95
N PHE G 301 48.39 13.77 -7.09
CA PHE G 301 49.57 14.03 -7.89
C PHE G 301 50.36 15.21 -7.33
N VAL G 302 49.67 16.19 -6.76
CA VAL G 302 50.33 17.34 -6.15
C VAL G 302 51.04 16.93 -4.86
N ASN G 303 50.36 16.14 -4.02
CA ASN G 303 50.96 15.62 -2.78
C ASN G 303 52.12 14.67 -3.06
N TYR G 304 52.15 14.04 -4.24
CA TYR G 304 53.22 13.13 -4.58
C TYR G 304 54.51 13.86 -4.97
N ILE G 305 54.41 15.10 -5.46
CA ILE G 305 55.55 15.80 -6.04
C ILE G 305 55.89 17.10 -5.33
N PHE G 306 55.14 17.51 -4.31
CA PHE G 306 55.37 18.83 -3.73
C PHE G 306 56.57 18.87 -2.79
N PHE G 307 57.19 17.74 -2.49
CA PHE G 307 58.43 17.75 -1.72
C PHE G 307 59.62 18.00 -2.64
N SER G 308 59.73 17.24 -3.73
CA SER G 308 60.86 17.36 -4.63
C SER G 308 60.69 18.54 -5.59
N GLN G 309 59.49 18.72 -6.14
CA GLN G 309 59.19 19.77 -7.12
C GLN G 309 58.08 20.65 -6.57
N PRO G 310 58.42 21.62 -5.71
CA PRO G 310 57.38 22.51 -5.18
C PRO G 310 56.89 23.55 -6.18
N ALA G 311 57.71 23.93 -7.15
CA ALA G 311 57.27 24.88 -8.18
C ALA G 311 56.37 24.22 -9.21
N ARG G 312 56.59 22.94 -9.50
CA ARG G 312 55.71 22.23 -10.42
C ARG G 312 54.35 21.96 -9.79
N ALA G 313 54.34 21.63 -8.49
CA ALA G 313 53.08 21.36 -7.80
C ALA G 313 52.28 22.65 -7.58
N ALA G 314 52.95 23.79 -7.47
CA ALA G 314 52.24 25.06 -7.40
C ALA G 314 51.69 25.46 -8.76
N ALA G 315 52.31 24.98 -9.84
CA ALA G 315 51.81 25.27 -11.18
C ALA G 315 50.57 24.45 -11.51
N ILE G 316 50.50 23.21 -11.03
CA ILE G 316 49.34 22.36 -11.29
C ILE G 316 48.12 22.88 -10.54
N ASP G 317 48.33 23.41 -9.32
CA ASP G 317 47.23 24.02 -8.57
C ASP G 317 46.74 25.30 -9.26
N ARG G 318 47.65 26.06 -9.85
CA ARG G 318 47.25 27.25 -10.61
C ARG G 318 46.59 26.86 -11.92
N TRP G 319 47.06 25.77 -12.55
CA TRP G 319 46.48 25.29 -13.80
C TRP G 319 45.07 24.74 -13.58
N SER G 320 44.84 24.08 -12.44
CA SER G 320 43.54 23.46 -12.17
C SER G 320 42.49 24.47 -11.77
N ARG G 321 42.88 25.67 -11.33
CA ARG G 321 41.91 26.70 -10.95
C ARG G 321 41.15 27.25 -12.14
N ILE G 322 41.69 27.14 -13.35
CA ILE G 322 41.04 27.66 -14.54
C ILE G 322 40.63 26.59 -15.53
N VAL G 323 41.23 25.40 -15.47
CA VAL G 323 40.89 24.34 -16.42
C VAL G 323 39.65 23.57 -15.96
N PHE G 324 39.56 23.29 -14.66
CA PHE G 324 38.38 22.60 -14.12
C PHE G 324 37.07 23.37 -14.25
N PRO G 325 37.00 24.71 -14.04
CA PRO G 325 35.74 25.39 -14.40
C PRO G 325 35.52 25.52 -15.88
N PHE G 326 36.57 25.54 -16.70
CA PHE G 326 36.40 25.68 -18.14
C PHE G 326 35.92 24.38 -18.77
N THR G 327 36.46 23.24 -18.34
CA THR G 327 36.05 21.95 -18.89
C THR G 327 34.64 21.58 -18.43
N PHE G 328 34.24 22.03 -17.24
CA PHE G 328 32.89 21.76 -16.76
C PHE G 328 31.87 22.65 -17.46
N SER G 329 32.26 23.87 -17.83
CA SER G 329 31.39 24.70 -18.67
C SER G 329 31.31 24.16 -20.09
N LEU G 330 32.39 23.54 -20.56
CA LEU G 330 32.35 22.88 -21.87
C LEU G 330 31.55 21.59 -21.80
N PHE G 331 31.59 20.90 -20.67
CA PHE G 331 30.79 19.69 -20.49
C PHE G 331 29.30 20.03 -20.45
N ASN G 332 28.93 21.11 -19.78
CA ASN G 332 27.53 21.53 -19.73
C ASN G 332 27.08 22.09 -21.07
N LEU G 333 27.99 22.63 -21.88
CA LEU G 333 27.62 23.16 -23.18
C LEU G 333 27.31 22.03 -24.15
N VAL G 334 28.11 20.97 -24.14
CA VAL G 334 27.85 19.82 -25.02
C VAL G 334 26.63 19.05 -24.54
N TYR G 335 26.42 18.97 -23.22
CA TYR G 335 25.30 18.21 -22.67
C TYR G 335 23.96 18.90 -22.97
N TRP G 336 23.83 20.17 -22.60
CA TRP G 336 22.54 20.84 -22.69
C TRP G 336 22.17 21.26 -24.11
N LEU G 337 23.11 21.21 -25.05
CA LEU G 337 22.77 21.41 -26.46
C LEU G 337 22.45 20.10 -27.17
N TYR G 338 22.78 18.97 -26.56
CA TYR G 338 22.46 17.67 -27.15
C TYR G 338 21.07 17.20 -26.75
N TYR G 339 20.62 17.53 -25.54
CA TYR G 339 19.35 17.02 -25.04
C TYR G 339 18.21 18.04 -25.08
N VAL G 340 18.50 19.32 -25.25
CA VAL G 340 17.45 20.32 -25.38
C VAL G 340 17.27 20.69 -26.85
N ASN H 8 -49.79 -0.67 15.27
CA ASN H 8 -50.41 -1.41 14.19
C ASN H 8 -49.45 -1.53 13.01
N MET H 9 -49.03 -2.76 12.71
CA MET H 9 -48.07 -3.03 11.66
C MET H 9 -48.68 -3.62 10.40
N SER H 10 -49.90 -4.15 10.48
CA SER H 10 -50.52 -4.75 9.30
C SER H 10 -51.05 -3.68 8.35
N PHE H 11 -51.60 -2.60 8.90
CA PHE H 11 -52.11 -1.51 8.06
C PHE H 11 -50.99 -0.73 7.39
N VAL H 12 -49.85 -0.59 8.08
CA VAL H 12 -48.70 0.09 7.48
C VAL H 12 -48.08 -0.79 6.41
N LYS H 13 -48.08 -2.11 6.61
CA LYS H 13 -47.57 -3.02 5.58
C LYS H 13 -48.44 -2.99 4.34
N GLU H 14 -49.75 -2.83 4.51
CA GLU H 14 -50.62 -2.63 3.35
C GLU H 14 -50.41 -1.25 2.73
N THR H 15 -49.99 -0.28 3.53
CA THR H 15 -49.77 1.07 3.01
C THR H 15 -48.49 1.16 2.19
N VAL H 16 -47.40 0.55 2.68
CA VAL H 16 -46.13 0.59 1.96
C VAL H 16 -46.19 -0.30 0.72
N ASP H 17 -46.92 -1.42 0.79
CA ASP H 17 -47.11 -2.25 -0.39
C ASP H 17 -47.98 -1.56 -1.44
N LYS H 18 -48.87 -0.66 -1.00
CA LYS H 18 -49.64 0.14 -1.95
C LYS H 18 -48.77 1.18 -2.64
N LEU H 19 -47.77 1.71 -1.94
CA LEU H 19 -46.89 2.72 -2.53
C LEU H 19 -45.95 2.11 -3.56
N LEU H 20 -45.51 0.88 -3.37
CA LEU H 20 -44.53 0.26 -4.23
C LEU H 20 -45.14 -0.61 -5.32
N LYS H 21 -46.45 -0.82 -5.30
CA LYS H 21 -47.11 -1.58 -6.35
C LYS H 21 -47.32 -0.67 -7.55
N GLY H 22 -46.80 -1.08 -8.70
CA GLY H 22 -46.82 -0.22 -9.88
C GLY H 22 -45.79 0.89 -9.85
N TYR H 23 -44.82 0.83 -8.95
CA TYR H 23 -43.78 1.85 -8.88
C TYR H 23 -42.66 1.50 -9.86
N ASP H 24 -42.38 2.41 -10.78
CA ASP H 24 -41.31 2.23 -11.76
C ASP H 24 -40.09 3.00 -11.28
N ILE H 25 -39.03 2.27 -10.93
CA ILE H 25 -37.80 2.92 -10.50
C ILE H 25 -37.06 3.58 -11.65
N ARG H 26 -37.39 3.23 -12.89
CA ARG H 26 -36.73 3.79 -14.06
C ARG H 26 -37.15 5.23 -14.35
N LEU H 27 -38.23 5.71 -13.73
CA LEU H 27 -38.77 7.03 -14.02
C LEU H 27 -38.60 7.93 -12.80
N ARG H 28 -38.17 9.16 -13.04
CA ARG H 28 -38.06 10.17 -12.01
C ARG H 28 -39.46 10.65 -11.61
N PRO H 29 -39.60 11.28 -10.44
CA PRO H 29 -40.86 11.95 -10.11
C PRO H 29 -41.15 13.10 -11.07
N ASP H 30 -42.42 13.22 -11.45
CA ASP H 30 -42.91 14.16 -12.47
C ASP H 30 -42.16 13.98 -13.79
N PHE H 31 -42.08 12.72 -14.24
CA PHE H 31 -41.41 12.40 -15.49
C PHE H 31 -42.19 13.00 -16.67
N GLY H 32 -41.48 13.72 -17.52
CA GLY H 32 -42.11 14.44 -18.59
C GLY H 32 -42.73 15.77 -18.20
N GLY H 33 -42.53 16.21 -16.97
CA GLY H 33 -43.07 17.46 -16.50
C GLY H 33 -42.01 18.41 -16.01
N PRO H 34 -42.29 19.23 -14.98
CA PRO H 34 -41.29 20.15 -14.44
C PRO H 34 -40.19 19.37 -13.69
N PRO H 35 -38.94 19.86 -13.62
CA PRO H 35 -37.87 19.16 -12.91
C PRO H 35 -38.11 19.00 -11.40
N VAL H 36 -37.74 17.84 -10.87
CA VAL H 36 -37.84 17.55 -9.44
C VAL H 36 -36.69 18.26 -8.73
N CYS H 37 -37.03 19.07 -7.74
CA CYS H 37 -36.02 19.80 -6.98
C CYS H 37 -35.46 18.91 -5.87
N VAL H 38 -34.14 18.79 -5.83
CA VAL H 38 -33.45 17.98 -4.83
C VAL H 38 -32.69 18.90 -3.90
N GLY H 39 -33.08 18.90 -2.63
CA GLY H 39 -32.41 19.70 -1.62
C GLY H 39 -31.37 18.87 -0.87
N MET H 40 -30.21 19.47 -0.66
CA MET H 40 -29.06 18.74 -0.14
C MET H 40 -28.53 19.37 1.14
N ASN H 41 -28.23 18.51 2.11
CA ASN H 41 -27.56 18.87 3.34
C ASN H 41 -26.34 17.99 3.51
N ILE H 42 -25.27 18.55 4.05
CA ILE H 42 -24.04 17.81 4.33
C ILE H 42 -23.67 18.03 5.78
N ASP H 43 -23.53 16.93 6.52
CA ASP H 43 -23.02 16.99 7.90
C ASP H 43 -21.61 16.42 7.82
N ILE H 44 -20.59 17.28 7.92
CA ILE H 44 -19.18 16.80 7.80
C ILE H 44 -18.77 16.09 9.09
N ALA H 45 -18.33 14.83 8.95
CA ALA H 45 -17.82 14.05 10.07
C ALA H 45 -16.36 14.37 10.34
N SER H 46 -15.51 14.29 9.31
CA SER H 46 -14.09 14.53 9.48
C SER H 46 -13.45 14.79 8.11
N ILE H 47 -12.29 15.44 8.15
CA ILE H 47 -11.34 15.45 7.04
C ILE H 47 -10.10 14.75 7.57
N ASP H 48 -9.85 13.53 7.07
CA ASP H 48 -8.79 12.70 7.63
C ASP H 48 -7.42 13.13 7.14
N MET H 49 -7.21 13.11 5.82
CA MET H 49 -5.92 13.42 5.23
C MET H 49 -6.07 14.59 4.27
N VAL H 50 -4.99 15.38 4.16
CA VAL H 50 -4.81 16.34 3.08
C VAL H 50 -3.41 16.10 2.55
N SER H 51 -3.33 15.55 1.34
CA SER H 51 -2.07 15.13 0.74
C SER H 51 -1.64 16.14 -0.30
N GLU H 52 -0.40 16.62 -0.19
CA GLU H 52 0.14 17.52 -1.20
C GLU H 52 0.71 16.76 -2.38
N VAL H 53 1.25 15.56 -2.14
CA VAL H 53 1.87 14.77 -3.19
C VAL H 53 0.83 14.24 -4.16
N ASN H 54 -0.29 13.73 -3.63
CA ASN H 54 -1.37 13.25 -4.48
C ASN H 54 -2.37 14.33 -4.85
N MET H 55 -2.27 15.50 -4.21
CA MET H 55 -3.16 16.66 -4.42
C MET H 55 -4.62 16.29 -4.23
N ASP H 56 -4.93 15.72 -3.07
CA ASP H 56 -6.30 15.31 -2.77
C ASP H 56 -6.53 15.43 -1.27
N TYR H 57 -7.76 15.15 -0.85
CA TYR H 57 -8.10 15.14 0.55
C TYR H 57 -9.21 14.12 0.76
N THR H 58 -9.20 13.49 1.93
CA THR H 58 -10.19 12.48 2.28
C THR H 58 -11.23 13.11 3.21
N LEU H 59 -12.50 13.00 2.82
CA LEU H 59 -13.60 13.64 3.52
C LEU H 59 -14.66 12.60 3.86
N THR H 60 -15.10 12.58 5.11
CA THR H 60 -16.21 11.75 5.54
C THR H 60 -17.38 12.64 5.94
N MET H 61 -18.56 12.34 5.43
CA MET H 61 -19.71 13.21 5.63
C MET H 61 -20.99 12.40 5.66
N TYR H 62 -22.05 13.05 6.14
CA TYR H 62 -23.42 12.54 6.03
C TYR H 62 -24.10 13.33 4.93
N PHE H 63 -24.43 12.66 3.84
CA PHE H 63 -24.97 13.30 2.64
C PHE H 63 -26.47 13.04 2.58
N GLN H 64 -27.27 14.08 2.81
CA GLN H 64 -28.72 13.98 2.85
C GLN H 64 -29.33 14.62 1.61
N GLN H 65 -30.32 13.95 1.03
CA GLN H 65 -31.02 14.46 -0.14
C GLN H 65 -32.53 14.48 0.13
N TYR H 66 -33.17 15.58 -0.24
CA TYR H 66 -34.59 15.79 -0.02
C TYR H 66 -35.29 16.06 -1.35
N TRP H 67 -36.30 15.26 -1.67
CA TRP H 67 -37.14 15.53 -2.83
C TRP H 67 -38.53 15.00 -2.57
N ARG H 68 -39.48 15.47 -3.37
CA ARG H 68 -40.86 15.04 -3.26
C ARG H 68 -41.20 14.06 -4.38
N ASP H 69 -41.70 12.89 -4.00
CA ASP H 69 -42.19 11.89 -4.95
C ASP H 69 -43.65 11.63 -4.62
N LYS H 70 -44.54 12.10 -5.50
CA LYS H 70 -45.98 11.97 -5.26
C LYS H 70 -46.49 10.54 -5.40
N ARG H 71 -45.69 9.63 -5.96
CA ARG H 71 -46.03 8.21 -5.96
C ARG H 71 -45.92 7.59 -4.58
N LEU H 72 -45.20 8.24 -3.65
CA LEU H 72 -44.97 7.71 -2.32
C LEU H 72 -45.77 8.44 -1.25
N ALA H 73 -46.80 9.19 -1.63
CA ALA H 73 -47.62 9.90 -0.66
C ALA H 73 -48.63 8.94 -0.04
N TYR H 74 -48.73 8.98 1.28
CA TYR H 74 -49.68 8.15 2.03
C TYR H 74 -50.57 9.06 2.88
N SER H 75 -51.74 8.53 3.24
CA SER H 75 -52.77 9.32 3.90
C SER H 75 -53.18 8.80 5.26
N GLY H 76 -53.25 7.48 5.44
CA GLY H 76 -53.80 6.92 6.66
C GLY H 76 -52.93 7.02 7.89
N ILE H 77 -51.66 7.35 7.73
CA ILE H 77 -50.69 7.40 8.82
C ILE H 77 -50.27 8.84 9.03
N PRO H 78 -50.38 9.38 10.24
CA PRO H 78 -49.91 10.75 10.51
C PRO H 78 -48.44 10.85 10.92
N LEU H 79 -47.65 9.81 10.75
CA LEU H 79 -46.26 9.79 11.18
C LEU H 79 -45.33 9.80 9.98
N ASN H 80 -44.07 10.17 10.24
CA ASN H 80 -43.01 10.06 9.24
C ASN H 80 -42.44 8.65 9.29
N LEU H 81 -42.54 7.93 8.18
CA LEU H 81 -42.18 6.51 8.13
C LEU H 81 -40.67 6.39 7.90
N THR H 82 -39.95 5.97 8.94
CA THR H 82 -38.56 5.57 8.80
C THR H 82 -38.51 4.09 8.47
N LEU H 83 -38.11 3.76 7.25
CA LEU H 83 -38.08 2.38 6.78
C LEU H 83 -36.67 1.81 6.88
N ASP H 84 -36.59 0.50 6.71
CA ASP H 84 -35.30 -0.17 6.61
C ASP H 84 -34.60 0.29 5.33
N ASN H 85 -33.27 0.36 5.39
CA ASN H 85 -32.49 0.99 4.32
C ASN H 85 -32.47 0.18 3.02
N ARG H 86 -32.92 -1.07 3.04
CA ARG H 86 -33.01 -1.86 1.82
C ARG H 86 -34.18 -1.48 0.92
N VAL H 87 -35.07 -0.59 1.37
CA VAL H 87 -36.14 -0.08 0.53
C VAL H 87 -35.62 0.93 -0.50
N ALA H 88 -34.40 1.44 -0.32
CA ALA H 88 -33.83 2.40 -1.26
C ALA H 88 -33.51 1.76 -2.61
N ASP H 89 -33.36 0.44 -2.66
CA ASP H 89 -33.21 -0.27 -3.93
C ASP H 89 -34.53 -0.41 -4.68
N GLN H 90 -35.65 -0.14 -4.03
CA GLN H 90 -36.96 -0.19 -4.66
C GLN H 90 -37.53 1.19 -4.94
N LEU H 91 -36.73 2.23 -4.71
CA LEU H 91 -37.15 3.61 -4.93
C LEU H 91 -36.28 4.27 -5.98
N TRP H 92 -36.82 5.31 -6.60
CA TRP H 92 -35.99 6.21 -7.39
C TRP H 92 -35.16 7.08 -6.46
N VAL H 93 -33.87 7.19 -6.77
CA VAL H 93 -32.99 8.13 -6.07
C VAL H 93 -32.31 8.99 -7.13
N PRO H 94 -31.90 10.20 -6.77
CA PRO H 94 -31.12 11.02 -7.73
C PRO H 94 -29.77 10.39 -8.03
N ASP H 95 -29.29 10.64 -9.24
CA ASP H 95 -28.01 10.10 -9.69
C ASP H 95 -26.85 11.02 -9.32
N THR H 96 -26.79 11.36 -8.04
CA THR H 96 -25.83 12.33 -7.55
C THR H 96 -24.44 11.69 -7.46
N TYR H 97 -23.46 12.37 -8.03
CA TYR H 97 -22.07 11.93 -7.93
C TYR H 97 -21.20 13.14 -7.64
N PHE H 98 -19.98 12.87 -7.19
CA PHE H 98 -18.99 13.94 -6.89
C PHE H 98 -18.03 14.03 -8.09
N LEU H 99 -18.05 15.18 -8.78
CA LEU H 99 -17.26 15.41 -10.01
C LEU H 99 -15.74 15.35 -9.76
N ASN H 100 -15.25 15.94 -8.66
CA ASN H 100 -13.79 15.96 -8.39
C ASN H 100 -13.36 14.74 -7.55
N ASP H 101 -14.33 13.89 -7.21
CA ASP H 101 -14.06 12.67 -6.39
C ASP H 101 -13.13 11.71 -7.14
N LYS H 102 -12.12 11.16 -6.46
CA LYS H 102 -11.18 10.19 -7.08
C LYS H 102 -11.60 8.77 -6.70
N LYS H 103 -11.84 8.52 -5.40
CA LYS H 103 -12.30 7.21 -4.90
C LYS H 103 -13.33 7.44 -3.80
N SER H 104 -14.44 6.70 -3.81
CA SER H 104 -15.50 6.93 -2.78
C SER H 104 -16.18 5.61 -2.42
N PHE H 105 -16.80 5.57 -1.24
CA PHE H 105 -17.60 4.40 -0.86
C PHE H 105 -18.62 4.82 0.18
N VAL H 106 -19.69 4.03 0.27
CA VAL H 106 -20.73 4.19 1.33
C VAL H 106 -20.40 3.11 2.37
N HIS H 107 -20.40 3.45 3.66
CA HIS H 107 -20.07 2.47 4.73
C HIS H 107 -21.11 1.34 4.75
N GLY H 108 -20.63 0.11 5.00
CA GLY H 108 -21.45 -1.12 4.99
C GLY H 108 -21.38 -1.93 6.28
N VAL H 109 -21.01 -1.29 7.39
CA VAL H 109 -21.02 -1.98 8.72
C VAL H 109 -21.89 -1.18 9.69
N THR H 110 -22.88 -1.80 10.35
CA THR H 110 -23.21 -3.25 10.24
C THR H 110 -24.06 -3.47 8.98
N VAL H 111 -24.91 -2.51 8.64
CA VAL H 111 -25.67 -2.52 7.41
C VAL H 111 -25.13 -1.41 6.55
N LYS H 112 -25.63 -1.27 5.32
CA LYS H 112 -25.26 -0.15 4.47
C LYS H 112 -25.73 1.15 5.11
N ASN H 113 -24.80 2.10 5.25
CA ASN H 113 -25.02 3.31 6.05
C ASN H 113 -25.92 4.28 5.29
N ARG H 114 -27.19 3.95 5.21
CA ARG H 114 -28.16 4.79 4.54
C ARG H 114 -29.46 4.81 5.32
N MET H 115 -30.28 5.81 5.03
CA MET H 115 -31.53 6.07 5.73
C MET H 115 -32.58 6.50 4.73
N ILE H 116 -33.77 5.89 4.82
CA ILE H 116 -34.94 6.33 4.08
C ILE H 116 -35.98 6.76 5.09
N ARG H 117 -36.42 8.01 5.00
CA ARG H 117 -37.50 8.52 5.83
C ARG H 117 -38.56 9.10 4.92
N LEU H 118 -39.76 8.53 4.96
CA LEU H 118 -40.86 9.00 4.15
C LEU H 118 -41.71 10.00 4.92
N HIS H 119 -42.46 10.80 4.17
CA HIS H 119 -43.34 11.83 4.70
C HIS H 119 -44.70 11.68 4.03
N PRO H 120 -45.79 12.12 4.68
CA PRO H 120 -47.13 11.89 4.11
C PRO H 120 -47.40 12.58 2.78
N ASP H 121 -46.74 13.70 2.50
CA ASP H 121 -46.91 14.35 1.21
C ASP H 121 -46.01 13.76 0.12
N GLY H 122 -45.20 12.76 0.45
CA GLY H 122 -44.30 12.15 -0.51
C GLY H 122 -42.87 12.64 -0.45
N THR H 123 -42.51 13.44 0.54
CA THR H 123 -41.14 13.92 0.67
C THR H 123 -40.25 12.80 1.16
N VAL H 124 -39.16 12.56 0.44
CA VAL H 124 -38.21 11.51 0.78
C VAL H 124 -36.95 12.14 1.35
N LEU H 125 -36.56 11.68 2.54
CA LEU H 125 -35.25 12.00 3.10
C LEU H 125 -34.35 10.78 2.88
N TYR H 126 -33.24 11.00 2.16
CA TYR H 126 -32.31 9.94 1.79
C TYR H 126 -30.93 10.36 2.23
N GLY H 127 -30.43 9.71 3.28
CA GLY H 127 -29.13 10.02 3.86
C GLY H 127 -28.12 8.96 3.49
N LEU H 128 -26.85 9.36 3.39
CA LEU H 128 -25.78 8.40 3.04
C LEU H 128 -24.50 8.79 3.78
N ARG H 129 -23.89 7.84 4.51
CA ARG H 129 -22.59 8.12 5.17
C ARG H 129 -21.52 7.81 4.12
N ILE H 130 -20.78 8.82 3.66
CA ILE H 130 -19.83 8.59 2.54
C ILE H 130 -18.43 9.10 2.88
N THR H 131 -17.42 8.28 2.59
CA THR H 131 -16.04 8.71 2.68
C THR H 131 -15.52 8.94 1.27
N THR H 132 -15.17 10.20 0.98
CA THR H 132 -14.74 10.57 -0.40
C THR H 132 -13.32 11.13 -0.42
N THR H 133 -12.47 10.57 -1.29
CA THR H 133 -11.14 11.17 -1.51
C THR H 133 -11.34 12.07 -2.73
N ALA H 134 -11.37 13.38 -2.52
CA ALA H 134 -11.64 14.33 -3.62
C ALA H 134 -10.36 15.03 -4.06
N ALA H 135 -10.24 15.29 -5.36
CA ALA H 135 -9.05 15.98 -5.86
C ALA H 135 -9.05 17.45 -5.44
N CYS H 136 -7.88 17.94 -5.06
CA CYS H 136 -7.69 19.35 -4.72
C CYS H 136 -6.36 19.79 -5.31
N MET H 137 -6.41 20.49 -6.44
CA MET H 137 -5.22 21.04 -7.05
C MET H 137 -4.68 22.18 -6.19
N MET H 138 -3.43 22.09 -5.79
CA MET H 138 -2.85 23.00 -4.81
C MET H 138 -1.80 23.89 -5.45
N ASP H 139 -1.87 25.18 -5.13
CA ASP H 139 -0.85 26.15 -5.53
C ASP H 139 0.20 26.18 -4.42
N LEU H 140 1.38 25.64 -4.70
CA LEU H 140 2.41 25.46 -3.69
C LEU H 140 3.55 26.47 -3.85
N ARG H 141 3.26 27.63 -4.44
CA ARG H 141 4.30 28.65 -4.63
C ARG H 141 4.70 29.29 -3.30
N ARG H 142 3.80 29.32 -2.33
CA ARG H 142 4.08 29.88 -1.02
C ARG H 142 4.13 28.81 0.07
N TYR H 143 4.34 27.56 -0.32
CA TYR H 143 4.41 26.46 0.63
C TYR H 143 5.64 26.59 1.51
N PRO H 144 5.53 26.41 2.85
CA PRO H 144 4.34 25.99 3.59
C PRO H 144 3.58 27.10 4.30
N LEU H 145 3.66 28.33 3.78
CA LEU H 145 2.90 29.46 4.32
C LEU H 145 1.74 29.80 3.40
N ASP H 146 1.11 28.79 2.83
CA ASP H 146 0.13 28.95 1.77
C ASP H 146 -1.29 28.70 2.27
N GLU H 147 -2.24 29.26 1.54
CA GLU H 147 -3.66 28.99 1.72
C GLU H 147 -4.16 28.19 0.53
N GLN H 148 -4.94 27.14 0.80
CA GLN H 148 -5.47 26.29 -0.25
C GLN H 148 -6.98 26.31 -0.24
N ASN H 149 -7.56 26.13 -1.42
CA ASN H 149 -9.01 26.12 -1.62
C ASN H 149 -9.38 24.77 -2.20
N CYS H 150 -9.94 23.91 -1.35
CA CYS H 150 -10.35 22.57 -1.73
C CYS H 150 -11.86 22.50 -1.82
N THR H 151 -12.37 22.01 -2.93
CA THR H 151 -13.80 22.02 -3.22
C THR H 151 -14.36 20.61 -3.24
N LEU H 152 -15.69 20.55 -3.18
CA LEU H 152 -16.44 19.32 -3.43
C LEU H 152 -17.54 19.65 -4.42
N GLU H 153 -17.44 19.09 -5.62
CA GLU H 153 -18.35 19.42 -6.72
C GLU H 153 -19.44 18.36 -6.80
N ILE H 154 -20.68 18.77 -6.58
CA ILE H 154 -21.83 17.88 -6.52
C ILE H 154 -22.65 18.10 -7.78
N GLU H 155 -22.87 17.03 -8.55
CA GLU H 155 -23.52 17.14 -9.84
C GLU H 155 -24.45 15.96 -10.06
N SER H 156 -25.47 16.18 -10.90
CA SER H 156 -26.29 15.10 -11.41
C SER H 156 -25.61 14.47 -12.62
N TYR H 157 -25.62 13.14 -12.68
CA TYR H 157 -24.86 12.47 -13.73
C TYR H 157 -25.58 12.48 -15.06
N GLY H 158 -26.82 12.00 -15.09
CA GLY H 158 -27.50 11.81 -16.36
C GLY H 158 -28.66 12.75 -16.60
N TYR H 159 -29.27 13.23 -15.53
CA TYR H 159 -30.41 14.12 -15.64
C TYR H 159 -29.93 15.56 -15.81
N THR H 160 -30.45 16.23 -16.83
CA THR H 160 -30.12 17.62 -17.09
C THR H 160 -30.97 18.53 -16.19
N THR H 161 -30.86 19.85 -16.40
CA THR H 161 -31.66 20.80 -15.63
C THR H 161 -33.12 20.78 -16.04
N ASP H 162 -33.44 20.19 -17.19
CA ASP H 162 -34.84 19.96 -17.56
C ASP H 162 -35.48 18.88 -16.70
N ASP H 163 -34.67 18.00 -16.11
CA ASP H 163 -35.24 16.90 -15.29
C ASP H 163 -34.93 17.04 -13.79
N ILE H 164 -33.79 17.63 -13.43
CA ILE H 164 -33.41 17.72 -11.98
C ILE H 164 -32.82 19.11 -11.65
N GLU H 165 -33.24 19.69 -10.53
CA GLU H 165 -32.69 20.99 -10.05
C GLU H 165 -32.12 20.79 -8.64
N PHE H 166 -30.89 21.24 -8.40
CA PHE H 166 -30.24 21.14 -7.10
C PHE H 166 -30.37 22.45 -6.35
N TYR H 167 -30.44 22.36 -5.03
CA TYR H 167 -30.33 23.53 -4.17
C TYR H 167 -29.81 23.10 -2.81
N TRP H 168 -29.13 24.02 -2.14
CA TRP H 168 -28.72 23.81 -0.77
C TRP H 168 -29.91 24.01 0.16
N ARG H 169 -30.35 22.94 0.82
CA ARG H 169 -31.52 23.00 1.67
C ARG H 169 -31.17 23.66 2.99
N GLY H 170 -31.66 24.88 3.19
CA GLY H 170 -31.31 25.68 4.35
C GLY H 170 -30.41 26.86 4.04
N GLY H 171 -30.09 27.10 2.77
CA GLY H 171 -29.27 28.22 2.39
C GLY H 171 -27.81 28.03 2.75
N ASP H 172 -27.28 28.92 3.58
CA ASP H 172 -25.90 28.81 4.04
C ASP H 172 -25.76 27.93 5.27
N LYS H 173 -26.85 27.53 5.89
CA LYS H 173 -26.85 26.57 6.98
C LYS H 173 -27.00 25.13 6.50
N ALA H 174 -26.85 24.89 5.19
CA ALA H 174 -27.03 23.55 4.66
C ALA H 174 -25.85 22.64 4.95
N VAL H 175 -24.69 23.19 5.29
CA VAL H 175 -23.52 22.38 5.62
C VAL H 175 -23.15 22.66 7.07
N THR H 176 -23.19 21.63 7.89
CA THR H 176 -22.82 21.69 9.29
C THR H 176 -21.61 20.81 9.54
N GLY H 177 -21.01 20.98 10.72
CA GLY H 177 -19.87 20.18 11.10
C GLY H 177 -18.54 20.66 10.57
N VAL H 178 -18.43 21.92 10.18
CA VAL H 178 -17.16 22.45 9.72
C VAL H 178 -16.22 22.68 10.92
N GLU H 179 -16.80 22.96 12.09
CA GLU H 179 -16.01 23.05 13.32
C GLU H 179 -15.56 21.69 13.83
N ARG H 180 -16.15 20.61 13.31
CA ARG H 180 -15.76 19.25 13.69
C ARG H 180 -14.46 18.83 13.02
N ILE H 181 -14.03 19.55 11.99
CA ILE H 181 -12.82 19.20 11.24
C ILE H 181 -11.60 19.51 12.11
N GLU H 182 -10.81 18.48 12.39
CA GLU H 182 -9.59 18.60 13.20
C GLU H 182 -8.41 18.08 12.36
N LEU H 183 -7.85 18.97 11.57
CA LEU H 183 -6.59 18.68 10.89
C LEU H 183 -5.45 19.26 11.71
N PRO H 184 -4.36 18.51 11.93
CA PRO H 184 -3.26 19.07 12.74
C PRO H 184 -2.50 20.17 12.05
N GLN H 185 -2.24 20.05 10.74
CA GLN H 185 -1.46 21.05 10.02
C GLN H 185 -2.33 22.05 9.26
N PHE H 186 -3.63 22.07 9.51
CA PHE H 186 -4.52 22.98 8.80
C PHE H 186 -5.56 23.55 9.75
N SER H 187 -6.10 24.70 9.37
CA SER H 187 -7.25 25.30 10.04
C SER H 187 -8.21 25.83 8.99
N ILE H 188 -9.50 25.61 9.22
CA ILE H 188 -10.53 26.05 8.28
C ILE H 188 -10.75 27.54 8.48
N VAL H 189 -10.45 28.33 7.46
CA VAL H 189 -10.70 29.77 7.51
C VAL H 189 -12.15 30.08 7.19
N GLU H 190 -12.65 29.53 6.08
CA GLU H 190 -13.97 29.87 5.58
C GLU H 190 -14.48 28.70 4.76
N HIS H 191 -15.81 28.53 4.73
CA HIS H 191 -16.46 27.62 3.81
C HIS H 191 -17.59 28.35 3.10
N ARG H 192 -17.80 28.00 1.83
CA ARG H 192 -18.78 28.65 0.99
C ARG H 192 -19.64 27.61 0.28
N LEU H 193 -20.83 28.04 -0.13
CA LEU H 193 -21.78 27.21 -0.85
C LEU H 193 -22.16 27.88 -2.16
N VAL H 194 -21.92 27.19 -3.27
CA VAL H 194 -22.16 27.73 -4.61
C VAL H 194 -23.16 26.82 -5.32
N SER H 195 -24.13 27.43 -5.99
CA SER H 195 -25.08 26.72 -6.83
C SER H 195 -24.93 27.22 -8.27
N ARG H 196 -24.70 26.30 -9.20
CA ARG H 196 -24.46 26.66 -10.59
C ARG H 196 -25.25 25.76 -11.52
N ASN H 197 -25.22 26.10 -12.81
CA ASN H 197 -25.58 25.20 -13.89
C ASN H 197 -24.37 25.09 -14.81
N VAL H 198 -23.96 23.86 -15.10
CA VAL H 198 -22.77 23.59 -15.91
C VAL H 198 -23.23 22.95 -17.21
N VAL H 199 -22.85 23.55 -18.33
CA VAL H 199 -23.28 23.12 -19.66
C VAL H 199 -22.22 22.22 -20.26
N PHE H 200 -22.62 21.03 -20.69
CA PHE H 200 -21.75 20.10 -21.40
C PHE H 200 -22.27 19.91 -22.82
N ALA H 201 -21.68 18.95 -23.53
CA ALA H 201 -22.17 18.61 -24.86
C ALA H 201 -23.52 17.89 -24.79
N THR H 202 -23.80 17.21 -23.68
CA THR H 202 -25.04 16.49 -23.49
C THR H 202 -26.13 17.33 -22.84
N GLY H 203 -25.83 18.55 -22.40
CA GLY H 203 -26.81 19.44 -21.86
C GLY H 203 -26.27 20.20 -20.67
N ALA H 204 -27.15 20.97 -20.03
CA ALA H 204 -26.80 21.73 -18.83
C ALA H 204 -27.17 20.92 -17.60
N TYR H 205 -26.26 20.89 -16.62
CA TYR H 205 -26.44 20.04 -15.46
C TYR H 205 -26.41 20.87 -14.18
N PRO H 206 -27.23 20.51 -13.18
CA PRO H 206 -27.20 21.26 -11.92
C PRO H 206 -25.95 20.95 -11.11
N ARG H 207 -25.41 21.97 -10.47
CA ARG H 207 -24.13 21.87 -9.77
C ARG H 207 -24.23 22.54 -8.41
N LEU H 208 -23.82 21.81 -7.37
CA LEU H 208 -23.60 22.38 -6.04
C LEU H 208 -22.13 22.26 -5.70
N SER H 209 -21.57 23.31 -5.11
CA SER H 209 -20.16 23.33 -4.75
C SER H 209 -20.00 23.67 -3.29
N LEU H 210 -19.23 22.87 -2.58
CA LEU H 210 -18.81 23.14 -1.20
C LEU H 210 -17.30 23.28 -1.20
N SER H 211 -16.80 24.47 -0.91
CA SER H 211 -15.38 24.75 -0.90
C SER H 211 -14.93 25.16 0.50
N PHE H 212 -13.70 24.79 0.85
CA PHE H 212 -13.09 25.17 2.11
C PHE H 212 -11.81 25.93 1.83
N ARG H 213 -11.50 26.90 2.69
CA ARG H 213 -10.21 27.58 2.65
C ARG H 213 -9.34 27.04 3.78
N LEU H 214 -8.22 26.45 3.42
CA LEU H 214 -7.33 25.78 4.35
C LEU H 214 -6.07 26.61 4.53
N LYS H 215 -5.82 27.07 5.77
CA LYS H 215 -4.59 27.77 6.11
C LYS H 215 -3.66 26.79 6.80
N ARG H 216 -2.45 26.65 6.26
CA ARG H 216 -1.48 25.71 6.80
C ARG H 216 -0.83 26.25 8.07
N ASN H 217 -0.62 25.37 9.04
CA ASN H 217 0.06 25.72 10.28
C ASN H 217 1.57 25.60 10.08
N ILE H 218 2.30 26.64 10.48
CA ILE H 218 3.74 26.70 10.25
C ILE H 218 4.53 25.93 11.30
N GLY H 219 3.89 25.48 12.38
CA GLY H 219 4.62 25.00 13.55
C GLY H 219 5.36 23.70 13.33
N TYR H 220 4.84 22.85 12.43
CA TYR H 220 5.56 21.62 12.11
C TYR H 220 6.80 21.89 11.28
N PHE H 221 6.71 22.83 10.34
CA PHE H 221 7.80 23.08 9.41
C PHE H 221 8.92 23.91 10.03
N ILE H 222 8.65 24.61 11.13
CA ILE H 222 9.71 25.23 11.91
C ILE H 222 10.61 24.15 12.50
N LEU H 223 10.00 23.22 13.26
CA LEU H 223 10.78 22.14 13.90
C LEU H 223 11.41 21.23 12.85
N GLN H 224 10.63 20.86 11.83
CA GLN H 224 11.02 19.91 10.74
C GLN H 224 12.14 20.43 9.82
N THR H 225 12.11 21.69 9.38
CA THR H 225 13.13 22.17 8.40
C THR H 225 13.77 23.51 8.75
N TYR H 226 12.96 24.53 9.08
CA TYR H 226 13.48 25.88 9.27
C TYR H 226 14.52 25.94 10.37
N MET H 227 14.19 25.44 11.57
CA MET H 227 15.15 25.45 12.67
C MET H 227 16.36 24.53 12.46
N PRO H 228 16.27 23.35 11.82
CA PRO H 228 17.52 22.67 11.42
C PRO H 228 18.37 23.46 10.44
N SER H 229 17.77 24.21 9.53
CA SER H 229 18.56 24.97 8.57
C SER H 229 19.18 26.22 9.18
N ILE H 230 18.55 26.77 10.22
CA ILE H 230 19.15 27.90 10.92
C ILE H 230 20.37 27.46 11.71
N LEU H 231 20.28 26.30 12.38
CA LEU H 231 21.35 25.85 13.25
C LEU H 231 22.56 25.35 12.48
N ILE H 232 22.37 24.91 11.24
CA ILE H 232 23.52 24.56 10.40
C ILE H 232 24.22 25.82 9.90
N THR H 233 23.46 26.89 9.65
CA THR H 233 24.05 28.16 9.23
C THR H 233 24.84 28.80 10.36
N ILE H 234 24.34 28.70 11.60
CA ILE H 234 25.09 29.17 12.76
C ILE H 234 26.32 28.29 12.99
N LEU H 235 26.21 27.00 12.67
CA LEU H 235 27.34 26.08 12.79
C LEU H 235 28.47 26.43 11.83
N SER H 236 28.15 27.02 10.67
CA SER H 236 29.18 27.44 9.73
C SER H 236 29.88 28.72 10.17
N TRP H 237 29.31 29.47 11.11
CA TRP H 237 29.95 30.68 11.63
C TRP H 237 30.94 30.38 12.74
N VAL H 238 30.96 29.14 13.24
CA VAL H 238 31.92 28.72 14.26
C VAL H 238 33.33 28.73 13.68
N SER H 239 33.45 28.52 12.36
CA SER H 239 34.75 28.52 11.69
C SER H 239 35.43 29.88 11.74
N PHE H 240 34.67 30.97 11.86
CA PHE H 240 35.25 32.31 11.88
C PHE H 240 36.03 32.60 13.15
N TRP H 241 35.68 31.95 14.26
CA TRP H 241 36.41 32.13 15.52
C TRP H 241 37.57 31.16 15.68
N ILE H 242 37.71 30.19 14.78
CA ILE H 242 38.83 29.25 14.82
C ILE H 242 40.00 29.86 14.05
N ASN H 243 41.21 29.65 14.56
CA ASN H 243 42.43 30.16 13.94
C ASN H 243 42.62 29.58 12.55
N TYR H 244 43.17 30.40 11.65
CA TYR H 244 43.28 30.01 10.24
C TYR H 244 44.34 28.94 9.99
N ASP H 245 45.21 28.64 10.96
CA ASP H 245 46.13 27.53 10.82
C ASP H 245 45.40 26.19 10.87
N ALA H 246 44.26 26.13 11.54
CA ALA H 246 43.45 24.91 11.63
C ALA H 246 42.73 24.71 10.30
N SER H 247 43.47 24.19 9.33
CA SER H 247 42.92 24.03 7.98
C SER H 247 41.96 22.86 7.91
N ALA H 248 42.31 21.74 8.55
CA ALA H 248 41.43 20.57 8.53
C ALA H 248 40.19 20.80 9.39
N ALA H 249 40.26 21.68 10.39
CA ALA H 249 39.10 21.95 11.23
C ALA H 249 38.12 22.92 10.57
N ARG H 250 38.62 23.89 9.81
CA ARG H 250 37.73 24.88 9.20
C ARG H 250 37.18 24.45 7.85
N VAL H 251 37.89 23.57 7.14
CA VAL H 251 37.36 23.02 5.90
C VAL H 251 36.27 22.00 6.19
N ALA H 252 36.47 21.17 7.23
CA ALA H 252 35.46 20.18 7.62
C ALA H 252 34.21 20.85 8.17
N LEU H 253 34.34 22.04 8.77
CA LEU H 253 33.16 22.83 9.11
C LEU H 253 32.46 23.34 7.86
N GLY H 254 33.23 23.71 6.83
CA GLY H 254 32.63 24.14 5.59
C GLY H 254 32.08 23.00 4.76
N ILE H 255 32.66 21.80 4.90
CA ILE H 255 32.18 20.65 4.14
C ILE H 255 30.85 20.17 4.71
N THR H 256 30.79 19.96 6.02
CA THR H 256 29.66 19.26 6.61
C THR H 256 28.42 20.16 6.70
N THR H 257 28.62 21.48 6.73
CA THR H 257 27.47 22.37 6.70
C THR H 257 26.91 22.50 5.29
N VAL H 258 27.75 22.36 4.26
CA VAL H 258 27.28 22.40 2.89
C VAL H 258 26.57 21.09 2.53
N LEU H 259 27.12 19.96 2.97
CA LEU H 259 26.52 18.65 2.68
C LEU H 259 25.22 18.43 3.45
N THR H 260 25.08 19.01 4.65
CA THR H 260 23.83 18.86 5.38
C THR H 260 22.70 19.64 4.72
N MET H 261 23.01 20.78 4.10
CA MET H 261 22.00 21.54 3.36
C MET H 261 21.53 20.79 2.12
N THR H 262 22.38 19.94 1.55
CA THR H 262 21.96 19.12 0.43
C THR H 262 21.05 17.99 0.87
N THR H 263 21.28 17.43 2.06
CA THR H 263 20.42 16.37 2.56
C THR H 263 19.08 16.89 3.05
N ILE H 264 19.04 18.13 3.55
CA ILE H 264 17.77 18.73 3.93
C ILE H 264 16.94 19.07 2.69
N ASN H 265 17.62 19.50 1.62
CA ASN H 265 16.91 19.90 0.40
C ASN H 265 16.33 18.69 -0.33
N THR H 266 17.11 17.61 -0.42
CA THR H 266 16.64 16.38 -1.10
C THR H 266 15.45 15.80 -0.32
N HIS H 267 15.54 15.81 1.01
CA HIS H 267 14.50 15.26 1.90
C HIS H 267 13.19 16.06 1.76
N LEU H 268 13.29 17.38 1.63
CA LEU H 268 12.11 18.28 1.53
C LEU H 268 11.30 17.93 0.27
N ARG H 269 11.98 17.64 -0.84
CA ARG H 269 11.32 17.33 -2.13
C ARG H 269 10.45 16.07 -2.00
N GLU H 270 10.91 15.08 -1.22
CA GLU H 270 10.18 13.83 -1.07
C GLU H 270 8.76 14.06 -0.56
N THR H 271 8.56 15.09 0.26
CA THR H 271 7.27 15.40 0.83
C THR H 271 6.39 16.23 -0.10
N LEU H 272 6.86 16.54 -1.30
CA LEU H 272 6.18 17.41 -2.23
C LEU H 272 6.01 16.71 -3.58
N PRO H 273 5.01 17.09 -4.37
CA PRO H 273 4.93 16.58 -5.74
C PRO H 273 6.00 17.20 -6.62
N LYS H 274 6.15 16.63 -7.81
CA LYS H 274 7.21 17.05 -8.73
C LYS H 274 6.75 18.27 -9.53
N ILE H 275 6.70 19.39 -8.82
CA ILE H 275 6.28 20.67 -9.40
C ILE H 275 7.49 21.33 -10.04
N PRO H 276 7.32 22.05 -11.15
CA PRO H 276 8.47 22.67 -11.82
C PRO H 276 8.91 23.99 -11.21
N TYR H 277 8.11 24.58 -10.32
CA TYR H 277 8.43 25.88 -9.77
C TYR H 277 9.07 25.75 -8.38
N VAL H 278 9.35 26.90 -7.78
CA VAL H 278 10.09 27.00 -6.53
C VAL H 278 9.11 27.40 -5.43
N THR H 279 9.12 26.66 -4.32
CA THR H 279 8.26 26.96 -3.19
C THR H 279 8.94 27.97 -2.27
N ALA H 280 8.25 28.32 -1.17
CA ALA H 280 8.81 29.29 -0.24
C ALA H 280 9.89 28.67 0.64
N ILE H 281 9.73 27.39 1.00
CA ILE H 281 10.75 26.70 1.77
C ILE H 281 11.95 26.38 0.89
N ASP H 282 11.77 26.25 -0.42
CA ASP H 282 12.90 26.10 -1.33
C ASP H 282 13.72 27.39 -1.42
N MET H 283 13.05 28.54 -1.36
CA MET H 283 13.77 29.81 -1.36
C MET H 283 14.56 30.01 -0.07
N TYR H 284 14.11 29.43 1.03
CA TYR H 284 14.84 29.57 2.29
C TYR H 284 16.05 28.65 2.32
N LEU H 285 15.93 27.44 1.75
CA LEU H 285 17.05 26.51 1.76
C LEU H 285 18.12 26.92 0.77
N MET H 286 17.71 27.47 -0.38
CA MET H 286 18.69 27.99 -1.34
C MET H 286 19.35 29.26 -0.82
N GLY H 287 18.62 30.03 0.00
CA GLY H 287 19.26 31.16 0.68
C GLY H 287 20.20 30.71 1.76
N CYS H 288 19.84 29.65 2.50
CA CYS H 288 20.72 29.14 3.54
C CYS H 288 21.93 28.40 2.95
N PHE H 289 21.79 27.87 1.74
CA PHE H 289 22.94 27.24 1.08
C PHE H 289 23.98 28.26 0.68
N VAL H 290 23.55 29.47 0.31
CA VAL H 290 24.49 30.52 -0.09
C VAL H 290 25.31 30.98 1.11
N PHE H 291 24.70 31.02 2.30
CA PHE H 291 25.40 31.46 3.50
C PHE H 291 26.44 30.45 3.96
N VAL H 292 26.14 29.15 3.83
CA VAL H 292 27.11 28.14 4.25
C VAL H 292 28.15 27.88 3.17
N PHE H 293 27.87 28.21 1.91
CA PHE H 293 28.87 28.05 0.86
C PHE H 293 29.85 29.20 0.86
N LEU H 294 29.38 30.42 1.14
CA LEU H 294 30.26 31.57 1.24
C LEU H 294 31.09 31.55 2.52
N ALA H 295 30.66 30.78 3.53
CA ALA H 295 31.47 30.64 4.73
C ALA H 295 32.69 29.75 4.48
N LEU H 296 32.55 28.74 3.61
CA LEU H 296 33.70 27.94 3.23
C LEU H 296 34.57 28.67 2.22
N LEU H 297 33.96 29.44 1.31
CA LEU H 297 34.72 30.28 0.39
C LEU H 297 35.43 31.41 1.11
N GLU H 298 34.96 31.82 2.29
CA GLU H 298 35.66 32.82 3.07
C GLU H 298 36.99 32.27 3.60
N TYR H 299 37.00 31.00 4.02
CA TYR H 299 38.25 30.42 4.48
C TYR H 299 39.19 30.14 3.32
N ALA H 300 38.65 29.73 2.17
CA ALA H 300 39.48 29.47 1.00
C ALA H 300 40.14 30.74 0.47
N PHE H 301 39.54 31.90 0.74
CA PHE H 301 40.22 33.16 0.47
C PHE H 301 41.19 33.51 1.59
N VAL H 302 40.86 33.13 2.82
CA VAL H 302 41.76 33.38 3.95
C VAL H 302 42.97 32.47 3.88
N ASN H 303 42.76 31.18 3.58
CA ASN H 303 43.86 30.23 3.40
C ASN H 303 44.74 30.58 2.21
N TYR H 304 44.21 31.30 1.23
CA TYR H 304 44.99 31.68 0.05
C TYR H 304 45.94 32.84 0.34
N ILE H 305 45.64 33.68 1.33
CA ILE H 305 46.39 34.91 1.55
C ILE H 305 47.04 34.99 2.92
N PHE H 306 46.85 34.01 3.81
CA PHE H 306 47.35 34.16 5.16
C PHE H 306 48.85 33.91 5.29
N PHE H 307 49.52 33.49 4.23
CA PHE H 307 50.98 33.41 4.27
C PHE H 307 51.61 34.76 3.93
N SER H 308 51.17 35.39 2.85
CA SER H 308 51.75 36.66 2.43
C SER H 308 51.16 37.83 3.22
N GLN H 309 49.85 37.83 3.42
CA GLN H 309 49.15 38.91 4.12
C GLN H 309 48.44 38.34 5.34
N PRO H 310 49.14 38.17 6.46
CA PRO H 310 48.48 37.65 7.66
C PRO H 310 47.60 38.65 8.36
N ALA H 311 47.87 39.95 8.22
CA ALA H 311 47.02 40.96 8.84
C ALA H 311 45.72 41.16 8.05
N ARG H 312 45.76 40.99 6.73
CA ARG H 312 44.55 41.08 5.93
C ARG H 312 43.64 39.88 6.17
N ALA H 313 44.24 38.69 6.31
CA ALA H 313 43.44 37.48 6.56
C ALA H 313 42.86 37.47 7.96
N ALA H 314 43.53 38.11 8.92
CA ALA H 314 42.94 38.25 10.25
C ALA H 314 41.83 39.28 10.26
N ALA H 315 41.85 40.24 9.33
CA ALA H 315 40.80 41.23 9.24
C ALA H 315 39.54 40.64 8.62
N ILE H 316 39.68 39.74 7.65
CA ILE H 316 38.53 39.11 7.01
C ILE H 316 37.81 38.18 7.98
N ASP H 317 38.57 37.49 8.84
CA ASP H 317 37.96 36.67 9.88
C ASP H 317 37.22 37.51 10.91
N ARG H 318 37.76 38.68 11.23
CA ARG H 318 37.06 39.59 12.14
C ARG H 318 35.86 40.23 11.46
N TRP H 319 35.96 40.51 10.16
CA TRP H 319 34.85 41.09 9.41
C TRP H 319 33.71 40.08 9.24
N SER H 320 34.03 38.80 9.08
CA SER H 320 33.01 37.79 8.86
C SER H 320 32.28 37.40 10.14
N ARG H 321 32.84 37.69 11.31
CA ARG H 321 32.18 37.37 12.56
C ARG H 321 30.95 38.24 12.82
N ILE H 322 30.87 39.40 12.19
CA ILE H 322 29.73 40.30 12.40
C ILE H 322 28.90 40.50 11.15
N VAL H 323 29.44 40.25 9.96
CA VAL H 323 28.68 40.45 8.73
C VAL H 323 27.80 39.25 8.42
N PHE H 324 28.32 38.04 8.62
CA PHE H 324 27.53 36.82 8.40
C PHE H 324 26.33 36.67 9.34
N PRO H 325 26.37 37.00 10.65
CA PRO H 325 25.11 37.01 11.40
C PRO H 325 24.21 38.19 11.05
N PHE H 326 24.75 39.31 10.59
CA PHE H 326 23.93 40.46 10.25
C PHE H 326 23.19 40.26 8.94
N THR H 327 23.86 39.69 7.93
CA THR H 327 23.21 39.45 6.64
C THR H 327 22.18 38.33 6.74
N PHE H 328 22.40 37.36 7.63
CA PHE H 328 21.42 36.30 7.82
C PHE H 328 20.21 36.78 8.60
N SER H 329 20.39 37.72 9.51
CA SER H 329 19.25 38.35 10.15
C SER H 329 18.51 39.26 9.19
N LEU H 330 19.22 39.88 8.24
CA LEU H 330 18.56 40.66 7.20
C LEU H 330 17.87 39.76 6.19
N PHE H 331 18.43 38.57 5.94
CA PHE H 331 17.78 37.62 5.05
C PHE H 331 16.50 37.08 5.66
N ASN H 332 16.51 36.80 6.96
CA ASN H 332 15.30 36.33 7.63
C ASN H 332 14.27 37.44 7.78
N LEU H 333 14.71 38.69 7.83
CA LEU H 333 13.78 39.81 7.93
C LEU H 333 13.03 40.03 6.62
N VAL H 334 13.72 39.94 5.49
CA VAL H 334 13.07 40.09 4.19
C VAL H 334 12.21 38.87 3.88
N TYR H 335 12.64 37.68 4.32
CA TYR H 335 11.90 36.45 4.02
C TYR H 335 10.59 36.40 4.81
N TRP H 336 10.67 36.54 6.14
CA TRP H 336 9.49 36.32 6.98
C TRP H 336 8.51 37.48 6.94
N LEU H 337 8.89 38.64 6.39
CA LEU H 337 7.92 39.71 6.17
C LEU H 337 7.30 39.64 4.78
N TYR H 338 7.86 38.84 3.87
CA TYR H 338 7.28 38.67 2.55
C TYR H 338 6.23 37.56 2.52
N TYR H 339 6.42 36.52 3.33
CA TYR H 339 5.52 35.37 3.28
C TYR H 339 4.51 35.32 4.42
N VAL H 340 4.70 36.09 5.49
CA VAL H 340 3.73 36.13 6.57
C VAL H 340 2.88 37.40 6.45
N ASN I 8 -36.77 -33.97 14.37
CA ASN I 8 -37.84 -33.65 13.44
C ASN I 8 -37.54 -32.33 12.74
N MET I 9 -37.34 -32.39 11.42
CA MET I 9 -36.97 -31.22 10.63
C MET I 9 -38.12 -30.69 9.78
N SER I 10 -39.16 -31.49 9.55
CA SER I 10 -40.27 -31.03 8.72
C SER I 10 -41.18 -30.07 9.47
N PHE I 11 -41.40 -30.32 10.78
CA PHE I 11 -42.23 -29.43 11.58
C PHE I 11 -41.53 -28.11 11.85
N VAL I 12 -40.21 -28.12 12.00
CA VAL I 12 -39.46 -26.88 12.19
C VAL I 12 -39.42 -26.07 10.89
N LYS I 13 -39.35 -26.76 9.75
CA LYS I 13 -39.39 -26.08 8.46
C LYS I 13 -40.75 -25.42 8.22
N GLU I 14 -41.82 -26.05 8.70
CA GLU I 14 -43.13 -25.40 8.66
C GLU I 14 -43.23 -24.27 9.67
N THR I 15 -42.46 -24.35 10.75
CA THR I 15 -42.49 -23.30 11.78
C THR I 15 -41.74 -22.06 11.32
N VAL I 16 -40.56 -22.23 10.72
CA VAL I 16 -39.79 -21.08 10.26
C VAL I 16 -40.42 -20.45 9.02
N ASP I 17 -41.05 -21.26 8.16
CA ASP I 17 -41.79 -20.71 7.03
C ASP I 17 -43.04 -19.97 7.49
N LYS I 18 -43.60 -20.34 8.63
CA LYS I 18 -44.72 -19.58 9.19
C LYS I 18 -44.27 -18.24 9.73
N LEU I 19 -43.04 -18.17 10.28
CA LEU I 19 -42.53 -16.92 10.82
C LEU I 19 -42.20 -15.92 9.73
N LEU I 20 -41.74 -16.38 8.58
CA LEU I 20 -41.28 -15.49 7.51
C LEU I 20 -42.34 -15.21 6.46
N LYS I 21 -43.49 -15.87 6.53
CA LYS I 21 -44.58 -15.59 5.61
C LYS I 21 -45.32 -14.34 6.07
N GLY I 22 -45.41 -13.35 5.21
CA GLY I 22 -45.96 -12.07 5.59
C GLY I 22 -45.03 -11.20 6.42
N TYR I 23 -43.75 -11.55 6.49
CA TYR I 23 -42.78 -10.77 7.25
C TYR I 23 -42.26 -9.63 6.37
N ASP I 24 -42.44 -8.39 6.83
CA ASP I 24 -41.96 -7.22 6.12
C ASP I 24 -40.64 -6.78 6.76
N ILE I 25 -39.55 -6.89 6.00
CA ILE I 25 -38.25 -6.47 6.50
C ILE I 25 -38.14 -4.95 6.57
N ARG I 26 -39.01 -4.23 5.88
CA ARG I 26 -38.97 -2.78 5.87
C ARG I 26 -39.46 -2.16 7.17
N LEU I 27 -40.11 -2.92 8.04
CA LEU I 27 -40.71 -2.40 9.26
C LEU I 27 -39.98 -2.96 10.47
N ARG I 28 -39.69 -2.09 11.44
CA ARG I 28 -39.10 -2.51 12.70
C ARG I 28 -40.13 -3.22 13.56
N PRO I 29 -39.70 -4.00 14.55
CA PRO I 29 -40.65 -4.53 15.54
C PRO I 29 -41.33 -3.42 16.32
N ASP I 30 -42.64 -3.61 16.55
CA ASP I 30 -43.54 -2.62 17.16
C ASP I 30 -43.49 -1.30 16.39
N PHE I 31 -43.65 -1.40 15.07
CA PHE I 31 -43.66 -0.21 14.21
C PHE I 31 -44.89 0.64 14.51
N GLY I 32 -44.65 1.93 14.75
CA GLY I 32 -45.71 2.82 15.17
C GLY I 32 -46.05 2.75 16.63
N GLY I 33 -45.29 2.00 17.43
CA GLY I 33 -45.54 1.89 18.85
C GLY I 33 -44.34 2.32 19.68
N PRO I 34 -44.09 1.69 20.83
CA PRO I 34 -42.94 2.04 21.66
C PRO I 34 -41.64 1.60 20.99
N PRO I 35 -40.49 2.26 21.22
CA PRO I 35 -39.23 1.87 20.60
C PRO I 35 -38.73 0.48 21.02
N VAL I 36 -38.17 -0.26 20.07
CA VAL I 36 -37.59 -1.57 20.31
C VAL I 36 -36.23 -1.39 20.98
N CYS I 37 -36.05 -2.01 22.14
CA CYS I 37 -34.80 -1.92 22.87
C CYS I 37 -33.80 -2.93 22.31
N VAL I 38 -32.62 -2.44 21.96
CA VAL I 38 -31.55 -3.28 21.42
C VAL I 38 -30.43 -3.36 22.44
N GLY I 39 -30.17 -4.56 22.95
CA GLY I 39 -29.10 -4.78 23.90
C GLY I 39 -27.84 -5.27 23.19
N MET I 40 -26.71 -4.72 23.59
CA MET I 40 -25.46 -4.92 22.87
C MET I 40 -24.38 -5.49 23.77
N ASN I 41 -23.68 -6.50 23.27
CA ASN I 41 -22.50 -7.06 23.90
C ASN I 41 -21.35 -7.03 22.89
N ILE I 42 -20.15 -6.78 23.39
CA ILE I 42 -18.95 -6.79 22.56
C ILE I 42 -17.93 -7.72 23.19
N ASP I 43 -17.47 -8.69 22.39
CA ASP I 43 -16.37 -9.58 22.83
C ASP I 43 -15.17 -9.13 22.00
N ILE I 44 -14.21 -8.43 22.61
CA ILE I 44 -13.04 -7.93 21.85
C ILE I 44 -12.08 -9.09 21.56
N ALA I 45 -11.77 -9.28 20.29
CA ALA I 45 -10.81 -10.28 19.84
C ALA I 45 -9.38 -9.75 19.95
N SER I 46 -9.11 -8.59 19.35
CA SER I 46 -7.78 -8.01 19.35
C SER I 46 -7.86 -6.53 19.00
N ILE I 47 -6.81 -5.81 19.39
CA ILE I 47 -6.49 -4.50 18.83
C ILE I 47 -5.15 -4.67 18.11
N ASP I 48 -5.19 -4.64 16.78
CA ASP I 48 -3.99 -4.97 16.00
C ASP I 48 -3.01 -3.81 15.95
N MET I 49 -3.44 -2.66 15.45
CA MET I 49 -2.59 -1.51 15.28
C MET I 49 -3.15 -0.33 16.05
N VAL I 50 -2.25 0.53 16.53
CA VAL I 50 -2.57 1.86 17.02
C VAL I 50 -1.59 2.80 16.32
N SER I 51 -2.10 3.61 15.39
CA SER I 51 -1.28 4.47 14.56
C SER I 51 -1.37 5.91 15.04
N GLU I 52 -0.21 6.53 15.28
CA GLU I 52 -0.20 7.93 15.65
C GLU I 52 -0.27 8.84 14.44
N VAL I 53 0.31 8.40 13.32
CA VAL I 53 0.35 9.21 12.11
C VAL I 53 -1.04 9.34 11.50
N ASN I 54 -1.78 8.25 11.43
CA ASN I 54 -3.13 8.28 10.90
C ASN I 54 -4.18 8.57 11.97
N MET I 55 -3.77 8.55 13.25
CA MET I 55 -4.64 8.81 14.41
C MET I 55 -5.85 7.88 14.43
N ASP I 56 -5.57 6.58 14.39
CA ASP I 56 -6.65 5.56 14.38
C ASP I 56 -6.09 4.23 14.92
N TYR I 57 -6.99 3.29 15.22
CA TYR I 57 -6.59 1.95 15.74
C TYR I 57 -7.49 0.91 15.05
N THR I 58 -6.97 -0.30 14.84
CA THR I 58 -7.77 -1.38 14.20
C THR I 58 -8.28 -2.31 15.30
N LEU I 59 -9.60 -2.52 15.35
CA LEU I 59 -10.20 -3.38 16.40
C LEU I 59 -11.01 -4.52 15.77
N THR I 60 -10.80 -5.74 16.28
CA THR I 60 -11.56 -6.94 15.82
C THR I 60 -12.42 -7.36 17.02
N MET I 61 -13.74 -7.53 16.82
CA MET I 61 -14.61 -7.87 17.96
C MET I 61 -15.81 -8.69 17.52
N TYR I 62 -16.47 -9.35 18.47
CA TYR I 62 -17.73 -10.08 18.23
C TYR I 62 -18.84 -9.14 18.69
N PHE I 63 -19.59 -8.58 17.73
CA PHE I 63 -20.62 -7.59 18.02
C PHE I 63 -21.97 -8.29 18.05
N GLN I 64 -22.55 -8.40 19.24
CA GLN I 64 -23.82 -9.09 19.46
C GLN I 64 -24.93 -8.09 19.74
N GLN I 65 -26.09 -8.30 19.12
CA GLN I 65 -27.25 -7.45 19.32
C GLN I 65 -28.44 -8.31 19.72
N TYR I 66 -29.18 -7.85 20.73
CA TYR I 66 -30.33 -8.55 21.28
C TYR I 66 -31.56 -7.67 21.21
N TRP I 67 -32.62 -8.15 20.57
CA TRP I 67 -33.89 -7.46 20.58
C TRP I 67 -35.01 -8.47 20.45
N ARG I 68 -36.21 -8.05 20.79
CA ARG I 68 -37.39 -8.90 20.72
C ARG I 68 -38.23 -8.51 19.50
N ASP I 69 -38.52 -9.49 18.66
CA ASP I 69 -39.40 -9.33 17.50
C ASP I 69 -40.54 -10.32 17.67
N LYS I 70 -41.73 -9.80 17.96
CA LYS I 70 -42.89 -10.66 18.21
C LYS I 70 -43.43 -11.33 16.95
N ARG I 71 -42.99 -10.89 15.77
CA ARG I 71 -43.32 -11.60 14.54
C ARG I 71 -42.57 -12.91 14.41
N LEU I 72 -41.49 -13.11 15.18
CA LEU I 72 -40.67 -14.29 15.11
C LEU I 72 -40.86 -15.23 16.30
N ALA I 73 -41.94 -15.05 17.06
CA ALA I 73 -42.20 -15.92 18.20
C ALA I 73 -42.81 -17.24 17.73
N TYR I 74 -42.28 -18.35 18.25
CA TYR I 74 -42.78 -19.68 17.93
C TYR I 74 -43.16 -20.39 19.22
N SER I 75 -44.02 -21.40 19.09
CA SER I 75 -44.61 -22.06 20.24
C SER I 75 -44.34 -23.55 20.31
N GLY I 76 -44.34 -24.25 19.18
CA GLY I 76 -44.26 -25.69 19.19
C GLY I 76 -42.90 -26.28 19.53
N ILE I 77 -41.85 -25.48 19.52
CA ILE I 77 -40.49 -25.93 19.76
C ILE I 77 -39.99 -25.36 21.07
N PRO I 78 -39.52 -26.18 22.01
CA PRO I 78 -38.95 -25.65 23.26
C PRO I 78 -37.47 -25.31 23.21
N LEU I 79 -36.87 -25.26 22.02
CA LEU I 79 -35.44 -25.02 21.88
C LEU I 79 -35.18 -23.64 21.30
N ASN I 80 -33.94 -23.16 21.48
CA ASN I 80 -33.48 -21.95 20.84
C ASN I 80 -32.97 -22.30 19.45
N LEU I 81 -33.59 -21.72 18.43
CA LEU I 81 -33.31 -22.08 17.04
C LEU I 81 -32.09 -21.30 16.54
N THR I 82 -30.98 -22.01 16.37
CA THR I 82 -29.81 -21.45 15.69
C THR I 82 -29.95 -21.75 14.20
N LEU I 83 -30.17 -20.71 13.40
CA LEU I 83 -30.39 -20.87 11.97
C LEU I 83 -29.11 -20.57 11.21
N ASP I 84 -29.13 -20.91 9.92
CA ASP I 84 -28.05 -20.53 9.03
C ASP I 84 -28.03 -19.02 8.86
N ASN I 85 -26.82 -18.46 8.70
CA ASN I 85 -26.63 -17.02 8.76
C ASN I 85 -27.23 -16.27 7.57
N ARG I 86 -27.65 -16.98 6.52
CA ARG I 86 -28.30 -16.33 5.38
C ARG I 86 -29.75 -15.95 5.66
N VAL I 87 -30.31 -16.35 6.80
CA VAL I 87 -31.65 -15.91 7.19
C VAL I 87 -31.66 -14.46 7.67
N ALA I 88 -30.49 -13.88 7.95
CA ALA I 88 -30.42 -12.49 8.40
C ALA I 88 -30.78 -11.51 7.29
N ASP I 89 -30.68 -11.92 6.03
CA ASP I 89 -31.16 -11.11 4.91
C ASP I 89 -32.67 -11.12 4.79
N GLN I 90 -33.36 -12.03 5.47
CA GLN I 90 -34.81 -12.09 5.47
C GLN I 90 -35.42 -11.56 6.76
N LEU I 91 -34.60 -10.99 7.65
CA LEU I 91 -35.06 -10.45 8.92
C LEU I 91 -34.77 -8.96 8.98
N TRP I 92 -35.52 -8.28 9.83
CA TRP I 92 -35.15 -6.93 10.23
C TRP I 92 -33.97 -6.99 11.18
N VAL I 93 -32.97 -6.14 10.94
CA VAL I 93 -31.85 -5.97 11.86
C VAL I 93 -31.74 -4.47 12.16
N PRO I 94 -31.19 -4.11 13.31
CA PRO I 94 -30.95 -2.68 13.58
C PRO I 94 -29.90 -2.11 12.64
N ASP I 95 -30.05 -0.81 12.35
CA ASP I 95 -29.14 -0.11 11.45
C ASP I 95 -27.93 0.45 12.20
N THR I 96 -27.27 -0.43 12.94
CA THR I 96 -26.17 -0.05 13.81
C THR I 96 -24.92 0.22 12.98
N TYR I 97 -24.26 1.34 13.28
CA TYR I 97 -22.99 1.71 12.59
C TYR I 97 -22.04 2.32 13.62
N PHE I 98 -20.76 2.50 13.24
CA PHE I 98 -19.78 3.12 14.15
C PHE I 98 -19.49 4.54 13.64
N LEU I 99 -19.79 5.53 14.48
CA LEU I 99 -19.64 6.97 14.13
C LEU I 99 -18.19 7.36 13.86
N ASN I 100 -17.24 6.87 14.67
CA ASN I 100 -15.81 7.24 14.51
C ASN I 100 -15.10 6.26 13.58
N ASP I 101 -15.82 5.24 13.09
CA ASP I 101 -15.23 4.20 12.21
C ASP I 101 -14.78 4.84 10.89
N LYS I 102 -13.57 4.50 10.43
CA LYS I 102 -13.06 5.04 9.13
C LYS I 102 -13.26 3.98 8.04
N LYS I 103 -12.83 2.75 8.30
CA LYS I 103 -13.00 1.61 7.37
C LYS I 103 -13.46 0.39 8.16
N SER I 104 -14.53 -0.26 7.74
CA SER I 104 -15.05 -1.46 8.46
C SER I 104 -15.42 -2.57 7.46
N PHE I 105 -15.46 -3.81 7.93
CA PHE I 105 -15.84 -4.96 7.08
C PHE I 105 -16.23 -6.13 7.97
N VAL I 106 -17.13 -6.98 7.48
CA VAL I 106 -17.56 -8.20 8.22
C VAL I 106 -16.75 -9.34 7.61
N HIS I 107 -16.19 -10.22 8.44
CA HIS I 107 -15.38 -11.36 7.94
C HIS I 107 -16.28 -12.29 7.10
N GLY I 108 -15.73 -12.86 6.03
CA GLY I 108 -16.54 -13.65 5.11
C GLY I 108 -15.96 -14.99 4.72
N VAL I 109 -15.08 -15.53 5.56
CA VAL I 109 -14.47 -16.87 5.30
C VAL I 109 -14.70 -17.75 6.54
N THR I 110 -15.37 -18.90 6.37
CA THR I 110 -15.72 -19.48 5.07
C THR I 110 -17.09 -19.03 4.58
N VAL I 111 -17.95 -18.67 5.53
CA VAL I 111 -19.21 -18.00 5.24
C VAL I 111 -19.11 -16.62 5.87
N LYS I 112 -20.13 -15.80 5.67
CA LYS I 112 -20.18 -14.50 6.34
C LYS I 112 -20.29 -14.70 7.84
N ASN I 113 -19.39 -14.06 8.59
CA ASN I 113 -19.20 -14.33 10.01
C ASN I 113 -20.33 -13.69 10.82
N ARG I 114 -21.50 -14.32 10.73
CA ARG I 114 -22.65 -13.85 11.48
C ARG I 114 -23.43 -15.04 12.01
N MET I 115 -24.28 -14.75 12.99
CA MET I 115 -25.04 -15.75 13.71
C MET I 115 -26.44 -15.22 13.97
N ILE I 116 -27.45 -16.03 13.68
CA ILE I 116 -28.83 -15.76 14.06
C ILE I 116 -29.27 -16.87 15.01
N ARG I 117 -29.68 -16.49 16.21
CA ARG I 117 -30.23 -17.43 17.18
C ARG I 117 -31.59 -16.91 17.62
N LEU I 118 -32.63 -17.67 17.32
CA LEU I 118 -33.99 -17.30 17.70
C LEU I 118 -34.36 -17.89 19.06
N HIS I 119 -35.37 -17.29 19.67
CA HIS I 119 -35.88 -17.70 20.96
C HIS I 119 -37.40 -17.78 20.87
N PRO I 120 -38.04 -18.61 21.71
CA PRO I 120 -39.50 -18.81 21.56
C PRO I 120 -40.35 -17.57 21.80
N ASP I 121 -39.89 -16.62 22.60
CA ASP I 121 -40.64 -15.38 22.80
C ASP I 121 -40.36 -14.35 21.70
N GLY I 122 -39.50 -14.67 20.75
CA GLY I 122 -39.17 -13.75 19.68
C GLY I 122 -37.88 -12.97 19.86
N THR I 123 -37.08 -13.31 20.86
CA THR I 123 -35.81 -12.64 21.08
C THR I 123 -34.80 -13.11 20.05
N VAL I 124 -34.18 -12.16 19.36
CA VAL I 124 -33.20 -12.43 18.32
C VAL I 124 -31.81 -12.12 18.86
N LEU I 125 -30.91 -13.09 18.77
CA LEU I 125 -29.49 -12.87 18.99
C LEU I 125 -28.81 -12.78 17.63
N TYR I 126 -28.18 -11.64 17.36
CA TYR I 126 -27.55 -11.35 16.08
C TYR I 126 -26.10 -10.96 16.34
N GLY I 127 -25.18 -11.86 16.01
CA GLY I 127 -23.76 -11.65 16.23
C GLY I 127 -23.05 -11.33 14.93
N LEU I 128 -22.01 -10.52 15.02
CA LEU I 128 -21.20 -10.16 13.86
C LEU I 128 -19.75 -10.07 14.29
N ARG I 129 -18.87 -10.64 13.45
CA ARG I 129 -17.40 -10.54 13.67
C ARG I 129 -16.91 -9.41 12.78
N ILE I 130 -16.56 -8.28 13.39
CA ILE I 130 -16.19 -7.06 12.60
C ILE I 130 -14.76 -6.59 12.92
N THR I 131 -14.01 -6.27 11.86
CA THR I 131 -12.68 -5.64 12.02
C THR I 131 -12.90 -4.17 11.68
N THR I 132 -12.65 -3.27 12.63
CA THR I 132 -12.95 -1.83 12.41
C THR I 132 -11.73 -0.95 12.66
N THR I 133 -11.44 -0.04 11.74
CA THR I 133 -10.38 0.98 11.97
C THR I 133 -11.14 2.21 12.48
N ALA I 134 -10.91 2.61 13.72
CA ALA I 134 -11.69 3.72 14.32
C ALA I 134 -10.79 4.93 14.57
N ALA I 135 -11.26 6.11 14.18
CA ALA I 135 -10.51 7.37 14.37
C ALA I 135 -10.34 7.65 15.86
N CYS I 136 -9.09 7.81 16.30
CA CYS I 136 -8.75 8.17 17.68
C CYS I 136 -7.84 9.39 17.62
N MET I 137 -8.41 10.57 17.88
CA MET I 137 -7.62 11.80 17.94
C MET I 137 -6.75 11.78 19.18
N MET I 138 -5.45 11.94 18.99
CA MET I 138 -4.47 11.75 20.04
C MET I 138 -3.83 13.08 20.43
N ASP I 139 -3.72 13.30 21.74
CA ASP I 139 -3.00 14.43 22.30
C ASP I 139 -1.55 13.99 22.51
N LEU I 140 -0.64 14.50 21.68
CA LEU I 140 0.74 14.07 21.65
C LEU I 140 1.67 15.07 22.31
N ARG I 141 1.16 15.88 23.23
CA ARG I 141 2.01 16.88 23.89
C ARG I 141 2.99 16.23 24.87
N ARG I 142 2.65 15.06 25.40
CA ARG I 142 3.52 14.34 26.31
C ARG I 142 4.07 13.06 25.69
N TYR I 143 4.06 12.97 24.37
CA TYR I 143 4.55 11.78 23.66
C TYR I 143 6.05 11.65 23.84
N PRO I 144 6.57 10.45 24.16
CA PRO I 144 5.87 9.17 24.25
C PRO I 144 5.55 8.71 25.67
N LEU I 145 5.39 9.64 26.60
CA LEU I 145 4.99 9.33 27.97
C LEU I 145 3.53 9.71 28.21
N ASP I 146 2.70 9.51 27.20
CA ASP I 146 1.34 10.01 27.17
C ASP I 146 0.31 8.90 27.40
N GLU I 147 -0.86 9.32 27.85
CA GLU I 147 -2.03 8.45 27.94
C GLU I 147 -3.04 8.88 26.90
N GLN I 148 -3.62 7.93 26.18
CA GLN I 148 -4.58 8.23 25.15
C GLN I 148 -5.92 7.57 25.46
N ASN I 149 -6.99 8.21 25.01
CA ASN I 149 -8.36 7.76 25.22
C ASN I 149 -8.97 7.53 23.84
N CYS I 150 -9.09 6.26 23.46
CA CYS I 150 -9.64 5.87 22.17
C CYS I 150 -11.01 5.26 22.37
N THR I 151 -12.00 5.77 21.64
CA THR I 151 -13.39 5.39 21.84
C THR I 151 -13.92 4.61 20.64
N LEU I 152 -15.09 4.01 20.87
CA LEU I 152 -15.88 3.30 19.82
C LEU I 152 -17.32 3.82 19.98
N GLU I 153 -17.78 4.63 19.04
CA GLU I 153 -19.09 5.26 19.15
C GLU I 153 -20.10 4.45 18.36
N ILE I 154 -21.09 3.90 19.05
CA ILE I 154 -22.08 3.01 18.47
C ILE I 154 -23.40 3.78 18.40
N GLU I 155 -23.97 3.88 17.21
CA GLU I 155 -25.15 4.70 17.00
C GLU I 155 -26.09 4.01 16.02
N SER I 156 -27.37 4.36 16.13
CA SER I 156 -28.36 3.99 15.12
C SER I 156 -28.34 5.02 13.99
N TYR I 157 -28.39 4.54 12.75
CA TYR I 157 -28.21 5.45 11.63
C TYR I 157 -29.49 6.23 11.33
N GLY I 158 -30.60 5.53 11.12
CA GLY I 158 -31.79 6.21 10.65
C GLY I 158 -32.92 6.27 11.64
N TYR I 159 -32.96 5.32 12.58
CA TYR I 159 -34.01 5.29 13.59
C TYR I 159 -33.64 6.20 14.76
N THR I 160 -34.56 7.06 15.13
CA THR I 160 -34.37 7.97 16.25
C THR I 160 -34.70 7.24 17.56
N THR I 161 -34.67 7.97 18.67
CA THR I 161 -35.00 7.38 19.97
C THR I 161 -36.49 7.08 20.10
N ASP I 162 -37.33 7.65 19.23
CA ASP I 162 -38.73 7.26 19.17
C ASP I 162 -38.91 5.86 18.58
N ASP I 163 -37.92 5.38 17.84
CA ASP I 163 -38.05 4.02 17.21
C ASP I 163 -37.08 2.99 17.80
N ILE I 164 -35.89 3.41 18.22
CA ILE I 164 -34.88 2.43 18.74
C ILE I 164 -34.19 2.97 20.01
N GLU I 165 -34.02 2.10 21.01
CA GLU I 165 -33.30 2.47 22.26
C GLU I 165 -32.13 1.49 22.46
N PHE I 166 -30.92 2.00 22.69
CA PHE I 166 -29.74 1.18 22.92
C PHE I 166 -29.49 1.03 24.41
N TYR I 167 -28.93 -0.12 24.79
CA TYR I 167 -28.41 -0.31 26.13
C TYR I 167 -27.32 -1.36 26.10
N TRP I 168 -26.39 -1.25 27.05
CA TRP I 168 -25.38 -2.27 27.25
C TRP I 168 -26.00 -3.45 27.98
N ARG I 169 -26.08 -4.60 27.30
CA ARG I 169 -26.73 -5.77 27.88
C ARG I 169 -25.78 -6.44 28.87
N GLY I 170 -26.10 -6.33 30.16
CA GLY I 170 -25.24 -6.80 31.22
C GLY I 170 -24.58 -5.71 32.02
N GLY I 171 -24.89 -4.44 31.75
CA GLY I 171 -24.33 -3.34 32.49
C GLY I 171 -22.87 -3.09 32.15
N ASP I 172 -22.00 -3.18 33.14
CA ASP I 172 -20.57 -3.01 32.94
C ASP I 172 -19.88 -4.30 32.51
N LYS I 173 -20.57 -5.44 32.57
CA LYS I 173 -20.05 -6.70 32.06
C LYS I 173 -20.43 -6.94 30.60
N ALA I 174 -20.91 -5.90 29.91
CA ALA I 174 -21.35 -6.06 28.53
C ALA I 174 -20.17 -6.17 27.56
N VAL I 175 -18.99 -5.72 27.95
CA VAL I 175 -17.81 -5.80 27.11
C VAL I 175 -16.79 -6.72 27.78
N THR I 176 -16.47 -7.82 27.11
CA THR I 176 -15.48 -8.78 27.58
C THR I 176 -14.30 -8.80 26.62
N GLY I 177 -13.22 -9.45 27.06
CA GLY I 177 -12.04 -9.58 26.23
C GLY I 177 -11.12 -8.40 26.23
N VAL I 178 -11.18 -7.53 27.24
CA VAL I 178 -10.27 -6.40 27.32
C VAL I 178 -8.89 -6.89 27.75
N GLU I 179 -8.83 -7.98 28.53
CA GLU I 179 -7.56 -8.61 28.87
C GLU I 179 -6.95 -9.37 27.71
N ARG I 180 -7.72 -9.63 26.66
CA ARG I 180 -7.21 -10.30 25.47
C ARG I 180 -6.38 -9.36 24.59
N ILE I 181 -6.48 -8.06 24.82
CA ILE I 181 -5.77 -7.08 24.01
C ILE I 181 -4.29 -7.13 24.33
N GLU I 182 -3.46 -7.42 23.33
CA GLU I 182 -2.02 -7.52 23.48
C GLU I 182 -1.37 -6.54 22.50
N LEU I 183 -1.23 -5.30 22.92
CA LEU I 183 -0.44 -4.32 22.18
C LEU I 183 0.96 -4.27 22.77
N PRO I 184 2.01 -4.28 21.95
CA PRO I 184 3.37 -4.26 22.51
C PRO I 184 3.73 -2.93 23.15
N GLN I 185 3.35 -1.81 22.54
CA GLN I 185 3.71 -0.49 23.05
C GLN I 185 2.60 0.15 23.89
N PHE I 186 1.56 -0.60 24.24
CA PHE I 186 0.46 -0.04 25.01
C PHE I 186 -0.01 -1.04 26.06
N SER I 187 -0.66 -0.51 27.09
CA SER I 187 -1.34 -1.30 28.10
C SER I 187 -2.67 -0.66 28.41
N ILE I 188 -3.71 -1.47 28.54
CA ILE I 188 -5.05 -0.99 28.83
C ILE I 188 -5.13 -0.65 30.32
N VAL I 189 -5.33 0.63 30.64
CA VAL I 189 -5.50 1.04 32.02
C VAL I 189 -6.94 0.81 32.47
N GLU I 190 -7.91 1.27 31.69
CA GLU I 190 -9.30 1.25 32.09
C GLU I 190 -10.16 1.25 30.84
N HIS I 191 -11.34 0.62 30.94
CA HIS I 191 -12.36 0.74 29.90
C HIS I 191 -13.68 1.12 30.56
N ARG I 192 -14.46 1.94 29.85
CA ARG I 192 -15.72 2.45 30.35
C ARG I 192 -16.83 2.25 29.32
N LEU I 193 -18.07 2.25 29.81
CA LEU I 193 -19.26 2.09 28.98
C LEU I 193 -20.19 3.26 29.23
N VAL I 194 -20.52 3.99 28.17
CA VAL I 194 -21.35 5.20 28.25
C VAL I 194 -22.57 5.00 27.37
N SER I 195 -23.75 5.37 27.89
CA SER I 195 -24.99 5.36 27.13
C SER I 195 -25.52 6.79 27.07
N ARG I 196 -25.77 7.29 25.87
CA ARG I 196 -26.21 8.67 25.68
C ARG I 196 -27.35 8.72 24.68
N ASN I 197 -27.92 9.92 24.55
CA ASN I 197 -28.76 10.30 23.42
C ASN I 197 -28.12 11.51 22.77
N VAL I 198 -27.91 11.44 21.45
CA VAL I 198 -27.26 12.50 20.71
C VAL I 198 -28.28 13.11 19.75
N VAL I 199 -28.46 14.42 19.84
CA VAL I 199 -29.47 15.14 19.09
C VAL I 199 -28.83 15.73 17.84
N PHE I 200 -29.41 15.45 16.68
CA PHE I 200 -28.98 16.04 15.42
C PHE I 200 -30.12 16.88 14.86
N ALA I 201 -29.94 17.34 13.61
CA ALA I 201 -31.01 18.08 12.95
C ALA I 201 -32.17 17.16 12.56
N THR I 202 -31.90 15.88 12.37
CA THR I 202 -32.93 14.91 12.03
C THR I 202 -33.56 14.23 13.23
N GLY I 203 -33.07 14.49 14.44
CA GLY I 203 -33.68 13.98 15.65
C GLY I 203 -32.62 13.55 16.64
N ALA I 204 -33.09 12.95 17.74
CA ALA I 204 -32.22 12.43 18.78
C ALA I 204 -31.96 10.94 18.53
N TYR I 205 -30.71 10.52 18.66
CA TYR I 205 -30.34 9.16 18.31
C TYR I 205 -29.69 8.46 19.51
N PRO I 206 -29.95 7.15 19.68
CA PRO I 206 -29.32 6.43 20.79
C PRO I 206 -27.84 6.20 20.53
N ARG I 207 -27.04 6.32 21.59
CA ARG I 207 -25.59 6.24 21.48
C ARG I 207 -25.03 5.35 22.58
N LEU I 208 -24.19 4.40 22.19
CA LEU I 208 -23.37 3.65 23.12
C LEU I 208 -21.90 3.95 22.84
N SER I 209 -21.12 4.12 23.89
CA SER I 209 -19.71 4.44 23.77
C SER I 209 -18.88 3.45 24.56
N LEU I 210 -17.87 2.89 23.90
CA LEU I 210 -16.85 2.06 24.54
C LEU I 210 -15.51 2.75 24.36
N SER I 211 -14.92 3.19 25.47
CA SER I 211 -13.66 3.90 25.45
C SER I 211 -12.60 3.12 26.21
N PHE I 212 -11.36 3.21 25.75
CA PHE I 212 -10.22 2.60 26.41
C PHE I 212 -9.21 3.67 26.77
N ARG I 213 -8.52 3.49 27.89
CA ARG I 213 -7.40 4.34 28.26
C ARG I 213 -6.11 3.58 27.97
N LEU I 214 -5.29 4.12 27.08
CA LEU I 214 -4.07 3.48 26.60
C LEU I 214 -2.86 4.19 27.19
N LYS I 215 -2.06 3.49 27.98
CA LYS I 215 -0.81 4.00 28.50
C LYS I 215 0.33 3.46 27.65
N ARG I 216 1.14 4.35 27.12
CA ARG I 216 2.24 3.96 26.24
C ARG I 216 3.41 3.42 27.04
N ASN I 217 4.05 2.37 26.52
CA ASN I 217 5.24 1.79 27.13
C ASN I 217 6.47 2.55 26.66
N ILE I 218 7.32 2.94 27.61
CA ILE I 218 8.48 3.77 27.30
C ILE I 218 9.67 2.95 26.80
N GLY I 219 9.60 1.62 26.89
CA GLY I 219 10.78 0.80 26.70
C GLY I 219 11.31 0.78 25.28
N TYR I 220 10.43 0.96 24.29
CA TYR I 220 10.88 1.03 22.91
C TYR I 220 11.60 2.35 22.64
N PHE I 221 11.10 3.44 23.20
CA PHE I 221 11.63 4.76 22.89
C PHE I 221 12.91 5.07 23.64
N ILE I 222 13.20 4.34 24.72
CA ILE I 222 14.51 4.39 25.34
C ILE I 222 15.57 3.86 24.38
N LEU I 223 15.36 2.63 23.90
CA LEU I 223 16.34 2.01 22.97
C LEU I 223 16.39 2.79 21.65
N GLN I 224 15.21 3.13 21.12
CA GLN I 224 15.04 3.83 19.80
C GLN I 224 15.60 5.26 19.75
N THR I 225 15.37 6.10 20.77
CA THR I 225 15.82 7.52 20.67
C THR I 225 16.57 8.04 21.90
N TYR I 226 16.04 7.81 23.10
CA TYR I 226 16.60 8.41 24.31
C TYR I 226 18.05 7.98 24.53
N MET I 227 18.30 6.67 24.55
CA MET I 227 19.67 6.19 24.74
C MET I 227 20.63 6.52 23.59
N PRO I 228 20.23 6.53 22.30
CA PRO I 228 21.13 7.12 21.31
C PRO I 228 21.44 8.59 21.52
N SER I 229 20.49 9.38 22.02
CA SER I 229 20.74 10.80 22.23
C SER I 229 21.59 11.06 23.47
N ILE I 230 21.54 10.15 24.45
CA ILE I 230 22.41 10.29 25.62
C ILE I 230 23.85 9.99 25.24
N LEU I 231 24.07 8.95 24.43
CA LEU I 231 25.43 8.52 24.10
C LEU I 231 26.12 9.48 23.14
N ILE I 232 25.36 10.23 22.34
CA ILE I 232 25.98 11.26 21.50
C ILE I 232 26.38 12.47 22.35
N THR I 233 25.61 12.76 23.40
CA THR I 233 25.95 13.86 24.30
C THR I 233 27.18 13.53 25.14
N ILE I 234 27.32 12.27 25.57
CA ILE I 234 28.53 11.83 26.25
C ILE I 234 29.71 11.82 25.28
N LEU I 235 29.45 11.52 24.00
CA LEU I 235 30.49 11.55 22.97
C LEU I 235 31.05 12.96 22.75
N SER I 236 30.23 13.99 22.95
CA SER I 236 30.70 15.36 22.82
C SER I 236 31.53 15.81 24.01
N TRP I 237 31.49 15.10 25.13
CA TRP I 237 32.31 15.42 26.29
C TRP I 237 33.71 14.83 26.19
N VAL I 238 33.94 13.93 25.24
CA VAL I 238 35.26 13.35 25.00
C VAL I 238 36.23 14.43 24.53
N SER I 239 35.72 15.47 23.88
CA SER I 239 36.55 16.57 23.39
C SER I 239 37.19 17.36 24.52
N PHE I 240 36.59 17.37 25.71
CA PHE I 240 37.13 18.13 26.83
C PHE I 240 38.42 17.53 27.38
N TRP I 241 38.63 16.22 27.24
CA TRP I 241 39.86 15.59 27.69
C TRP I 241 40.95 15.58 26.61
N ILE I 242 40.63 15.98 25.40
CA ILE I 242 41.63 16.06 24.33
C ILE I 242 42.30 17.42 24.40
N ASN I 243 43.62 17.44 24.15
CA ASN I 243 44.41 18.66 24.16
C ASN I 243 43.91 19.65 23.12
N TYR I 244 43.99 20.94 23.44
CA TYR I 244 43.42 21.98 22.58
C TYR I 244 44.22 22.22 21.31
N ASP I 245 45.44 21.68 21.20
CA ASP I 245 46.17 21.76 19.95
C ASP I 245 45.53 20.88 18.87
N ALA I 246 44.84 19.82 19.27
CA ALA I 246 44.15 18.92 18.35
C ALA I 246 42.89 19.61 17.85
N SER I 247 43.07 20.52 16.89
CA SER I 247 41.95 21.32 16.39
C SER I 247 41.06 20.50 15.47
N ALA I 248 41.65 19.68 14.60
CA ALA I 248 40.85 18.86 13.71
C ALA I 248 40.16 17.72 14.43
N ALA I 249 40.71 17.29 15.57
CA ALA I 249 40.08 16.22 16.34
C ALA I 249 38.92 16.71 17.18
N ARG I 250 39.02 17.93 17.73
CA ARG I 250 37.96 18.44 18.60
C ARG I 250 36.83 19.13 17.85
N VAL I 251 37.11 19.66 16.65
CA VAL I 251 36.05 20.24 15.85
C VAL I 251 35.22 19.12 15.22
N ALA I 252 35.87 18.04 14.76
CA ALA I 252 35.15 16.91 14.19
C ALA I 252 34.31 16.18 15.24
N LEU I 253 34.73 16.23 16.51
CA LEU I 253 33.85 15.75 17.58
C LEU I 253 32.66 16.66 17.76
N GLY I 254 32.86 17.98 17.59
CA GLY I 254 31.75 18.90 17.68
C GLY I 254 30.86 18.89 16.47
N ILE I 255 31.42 18.56 15.30
CA ILE I 255 30.63 18.51 14.08
C ILE I 255 29.71 17.30 14.09
N THR I 256 30.28 16.12 14.36
CA THR I 256 29.54 14.88 14.15
C THR I 256 28.51 14.64 15.24
N THR I 257 28.72 15.21 16.42
CA THR I 257 27.70 15.11 17.46
C THR I 257 26.53 16.06 17.20
N VAL I 258 26.80 17.20 16.56
CA VAL I 258 25.73 18.12 16.22
C VAL I 258 24.93 17.59 15.03
N LEU I 259 25.60 17.04 14.02
CA LEU I 259 24.91 16.50 12.86
C LEU I 259 24.13 15.22 13.16
N THR I 260 24.57 14.42 14.13
CA THR I 260 23.81 13.22 14.50
C THR I 260 22.52 13.59 15.20
N MET I 261 22.52 14.67 15.98
CA MET I 261 21.28 15.15 16.62
C MET I 261 20.28 15.65 15.60
N THR I 262 20.75 16.17 14.46
CA THR I 262 19.84 16.57 13.40
C THR I 262 19.23 15.37 12.70
N THR I 263 19.99 14.28 12.55
CA THR I 263 19.45 13.09 11.90
C THR I 263 18.50 12.32 12.81
N ILE I 264 18.71 12.39 14.13
CA ILE I 264 17.78 11.77 15.07
C ILE I 264 16.48 12.56 15.12
N ASN I 265 16.57 13.89 15.01
CA ASN I 265 15.38 14.74 15.10
C ASN I 265 14.51 14.61 13.86
N THR I 266 15.14 14.59 12.68
CA THR I 266 14.39 14.45 11.41
C THR I 266 13.69 13.09 11.38
N HIS I 267 14.40 12.05 11.81
CA HIS I 267 13.88 10.65 11.82
C HIS I 267 12.68 10.52 12.76
N LEU I 268 12.74 11.19 13.92
CA LEU I 268 11.65 11.12 14.94
C LEU I 268 10.34 11.66 14.35
N ARG I 269 10.42 12.74 13.58
CA ARG I 269 9.22 13.39 12.97
C ARG I 269 8.50 12.42 12.03
N GLU I 270 9.26 11.60 11.29
CA GLU I 270 8.67 10.66 10.34
C GLU I 270 7.67 9.72 11.00
N THR I 271 7.89 9.38 12.27
CA THR I 271 7.01 8.49 13.01
C THR I 271 5.81 9.20 13.63
N LEU I 272 5.67 10.49 13.41
CA LEU I 272 4.64 11.32 14.01
C LEU I 272 3.85 12.05 12.95
N PRO I 273 2.59 12.42 13.22
CA PRO I 273 1.87 13.30 12.31
C PRO I 273 2.41 14.72 12.36
N LYS I 274 1.98 15.53 11.39
CA LYS I 274 2.49 16.89 11.26
C LYS I 274 1.73 17.83 12.20
N ILE I 275 2.03 17.67 13.49
CA ILE I 275 1.42 18.46 14.54
C ILE I 275 2.18 19.77 14.70
N PRO I 276 1.52 20.89 15.00
CA PRO I 276 2.23 22.16 15.12
C PRO I 276 2.91 22.37 16.46
N TYR I 277 2.64 21.54 17.46
CA TYR I 277 3.19 21.74 18.79
C TYR I 277 4.41 20.84 19.01
N VAL I 278 4.96 20.92 20.22
CA VAL I 278 6.20 20.25 20.60
C VAL I 278 5.85 19.11 21.53
N THR I 279 6.37 17.91 21.23
CA THR I 279 6.16 16.74 22.05
C THR I 279 7.20 16.68 23.16
N ALA I 280 7.11 15.64 24.01
CA ALA I 280 8.06 15.50 25.11
C ALA I 280 9.42 14.99 24.62
N ILE I 281 9.42 14.14 23.59
CA ILE I 281 10.68 13.67 23.03
C ILE I 281 11.33 14.78 22.20
N ASP I 282 10.54 15.71 21.67
CA ASP I 282 11.11 16.88 20.99
C ASP I 282 11.81 17.80 21.98
N MET I 283 11.27 17.93 23.20
CA MET I 283 11.92 18.73 24.23
C MET I 283 13.22 18.11 24.69
N TYR I 284 13.33 16.78 24.63
CA TYR I 284 14.57 16.13 25.04
C TYR I 284 15.64 16.26 23.96
N LEU I 285 15.25 16.19 22.69
CA LEU I 285 16.23 16.29 21.62
C LEU I 285 16.71 17.73 21.45
N MET I 286 15.82 18.70 21.63
CA MET I 286 16.25 20.10 21.59
C MET I 286 17.08 20.45 22.81
N GLY I 287 16.85 19.79 23.94
CA GLY I 287 17.73 19.95 25.08
C GLY I 287 19.08 19.29 24.86
N CYS I 288 19.09 18.12 24.21
CA CYS I 288 20.34 17.45 23.92
C CYS I 288 21.12 18.15 22.81
N PHE I 289 20.43 18.88 21.92
CA PHE I 289 21.12 19.64 20.89
C PHE I 289 21.87 20.83 21.50
N VAL I 290 21.32 21.43 22.56
CA VAL I 290 21.98 22.56 23.21
C VAL I 290 23.28 22.11 23.88
N PHE I 291 23.29 20.90 24.44
CA PHE I 291 24.48 20.41 25.12
C PHE I 291 25.60 20.08 24.14
N VAL I 292 25.27 19.53 22.97
CA VAL I 292 26.31 19.21 21.99
C VAL I 292 26.72 20.43 21.18
N PHE I 293 25.87 21.46 21.10
CA PHE I 293 26.26 22.68 20.40
C PHE I 293 27.15 23.56 21.26
N LEU I 294 26.87 23.61 22.57
CA LEU I 294 27.72 24.36 23.49
C LEU I 294 29.05 23.67 23.75
N ALA I 295 29.13 22.36 23.47
CA ALA I 295 30.41 21.67 23.60
C ALA I 295 31.35 22.05 22.46
N LEU I 296 30.81 22.29 21.26
CA LEU I 296 31.64 22.78 20.17
C LEU I 296 31.94 24.26 20.33
N LEU I 297 30.98 25.04 20.84
CA LEU I 297 31.24 26.45 21.15
C LEU I 297 32.21 26.62 22.29
N GLU I 298 32.36 25.61 23.16
CA GLU I 298 33.37 25.67 24.21
C GLU I 298 34.77 25.58 23.63
N TYR I 299 34.97 24.75 22.60
CA TYR I 299 36.28 24.67 21.98
C TYR I 299 36.56 25.91 21.14
N ALA I 300 35.53 26.45 20.48
CA ALA I 300 35.70 27.67 19.68
C ALA I 300 36.06 28.87 20.54
N PHE I 301 35.67 28.87 21.81
CA PHE I 301 36.16 29.87 22.75
C PHE I 301 37.54 29.51 23.25
N VAL I 302 37.83 28.21 23.40
CA VAL I 302 39.16 27.77 23.84
C VAL I 302 40.18 27.99 22.73
N ASN I 303 39.84 27.64 21.49
CA ASN I 303 40.71 27.88 20.34
C ASN I 303 40.94 29.37 20.08
N TYR I 304 40.01 30.22 20.51
CA TYR I 304 40.16 31.65 20.31
C TYR I 304 41.15 32.28 21.27
N ILE I 305 41.36 31.68 22.45
CA ILE I 305 42.14 32.31 23.52
C ILE I 305 43.36 31.51 23.93
N PHE I 306 43.60 30.32 23.36
CA PHE I 306 44.69 29.48 23.87
C PHE I 306 46.06 29.93 23.39
N PHE I 307 46.14 30.92 22.50
CA PHE I 307 47.45 31.48 22.16
C PHE I 307 47.87 32.55 23.16
N SER I 308 46.98 33.49 23.45
CA SER I 308 47.32 34.57 24.37
C SER I 308 47.18 34.14 25.83
N GLN I 309 46.12 33.42 26.16
CA GLN I 309 45.83 32.99 27.52
C GLN I 309 45.77 31.47 27.56
N PRO I 310 46.93 30.79 27.64
CA PRO I 310 46.90 29.31 27.70
C PRO I 310 46.46 28.76 29.04
N ALA I 311 46.65 29.50 30.13
CA ALA I 311 46.20 29.04 31.44
C ALA I 311 44.69 29.20 31.61
N ARG I 312 44.11 30.23 30.99
CA ARG I 312 42.67 30.39 31.04
C ARG I 312 41.96 29.34 30.19
N ALA I 313 42.52 29.02 29.03
CA ALA I 313 41.94 28.00 28.16
C ALA I 313 42.07 26.60 28.75
N ALA I 314 43.12 26.36 29.53
CA ALA I 314 43.23 25.08 30.23
C ALA I 314 42.27 25.00 31.40
N ALA I 315 41.87 26.14 31.95
CA ALA I 315 40.91 26.16 33.04
C ALA I 315 39.49 25.89 32.54
N ILE I 316 39.15 26.39 31.35
CA ILE I 316 37.82 26.17 30.78
C ILE I 316 37.64 24.71 30.40
N ASP I 317 38.70 24.05 29.91
CA ASP I 317 38.63 22.63 29.62
C ASP I 317 38.48 21.81 30.90
N ARG I 318 39.13 22.23 31.99
CA ARG I 318 38.95 21.55 33.26
C ARG I 318 37.58 21.84 33.86
N TRP I 319 37.06 23.05 33.64
CA TRP I 319 35.74 23.42 34.14
C TRP I 319 34.64 22.67 33.38
N SER I 320 34.83 22.44 32.09
CA SER I 320 33.80 21.79 31.28
C SER I 320 33.75 20.28 31.50
N ARG I 321 34.81 19.68 32.06
CA ARG I 321 34.81 18.25 32.33
C ARG I 321 33.86 17.86 33.45
N ILE I 322 33.50 18.79 34.32
CA ILE I 322 32.61 18.49 35.44
C ILE I 322 31.29 19.23 35.36
N VAL I 323 31.20 20.34 34.61
CA VAL I 323 29.95 21.09 34.54
C VAL I 323 29.02 20.48 33.49
N PHE I 324 29.56 20.07 32.35
CA PHE I 324 28.74 19.43 31.31
C PHE I 324 28.12 18.09 31.73
N PRO I 325 28.78 17.18 32.47
CA PRO I 325 28.02 16.03 32.98
C PRO I 325 27.07 16.39 34.12
N PHE I 326 27.35 17.45 34.88
CA PHE I 326 26.48 17.83 35.99
C PHE I 326 25.21 18.49 35.50
N THR I 327 25.32 19.38 34.50
CA THR I 327 24.14 20.05 33.97
C THR I 327 23.26 19.09 33.17
N PHE I 328 23.85 18.09 32.55
CA PHE I 328 23.08 17.09 31.83
C PHE I 328 22.37 16.13 32.76
N SER I 329 22.98 15.84 33.92
CA SER I 329 22.28 15.07 34.94
C SER I 329 21.18 15.89 35.59
N LEU I 330 21.37 17.21 35.69
CA LEU I 330 20.32 18.08 36.19
C LEU I 330 19.21 18.26 35.15
N PHE I 331 19.58 18.23 33.86
CA PHE I 331 18.58 18.31 32.80
C PHE I 331 17.72 17.05 32.76
N ASN I 332 18.33 15.88 32.96
CA ASN I 332 17.58 14.63 32.99
C ASN I 332 16.76 14.52 34.27
N LEU I 333 17.19 15.16 35.35
CA LEU I 333 16.42 15.11 36.59
C LEU I 333 15.15 15.94 36.49
N VAL I 334 15.23 17.13 35.88
CA VAL I 334 14.04 17.97 35.70
C VAL I 334 13.12 17.36 34.65
N TYR I 335 13.69 16.73 33.62
CA TYR I 335 12.88 16.16 32.55
C TYR I 335 12.09 14.95 33.01
N TRP I 336 12.79 13.96 33.57
CA TRP I 336 12.14 12.69 33.90
C TRP I 336 11.28 12.75 35.15
N LEU I 337 11.37 13.82 35.95
CA LEU I 337 10.43 14.01 37.04
C LEU I 337 9.22 14.84 36.62
N TYR I 338 9.28 15.51 35.47
CA TYR I 338 8.14 16.27 34.98
C TYR I 338 7.20 15.41 34.16
N TYR I 339 7.72 14.42 33.44
CA TYR I 339 6.89 13.62 32.54
C TYR I 339 6.53 12.25 33.08
N VAL I 340 7.22 11.76 34.11
CA VAL I 340 6.86 10.48 34.71
C VAL I 340 6.08 10.71 36.00
N ASN J 8 -26.14 -40.79 -19.10
CA ASN J 8 -27.53 -40.36 -18.91
C ASN J 8 -27.57 -39.15 -18.00
N MET J 9 -28.01 -38.01 -18.55
CA MET J 9 -28.05 -36.76 -17.81
C MET J 9 -29.45 -36.34 -17.39
N SER J 10 -30.49 -36.91 -18.00
CA SER J 10 -31.85 -36.53 -17.64
C SER J 10 -32.29 -37.16 -16.32
N PHE J 11 -31.87 -38.40 -16.06
CA PHE J 11 -32.21 -39.07 -14.82
C PHE J 11 -31.45 -38.46 -13.63
N VAL J 12 -30.22 -38.02 -13.86
CA VAL J 12 -29.46 -37.38 -12.79
C VAL J 12 -30.02 -35.99 -12.50
N LYS J 13 -30.50 -35.29 -13.54
CA LYS J 13 -31.13 -33.99 -13.35
C LYS J 13 -32.44 -34.12 -12.55
N GLU J 14 -33.17 -35.22 -12.77
CA GLU J 14 -34.33 -35.49 -11.93
C GLU J 14 -33.93 -35.91 -10.52
N THR J 15 -32.74 -36.49 -10.37
CA THR J 15 -32.28 -36.92 -9.05
C THR J 15 -31.81 -35.74 -8.21
N VAL J 16 -31.05 -34.82 -8.81
CA VAL J 16 -30.57 -33.66 -8.06
C VAL J 16 -31.70 -32.68 -7.79
N ASP J 17 -32.67 -32.56 -8.70
CA ASP J 17 -33.85 -31.75 -8.42
C ASP J 17 -34.73 -32.36 -7.34
N LYS J 18 -34.69 -33.68 -7.18
CA LYS J 18 -35.40 -34.32 -6.08
C LYS J 18 -34.73 -34.03 -4.76
N LEU J 19 -33.40 -33.93 -4.75
CA LEU J 19 -32.67 -33.66 -3.51
C LEU J 19 -32.87 -32.23 -3.02
N LEU J 20 -33.02 -31.28 -3.93
CA LEU J 20 -33.10 -29.87 -3.58
C LEU J 20 -34.53 -29.36 -3.47
N LYS J 21 -35.52 -30.17 -3.82
CA LYS J 21 -36.92 -29.77 -3.66
C LYS J 21 -37.34 -29.98 -2.22
N GLY J 22 -37.80 -28.91 -1.58
CA GLY J 22 -38.09 -28.96 -0.16
C GLY J 22 -36.86 -28.90 0.73
N TYR J 23 -35.71 -28.54 0.19
CA TYR J 23 -34.49 -28.43 0.98
C TYR J 23 -34.43 -27.05 1.62
N ASP J 24 -34.35 -27.02 2.94
CA ASP J 24 -34.24 -25.77 3.69
C ASP J 24 -32.77 -25.55 4.05
N ILE J 25 -32.17 -24.51 3.47
CA ILE J 25 -30.78 -24.19 3.78
C ILE J 25 -30.63 -23.61 5.18
N ARG J 26 -31.71 -23.14 5.78
CA ARG J 26 -31.67 -22.54 7.11
C ARG J 26 -31.47 -23.57 8.22
N LEU J 27 -31.66 -24.85 7.94
CA LEU J 27 -31.59 -25.90 8.95
C LEU J 27 -30.39 -26.79 8.70
N ARG J 28 -29.68 -27.11 9.77
CA ARG J 28 -28.56 -28.04 9.71
C ARG J 28 -29.09 -29.47 9.55
N PRO J 29 -28.24 -30.40 9.09
CA PRO J 29 -28.62 -31.82 9.12
C PRO J 29 -28.85 -32.30 10.55
N ASP J 30 -29.89 -33.13 10.70
CA ASP J 30 -30.39 -33.62 11.99
C ASP J 30 -30.69 -32.46 12.95
N PHE J 31 -31.45 -31.48 12.43
CA PHE J 31 -31.85 -30.32 13.23
C PHE J 31 -32.77 -30.76 14.36
N GLY J 32 -32.44 -30.34 15.58
CA GLY J 32 -33.16 -30.78 16.75
C GLY J 32 -32.77 -32.16 17.25
N GLY J 33 -31.74 -32.76 16.68
CA GLY J 33 -31.29 -34.07 17.11
C GLY J 33 -29.84 -34.06 17.55
N PRO J 34 -29.09 -35.15 17.31
CA PRO J 34 -27.67 -35.20 17.70
C PRO J 34 -26.84 -34.26 16.80
N PRO J 35 -25.71 -33.70 17.28
CA PRO J 35 -24.90 -32.80 16.45
C PRO J 35 -24.29 -33.49 15.22
N VAL J 36 -24.25 -32.77 14.11
CA VAL J 36 -23.63 -33.23 12.87
C VAL J 36 -22.12 -33.12 13.00
N CYS J 37 -21.43 -34.24 12.79
CA CYS J 37 -19.98 -34.25 12.87
C CYS J 37 -19.37 -33.76 11.57
N VAL J 38 -18.48 -32.78 11.65
CA VAL J 38 -17.81 -32.21 10.49
C VAL J 38 -16.34 -32.60 10.55
N GLY J 39 -15.89 -33.37 9.57
CA GLY J 39 -14.50 -33.77 9.48
C GLY J 39 -13.73 -32.85 8.54
N MET J 40 -12.54 -32.48 8.96
CA MET J 40 -11.78 -31.43 8.28
C MET J 40 -10.40 -31.94 7.86
N ASN J 41 -10.04 -31.61 6.63
CA ASN J 41 -8.71 -31.84 6.08
C ASN J 41 -8.17 -30.52 5.55
N ILE J 42 -6.87 -30.32 5.70
CA ILE J 42 -6.20 -29.13 5.20
C ILE J 42 -5.02 -29.58 4.34
N ASP J 43 -5.00 -29.12 3.09
CA ASP J 43 -3.84 -29.34 2.21
C ASP J 43 -3.16 -27.98 2.10
N ILE J 44 -2.02 -27.79 2.76
CA ILE J 44 -1.33 -26.48 2.74
C ILE J 44 -0.64 -26.29 1.38
N ALA J 45 -0.98 -25.19 0.71
CA ALA J 45 -0.34 -24.81 -0.55
C ALA J 45 0.97 -24.08 -0.30
N SER J 46 0.94 -23.02 0.52
CA SER J 46 2.13 -22.22 0.78
C SER J 46 1.92 -21.39 2.03
N ILE J 47 3.03 -20.97 2.63
CA ILE J 47 3.06 -19.86 3.56
C ILE J 47 3.90 -18.77 2.92
N ASP J 48 3.25 -17.70 2.49
CA ASP J 48 3.93 -16.68 1.69
C ASP J 48 4.79 -15.77 2.55
N MET J 49 4.19 -15.08 3.52
CA MET J 49 4.88 -14.13 4.35
C MET J 49 4.76 -14.53 5.81
N VAL J 50 5.79 -14.20 6.58
CA VAL J 50 5.75 -14.21 8.04
C VAL J 50 6.30 -12.87 8.48
N SER J 51 5.43 -12.00 9.00
CA SER J 51 5.78 -10.63 9.34
C SER J 51 5.94 -10.50 10.84
N GLU J 52 7.08 -9.95 11.27
CA GLU J 52 7.29 -9.70 12.69
C GLU J 52 6.67 -8.38 13.12
N VAL J 53 6.65 -7.40 12.22
CA VAL J 53 6.13 -6.07 12.54
C VAL J 53 4.62 -6.12 12.73
N ASN J 54 3.91 -6.81 11.83
CA ASN J 54 2.47 -6.95 11.95
C ASN J 54 2.06 -8.15 12.79
N MET J 55 3.02 -9.03 13.14
CA MET J 55 2.80 -10.24 13.93
C MET J 55 1.73 -11.14 13.32
N ASP J 56 1.91 -11.47 12.06
CA ASP J 56 0.95 -12.32 11.35
C ASP J 56 1.70 -13.15 10.31
N TYR J 57 0.95 -14.02 9.63
CA TYR J 57 1.50 -14.81 8.56
C TYR J 57 0.40 -15.08 7.55
N THR J 58 0.78 -15.17 6.28
CA THR J 58 -0.16 -15.42 5.19
C THR J 58 -0.08 -16.88 4.79
N LEU J 59 -1.22 -17.56 4.81
CA LEU J 59 -1.30 -18.99 4.56
C LEU J 59 -2.32 -19.26 3.46
N THR J 60 -1.93 -20.06 2.46
CA THR J 60 -2.82 -20.53 1.42
C THR J 60 -3.00 -22.03 1.57
N MET J 61 -4.24 -22.49 1.55
CA MET J 61 -4.52 -23.89 1.81
C MET J 61 -5.76 -24.33 1.04
N TYR J 62 -5.94 -25.65 0.97
CA TYR J 62 -7.17 -26.27 0.51
C TYR J 62 -7.91 -26.77 1.73
N PHE J 63 -9.07 -26.19 2.01
CA PHE J 63 -9.82 -26.48 3.23
C PHE J 63 -11.01 -27.35 2.87
N GLN J 64 -10.96 -28.61 3.28
CA GLN J 64 -11.99 -29.59 2.96
C GLN J 64 -12.82 -29.91 4.20
N GLN J 65 -14.14 -29.98 4.02
CA GLN J 65 -15.07 -30.31 5.09
C GLN J 65 -15.93 -31.48 4.69
N TYR J 66 -16.10 -32.44 5.59
CA TYR J 66 -16.87 -33.65 5.36
C TYR J 66 -17.97 -33.77 6.39
N TRP J 67 -19.21 -33.89 5.93
CA TRP J 67 -20.33 -34.18 6.83
C TRP J 67 -21.39 -34.95 6.07
N ARG J 68 -22.28 -35.57 6.82
CA ARG J 68 -23.37 -36.35 6.23
C ARG J 68 -24.67 -35.57 6.34
N ASP J 69 -25.34 -35.39 5.20
CA ASP J 69 -26.66 -34.76 5.14
C ASP J 69 -27.60 -35.78 4.51
N LYS J 70 -28.51 -36.32 5.32
CA LYS J 70 -29.42 -37.36 4.84
C LYS J 70 -30.50 -36.82 3.90
N ARG J 71 -30.67 -35.50 3.81
CA ARG J 71 -31.54 -34.92 2.81
C ARG J 71 -30.96 -35.02 1.40
N LEU J 72 -29.65 -35.26 1.29
CA LEU J 72 -28.97 -35.31 0.00
C LEU J 72 -28.59 -36.73 -0.40
N ALA J 73 -29.19 -37.75 0.22
CA ALA J 73 -28.89 -39.13 -0.13
C ALA J 73 -29.67 -39.53 -1.38
N TYR J 74 -28.97 -40.15 -2.33
CA TYR J 74 -29.58 -40.63 -3.56
C TYR J 74 -29.32 -42.12 -3.72
N SER J 75 -30.15 -42.78 -4.51
CA SER J 75 -30.14 -44.23 -4.60
C SER J 75 -29.89 -44.76 -6.01
N GLY J 76 -30.43 -44.11 -7.03
CA GLY J 76 -30.37 -44.65 -8.38
C GLY J 76 -29.02 -44.59 -9.07
N ILE J 77 -28.09 -43.82 -8.53
CA ILE J 77 -26.78 -43.60 -9.15
C ILE J 77 -25.72 -44.23 -8.26
N PRO J 78 -24.87 -45.11 -8.79
CA PRO J 78 -23.78 -45.68 -7.99
C PRO J 78 -22.49 -44.87 -7.99
N LEU J 79 -22.51 -43.63 -8.46
CA LEU J 79 -21.32 -42.81 -8.56
C LEU J 79 -21.34 -41.68 -7.55
N ASN J 80 -20.16 -41.12 -7.30
CA ASN J 80 -20.03 -39.92 -6.49
C ASN J 80 -20.24 -38.70 -7.37
N LEU J 81 -21.27 -37.90 -7.08
CA LEU J 81 -21.67 -36.80 -7.94
C LEU J 81 -20.83 -35.57 -7.63
N THR J 82 -19.94 -35.22 -8.56
CA THR J 82 -19.22 -33.96 -8.50
C THR J 82 -20.05 -32.93 -9.27
N LEU J 83 -20.59 -31.96 -8.54
CA LEU J 83 -21.47 -30.95 -9.12
C LEU J 83 -20.70 -29.66 -9.37
N ASP J 84 -21.33 -28.76 -10.11
CA ASP J 84 -20.78 -27.42 -10.28
C ASP J 84 -20.82 -26.69 -8.95
N ASN J 85 -19.82 -25.82 -8.73
CA ASN J 85 -19.61 -25.21 -7.42
C ASN J 85 -20.69 -24.20 -7.02
N ARG J 86 -21.56 -23.81 -7.95
CA ARG J 86 -22.66 -22.90 -7.62
C ARG J 86 -23.81 -23.60 -6.89
N VAL J 87 -23.77 -24.93 -6.76
CA VAL J 87 -24.76 -25.65 -5.96
C VAL J 87 -24.52 -25.47 -4.46
N ALA J 88 -23.35 -24.98 -4.06
CA ALA J 88 -23.06 -24.76 -2.64
C ALA J 88 -23.89 -23.62 -2.05
N ASP J 89 -24.41 -22.73 -2.88
CA ASP J 89 -25.33 -21.70 -2.41
C ASP J 89 -26.73 -22.24 -2.16
N GLN J 90 -27.03 -23.46 -2.64
CA GLN J 90 -28.32 -24.10 -2.41
C GLN J 90 -28.23 -25.21 -1.36
N LEU J 91 -27.09 -25.34 -0.70
CA LEU J 91 -26.89 -26.36 0.32
C LEU J 91 -26.58 -25.71 1.66
N TRP J 92 -26.83 -26.45 2.72
CA TRP J 92 -26.30 -26.08 4.02
C TRP J 92 -24.81 -26.38 4.06
N VAL J 93 -24.03 -25.41 4.56
CA VAL J 93 -22.61 -25.62 4.82
C VAL J 93 -22.35 -25.23 6.26
N PRO J 94 -21.32 -25.79 6.90
CA PRO J 94 -20.96 -25.35 8.25
C PRO J 94 -20.47 -23.90 8.26
N ASP J 95 -20.71 -23.23 9.37
CA ASP J 95 -20.33 -21.82 9.53
C ASP J 95 -18.90 -21.70 10.06
N THR J 96 -17.98 -22.36 9.37
CA THR J 96 -16.61 -22.45 9.81
C THR J 96 -15.88 -21.13 9.53
N TYR J 97 -15.21 -20.60 10.55
CA TYR J 97 -14.40 -19.41 10.40
C TYR J 97 -13.09 -19.63 11.13
N PHE J 98 -12.10 -18.79 10.80
CA PHE J 98 -10.77 -18.83 11.46
C PHE J 98 -10.75 -17.74 12.54
N LEU J 99 -10.63 -18.16 13.80
CA LEU J 99 -10.67 -17.25 14.98
C LEU J 99 -9.51 -16.25 14.98
N ASN J 100 -8.29 -16.69 14.66
CA ASN J 100 -7.10 -15.78 14.71
C ASN J 100 -6.88 -15.10 13.35
N ASP J 101 -7.74 -15.41 12.37
CA ASP J 101 -7.64 -14.83 11.00
C ASP J 101 -7.84 -13.31 11.04
N LYS J 102 -7.00 -12.55 10.33
CA LYS J 102 -7.14 -11.07 10.28
C LYS J 102 -7.85 -10.68 8.98
N LYS J 103 -7.39 -11.22 7.84
CA LYS J 103 -8.02 -10.96 6.52
C LYS J 103 -8.01 -12.26 5.73
N SER J 104 -9.12 -12.61 5.06
CA SER J 104 -9.19 -13.88 4.31
C SER J 104 -10.05 -13.73 3.06
N PHE J 105 -9.84 -14.62 2.08
CA PHE J 105 -10.69 -14.64 0.90
C PHE J 105 -10.63 -16.02 0.27
N VAL J 106 -11.70 -16.39 -0.39
CA VAL J 106 -11.71 -17.55 -1.28
C VAL J 106 -11.35 -17.06 -2.67
N HIS J 107 -10.47 -17.82 -3.34
CA HIS J 107 -9.99 -17.51 -4.71
C HIS J 107 -11.19 -17.57 -5.66
N GLY J 108 -11.23 -16.69 -6.67
CA GLY J 108 -12.37 -16.61 -7.55
C GLY J 108 -12.07 -16.57 -9.03
N VAL J 109 -10.90 -17.08 -9.41
CA VAL J 109 -10.50 -17.13 -10.86
C VAL J 109 -10.14 -18.59 -11.18
N THR J 110 -10.82 -19.19 -12.17
CA THR J 110 -11.75 -18.52 -13.09
C THR J 110 -13.19 -18.53 -12.58
N VAL J 111 -13.49 -19.52 -11.74
CA VAL J 111 -14.73 -19.56 -10.98
C VAL J 111 -14.33 -19.49 -9.52
N LYS J 112 -15.32 -19.45 -8.62
CA LYS J 112 -15.03 -19.50 -7.20
C LYS J 112 -14.41 -20.85 -6.85
N ASN J 113 -13.27 -20.82 -6.19
CA ASN J 113 -12.43 -21.99 -5.98
C ASN J 113 -13.03 -22.89 -4.90
N ARG J 114 -14.12 -23.56 -5.27
CA ARG J 114 -14.78 -24.48 -4.37
C ARG J 114 -15.24 -25.72 -5.12
N MET J 115 -15.51 -26.76 -4.35
CA MET J 115 -15.86 -28.07 -4.88
C MET J 115 -16.97 -28.67 -4.03
N ILE J 116 -18.00 -29.18 -4.68
CA ILE J 116 -19.04 -29.98 -4.03
C ILE J 116 -19.00 -31.37 -4.63
N ARG J 117 -18.79 -32.37 -3.79
CA ARG J 117 -18.84 -33.77 -4.21
C ARG J 117 -19.83 -34.50 -3.32
N LEU J 118 -20.88 -35.02 -3.92
CA LEU J 118 -21.90 -35.75 -3.18
C LEU J 118 -21.60 -37.23 -3.19
N HIS J 119 -22.19 -37.94 -2.23
CA HIS J 119 -22.03 -39.37 -2.07
C HIS J 119 -23.43 -39.98 -1.87
N PRO J 120 -23.61 -41.26 -2.22
CA PRO J 120 -24.96 -41.85 -2.17
C PRO J 120 -25.59 -41.91 -0.79
N ASP J 121 -24.79 -42.00 0.27
CA ASP J 121 -25.35 -41.98 1.62
C ASP J 121 -25.60 -40.57 2.15
N GLY J 122 -25.30 -39.55 1.36
CA GLY J 122 -25.50 -38.18 1.78
C GLY J 122 -24.27 -37.47 2.28
N THR J 123 -23.08 -38.08 2.16
CA THR J 123 -21.85 -37.45 2.61
C THR J 123 -21.45 -36.36 1.63
N VAL J 124 -21.21 -35.16 2.15
CA VAL J 124 -20.84 -34.01 1.34
C VAL J 124 -19.36 -33.72 1.55
N LEU J 125 -18.63 -33.64 0.45
CA LEU J 125 -17.26 -33.13 0.45
C LEU J 125 -17.31 -31.70 -0.07
N TYR J 126 -16.86 -30.76 0.77
CA TYR J 126 -16.90 -29.33 0.47
C TYR J 126 -15.49 -28.77 0.63
N GLY J 127 -14.85 -28.47 -0.49
CA GLY J 127 -13.48 -27.96 -0.49
C GLY J 127 -13.48 -26.47 -0.79
N LEU J 128 -12.51 -25.77 -0.21
CA LEU J 128 -12.33 -24.34 -0.44
C LEU J 128 -10.84 -24.03 -0.50
N ARG J 129 -10.47 -23.19 -1.48
CA ARG J 129 -9.09 -22.67 -1.62
C ARG J 129 -9.10 -21.30 -0.95
N ILE J 130 -8.42 -21.19 0.20
CA ILE J 130 -8.49 -20.00 1.02
C ILE J 130 -7.07 -19.48 1.24
N THR J 131 -6.88 -18.18 1.05
CA THR J 131 -5.67 -17.49 1.47
C THR J 131 -6.01 -16.69 2.74
N THR J 132 -5.36 -17.06 3.85
CA THR J 132 -5.68 -16.44 5.15
C THR J 132 -4.46 -15.74 5.76
N THR J 133 -4.61 -14.48 6.16
CA THR J 133 -3.54 -13.80 6.92
C THR J 133 -3.97 -14.00 8.38
N ALA J 134 -3.27 -14.88 9.10
CA ALA J 134 -3.67 -15.19 10.49
C ALA J 134 -2.71 -14.53 11.48
N ALA J 135 -3.24 -14.05 12.61
CA ALA J 135 -2.40 -13.43 13.61
C ALA J 135 -1.50 -14.45 14.29
N CYS J 136 -0.26 -14.07 14.54
CA CYS J 136 0.70 -14.91 15.27
C CYS J 136 1.49 -13.99 16.20
N MET J 137 1.13 -13.98 17.48
CA MET J 137 1.87 -13.22 18.47
C MET J 137 3.22 -13.86 18.71
N MET J 138 4.28 -13.07 18.53
CA MET J 138 5.64 -13.58 18.53
C MET J 138 6.41 -13.11 19.76
N ASP J 139 7.12 -14.05 20.38
CA ASP J 139 8.04 -13.74 21.48
C ASP J 139 9.41 -13.47 20.86
N LEU J 140 9.82 -12.20 20.87
CA LEU J 140 11.02 -11.76 20.19
C LEU J 140 12.17 -11.49 21.15
N ARG J 141 12.16 -12.15 22.32
CA ARG J 141 13.23 -11.94 23.29
C ARG J 141 14.55 -12.56 22.84
N ARG J 142 14.49 -13.60 22.01
CA ARG J 142 15.68 -14.26 21.48
C ARG J 142 15.84 -14.02 19.98
N TYR J 143 15.21 -12.99 19.46
CA TYR J 143 15.30 -12.67 18.03
C TYR J 143 16.71 -12.22 17.67
N PRO J 144 17.29 -12.73 16.58
CA PRO J 144 16.71 -13.61 15.57
C PRO J 144 17.09 -15.09 15.69
N LEU J 145 17.40 -15.54 16.89
CA LEU J 145 17.68 -16.95 17.15
C LEU J 145 16.51 -17.61 17.88
N ASP J 146 15.30 -17.23 17.51
CA ASP J 146 14.09 -17.59 18.23
C ASP J 146 13.28 -18.65 17.49
N GLU J 147 12.46 -19.36 18.25
CA GLU J 147 11.46 -20.28 17.71
C GLU J 147 10.09 -19.68 17.96
N GLN J 148 9.23 -19.73 16.94
CA GLN J 148 7.88 -19.18 17.05
C GLN J 148 6.85 -20.26 16.83
N ASN J 149 5.70 -20.11 17.48
CA ASN J 149 4.59 -21.04 17.39
C ASN J 149 3.40 -20.28 16.83
N CYS J 150 3.10 -20.51 15.56
CA CYS J 150 2.00 -19.84 14.87
C CYS J 150 0.88 -20.85 14.64
N THR J 151 -0.33 -20.47 15.05
CA THR J 151 -1.48 -21.37 15.05
C THR J 151 -2.51 -20.93 14.03
N LEU J 152 -3.43 -21.85 13.74
CA LEU J 152 -4.64 -21.56 12.98
C LEU J 152 -5.81 -22.14 13.75
N GLU J 153 -6.67 -21.27 14.26
CA GLU J 153 -7.77 -21.67 15.13
C GLU J 153 -9.05 -21.78 14.31
N ILE J 154 -9.60 -22.99 14.24
CA ILE J 154 -10.76 -23.29 13.42
C ILE J 154 -11.94 -23.50 14.36
N GLU J 155 -13.01 -22.72 14.15
CA GLU J 155 -14.14 -22.73 15.06
C GLU J 155 -15.44 -22.61 14.28
N SER J 156 -16.51 -23.11 14.89
CA SER J 156 -17.86 -22.86 14.40
C SER J 156 -18.35 -21.53 14.96
N TYR J 157 -18.99 -20.74 14.11
CA TYR J 157 -19.36 -19.39 14.53
C TYR J 157 -20.62 -19.37 15.39
N GLY J 158 -21.70 -19.96 14.90
CA GLY J 158 -22.97 -19.82 15.58
C GLY J 158 -23.49 -21.09 16.21
N TYR J 159 -23.10 -22.23 15.67
CA TYR J 159 -23.54 -23.52 16.18
C TYR J 159 -22.66 -23.95 17.34
N THR J 160 -23.29 -24.31 18.45
CA THR J 160 -22.57 -24.79 19.62
C THR J 160 -22.26 -26.28 19.46
N THR J 161 -21.71 -26.89 20.51
CA THR J 161 -21.39 -28.31 20.48
C THR J 161 -22.65 -29.17 20.54
N ASP J 162 -23.79 -28.60 20.93
CA ASP J 162 -25.06 -29.31 20.82
C ASP J 162 -25.52 -29.46 19.38
N ASP J 163 -25.00 -28.62 18.48
CA ASP J 163 -25.39 -28.64 17.04
C ASP J 163 -24.29 -29.22 16.15
N ILE J 164 -23.04 -28.78 16.32
CA ILE J 164 -21.93 -29.22 15.43
C ILE J 164 -20.72 -29.71 16.23
N GLU J 165 -20.11 -30.82 15.79
CA GLU J 165 -18.87 -31.37 16.41
C GLU J 165 -17.77 -31.43 15.35
N PHE J 166 -16.59 -30.91 15.66
CA PHE J 166 -15.45 -30.90 14.76
C PHE J 166 -14.53 -32.07 15.08
N TYR J 167 -13.87 -32.59 14.04
CA TYR J 167 -12.78 -33.54 14.23
C TYR J 167 -11.85 -33.46 13.03
N TRP J 168 -10.58 -33.79 13.28
CA TRP J 168 -9.61 -33.92 12.20
C TRP J 168 -9.82 -35.25 11.48
N ARG J 169 -10.23 -35.19 10.22
CA ARG J 169 -10.55 -36.39 9.46
C ARG J 169 -9.26 -37.05 9.01
N GLY J 170 -8.93 -38.19 9.61
CA GLY J 170 -7.68 -38.87 9.36
C GLY J 170 -6.70 -38.81 10.52
N GLY J 171 -7.09 -38.23 11.65
CA GLY J 171 -6.23 -38.15 12.80
C GLY J 171 -5.11 -37.16 12.64
N ASP J 172 -3.87 -37.63 12.72
CA ASP J 172 -2.69 -36.78 12.52
C ASP J 172 -2.31 -36.64 11.05
N LYS J 173 -2.90 -37.44 10.17
CA LYS J 173 -2.70 -37.30 8.73
C LYS J 173 -3.73 -36.37 8.09
N ALA J 174 -4.47 -35.61 8.90
CA ALA J 174 -5.50 -34.73 8.37
C ALA J 174 -4.93 -33.49 7.70
N VAL J 175 -3.69 -33.12 8.01
CA VAL J 175 -3.05 -31.96 7.42
C VAL J 175 -1.85 -32.43 6.61
N THR J 176 -1.88 -32.18 5.31
CA THR J 176 -0.80 -32.52 4.40
C THR J 176 -0.22 -31.24 3.80
N GLY J 177 0.94 -31.39 3.16
CA GLY J 177 1.58 -30.27 2.52
C GLY J 177 2.41 -29.40 3.43
N VAL J 178 2.84 -29.90 4.58
CA VAL J 178 3.70 -29.14 5.46
C VAL J 178 5.11 -29.08 4.89
N GLU J 179 5.52 -30.12 4.14
CA GLU J 179 6.79 -30.11 3.44
C GLU J 179 6.77 -29.20 2.22
N ARG J 180 5.60 -28.77 1.77
CA ARG J 180 5.47 -27.85 0.65
C ARG J 180 5.80 -26.42 1.05
N ILE J 181 5.85 -26.12 2.35
CA ILE J 181 6.10 -24.78 2.84
C ILE J 181 7.56 -24.44 2.61
N GLU J 182 7.82 -23.38 1.82
CA GLU J 182 9.16 -22.92 1.52
C GLU J 182 9.29 -21.46 1.96
N LEU J 183 9.62 -21.26 3.21
CA LEU J 183 9.99 -19.94 3.69
C LEU J 183 11.49 -19.79 3.66
N PRO J 184 12.03 -18.68 3.18
CA PRO J 184 13.51 -18.55 3.13
C PRO J 184 14.14 -18.38 4.49
N GLN J 185 13.53 -17.62 5.39
CA GLN J 185 14.10 -17.36 6.70
C GLN J 185 13.53 -18.26 7.79
N PHE J 186 12.77 -19.28 7.43
CA PHE J 186 12.16 -20.17 8.42
C PHE J 186 12.23 -21.61 7.96
N SER J 187 12.15 -22.52 8.92
CA SER J 187 12.02 -23.95 8.67
C SER J 187 10.98 -24.52 9.63
N ILE J 188 10.13 -25.39 9.13
CA ILE J 188 9.09 -26.01 9.94
C ILE J 188 9.72 -27.11 10.77
N VAL J 189 9.71 -26.95 12.09
CA VAL J 189 10.22 -28.00 12.98
C VAL J 189 9.16 -29.07 13.20
N GLU J 190 7.94 -28.67 13.55
CA GLU J 190 6.90 -29.59 13.94
C GLU J 190 5.55 -28.95 13.67
N HIS J 191 4.55 -29.78 13.37
CA HIS J 191 3.17 -29.33 13.33
C HIS J 191 2.31 -30.27 14.16
N ARG J 192 1.29 -29.71 14.81
CA ARG J 192 0.43 -30.45 15.71
C ARG J 192 -1.03 -30.17 15.39
N LEU J 193 -1.89 -31.09 15.80
CA LEU J 193 -3.33 -30.99 15.60
C LEU J 193 -4.02 -31.14 16.95
N VAL J 194 -4.80 -30.13 17.33
CA VAL J 194 -5.48 -30.07 18.62
C VAL J 194 -6.97 -29.95 18.37
N SER J 195 -7.76 -30.73 19.12
CA SER J 195 -9.22 -30.66 19.11
C SER J 195 -9.70 -30.27 20.50
N ARG J 196 -10.47 -29.20 20.59
CA ARG J 196 -10.93 -28.68 21.87
C ARG J 196 -12.41 -28.35 21.82
N ASN J 197 -12.96 -28.02 22.98
CA ASN J 197 -14.22 -27.30 23.12
C ASN J 197 -13.95 -26.03 23.88
N VAL J 198 -14.39 -24.90 23.33
CA VAL J 198 -14.15 -23.58 23.91
C VAL J 198 -15.49 -23.00 24.35
N VAL J 199 -15.58 -22.64 25.62
CA VAL J 199 -16.83 -22.17 26.22
C VAL J 199 -16.84 -20.65 26.21
N PHE J 200 -17.90 -20.07 25.67
CA PHE J 200 -18.11 -18.63 25.70
C PHE J 200 -19.37 -18.32 26.51
N ALA J 201 -19.79 -17.06 26.47
CA ALA J 201 -21.03 -16.68 27.12
C ALA J 201 -22.24 -17.23 26.38
N THR J 202 -22.12 -17.47 25.08
CA THR J 202 -23.20 -18.01 24.28
C THR J 202 -23.20 -19.53 24.19
N GLY J 203 -22.20 -20.19 24.75
CA GLY J 203 -22.17 -21.64 24.80
C GLY J 203 -20.78 -22.17 24.54
N ALA J 204 -20.68 -23.49 24.45
CA ALA J 204 -19.43 -24.17 24.16
C ALA J 204 -19.34 -24.44 22.66
N TYR J 205 -18.18 -24.17 22.07
CA TYR J 205 -18.03 -24.27 20.63
C TYR J 205 -16.91 -25.23 20.26
N PRO J 206 -17.07 -26.01 19.18
CA PRO J 206 -16.00 -26.93 18.77
C PRO J 206 -14.83 -26.17 18.18
N ARG J 207 -13.62 -26.64 18.49
CA ARG J 207 -12.39 -25.97 18.10
C ARG J 207 -11.39 -26.97 17.56
N LEU J 208 -10.85 -26.68 16.38
CA LEU J 208 -9.70 -27.38 15.84
C LEU J 208 -8.53 -26.40 15.73
N SER J 209 -7.35 -26.86 16.10
CA SER J 209 -6.16 -26.02 16.07
C SER J 209 -5.07 -26.70 15.26
N LEU J 210 -4.49 -25.96 14.32
CA LEU J 210 -3.30 -26.37 13.58
C LEU J 210 -2.20 -25.37 13.90
N SER J 211 -1.15 -25.84 14.57
CA SER J 211 -0.04 -25.01 14.96
C SER J 211 1.25 -25.49 14.31
N PHE J 212 2.13 -24.55 13.98
CA PHE J 212 3.44 -24.84 13.42
C PHE J 212 4.51 -24.28 14.34
N ARG J 213 5.64 -24.96 14.41
CA ARG J 213 6.82 -24.44 15.09
C ARG J 213 7.82 -23.96 14.05
N LEU J 214 8.12 -22.66 14.08
CA LEU J 214 8.97 -22.02 13.08
C LEU J 214 10.32 -21.69 13.71
N LYS J 215 11.38 -22.27 13.17
CA LYS J 215 12.74 -21.96 13.58
C LYS J 215 13.34 -20.99 12.57
N ARG J 216 13.82 -19.85 13.04
CA ARG J 216 14.36 -18.83 12.16
C ARG J 216 15.78 -19.20 11.71
N ASN J 217 16.08 -18.92 10.45
CA ASN J 217 17.40 -19.13 9.90
C ASN J 217 18.28 -17.92 10.19
N ILE J 218 19.48 -18.17 10.71
CA ILE J 218 20.36 -17.10 11.13
C ILE J 218 21.17 -16.51 9.98
N GLY J 219 21.13 -17.13 8.80
CA GLY J 219 22.08 -16.80 7.74
C GLY J 219 21.87 -15.43 7.14
N TYR J 220 20.64 -14.93 7.14
CA TYR J 220 20.39 -13.58 6.64
C TYR J 220 20.92 -12.53 7.62
N PHE J 221 20.74 -12.77 8.92
CA PHE J 221 21.09 -11.78 9.92
C PHE J 221 22.58 -11.72 10.21
N ILE J 222 23.32 -12.77 9.84
CA ILE J 222 24.78 -12.68 9.85
C ILE J 222 25.24 -11.65 8.83
N LEU J 223 24.84 -11.84 7.57
CA LEU J 223 25.25 -10.91 6.49
C LEU J 223 24.68 -9.50 6.75
N GLN J 224 23.40 -9.44 7.11
CA GLN J 224 22.64 -8.17 7.33
C GLN J 224 23.12 -7.32 8.52
N THR J 225 23.41 -7.92 9.68
CA THR J 225 23.78 -7.08 10.87
C THR J 225 25.03 -7.56 11.63
N TYR J 226 25.12 -8.86 11.93
CA TYR J 226 26.19 -9.36 12.78
C TYR J 226 27.56 -9.10 12.18
N MET J 227 27.78 -9.51 10.93
CA MET J 227 29.07 -9.28 10.29
C MET J 227 29.38 -7.80 10.01
N PRO J 228 28.43 -6.92 9.65
CA PRO J 228 28.76 -5.48 9.69
C PRO J 228 29.15 -4.95 11.05
N SER J 229 28.56 -5.46 12.13
CA SER J 229 28.89 -4.96 13.46
C SER J 229 30.23 -5.50 13.95
N ILE J 230 30.64 -6.68 13.47
CA ILE J 230 31.96 -7.21 13.81
C ILE J 230 33.05 -6.39 13.13
N LEU J 231 32.85 -6.05 11.86
CA LEU J 231 33.88 -5.38 11.08
C LEU J 231 34.06 -3.92 11.50
N ILE J 232 33.02 -3.29 12.07
CA ILE J 232 33.19 -1.95 12.61
C ILE J 232 33.96 -2.00 13.92
N THR J 233 33.77 -3.06 14.71
CA THR J 233 34.51 -3.22 15.95
C THR J 233 35.99 -3.50 15.70
N ILE J 234 36.30 -4.29 14.66
CA ILE J 234 37.68 -4.48 14.26
C ILE J 234 38.27 -3.20 13.68
N LEU J 235 37.43 -2.39 13.02
CA LEU J 235 37.86 -1.09 12.49
C LEU J 235 38.27 -0.13 13.60
N SER J 236 37.65 -0.23 14.78
CA SER J 236 38.03 0.61 15.89
C SER J 236 39.33 0.18 16.55
N TRP J 237 39.80 -1.04 16.29
CA TRP J 237 41.08 -1.49 16.82
C TRP J 237 42.26 -1.05 15.97
N VAL J 238 42.00 -0.53 14.77
CA VAL J 238 43.05 0.00 13.91
C VAL J 238 43.70 1.22 14.54
N SER J 239 42.95 1.95 15.38
CA SER J 239 43.47 3.14 16.06
C SER J 239 44.58 2.80 17.05
N PHE J 240 44.61 1.57 17.57
CA PHE J 240 45.62 1.19 18.55
C PHE J 240 47.01 1.07 17.94
N TRP J 241 47.11 0.76 16.65
CA TRP J 241 48.40 0.67 15.98
C TRP J 241 48.86 1.99 15.38
N ILE J 242 48.01 3.01 15.40
CA ILE J 242 48.39 4.33 14.92
C ILE J 242 49.04 5.10 16.06
N ASN J 243 50.07 5.88 15.73
CA ASN J 243 50.80 6.68 16.71
C ASN J 243 49.88 7.72 17.35
N TYR J 244 50.12 7.99 18.64
CA TYR J 244 49.23 8.85 19.41
C TYR J 244 49.33 10.33 19.04
N ASP J 245 50.35 10.73 18.27
CA ASP J 245 50.41 12.09 17.77
C ASP J 245 49.33 12.35 16.72
N ALA J 246 48.89 11.31 16.02
CA ALA J 246 47.84 11.42 15.01
C ALA J 246 46.50 11.55 15.72
N SER J 247 46.22 12.77 16.19
CA SER J 247 45.01 13.00 16.97
C SER J 247 43.78 13.05 16.08
N ALA J 248 43.88 13.69 14.92
CA ALA J 248 42.74 13.76 14.02
C ALA J 248 42.46 12.42 13.36
N ALA J 249 43.48 11.55 13.24
CA ALA J 249 43.27 10.24 12.64
C ALA J 249 42.64 9.25 13.62
N ARG J 250 43.00 9.31 14.90
CA ARG J 250 42.49 8.36 15.87
C ARG J 250 41.15 8.77 16.46
N VAL J 251 40.84 10.07 16.49
CA VAL J 251 39.53 10.50 16.94
C VAL J 251 38.48 10.22 15.88
N ALA J 252 38.84 10.44 14.60
CA ALA J 252 37.91 10.15 13.51
C ALA J 252 37.66 8.65 13.36
N LEU J 253 38.62 7.81 13.75
CA LEU J 253 38.35 6.38 13.85
C LEU J 253 37.39 6.08 15.00
N GLY J 254 37.51 6.82 16.09
CA GLY J 254 36.58 6.63 17.20
C GLY J 254 35.22 7.25 16.94
N ILE J 255 35.16 8.30 16.14
CA ILE J 255 33.89 8.94 15.82
C ILE J 255 33.07 8.06 14.90
N THR J 256 33.68 7.62 13.79
CA THR J 256 32.92 6.99 12.72
C THR J 256 32.51 5.57 13.07
N THR J 257 33.26 4.92 13.97
CA THR J 257 32.84 3.59 14.42
C THR J 257 31.72 3.68 15.45
N VAL J 258 31.67 4.76 16.22
CA VAL J 258 30.57 4.96 17.16
C VAL J 258 29.30 5.36 16.43
N LEU J 259 29.41 6.25 15.44
CA LEU J 259 28.25 6.69 14.67
C LEU J 259 27.69 5.61 13.77
N THR J 260 28.52 4.69 13.27
CA THR J 260 28.01 3.61 12.44
C THR J 260 27.19 2.61 13.28
N MET J 261 27.58 2.41 14.53
CA MET J 261 26.80 1.55 15.43
C MET J 261 25.44 2.15 15.75
N THR J 262 25.33 3.48 15.73
CA THR J 262 24.03 4.11 15.92
C THR J 262 23.14 3.94 14.70
N THR J 263 23.73 3.97 13.50
CA THR J 263 22.93 3.80 12.29
C THR J 263 22.52 2.34 12.08
N ILE J 264 23.32 1.39 12.55
CA ILE J 264 22.93 -0.01 12.49
C ILE J 264 21.82 -0.31 13.49
N ASN J 265 21.87 0.35 14.65
CA ASN J 265 20.87 0.10 15.70
C ASN J 265 19.51 0.69 15.33
N THR J 266 19.52 1.91 14.78
CA THR J 266 18.26 2.58 14.38
C THR J 266 17.61 1.77 13.24
N HIS J 267 18.42 1.31 12.29
CA HIS J 267 17.94 0.54 11.11
C HIS J 267 17.33 -0.79 11.55
N LEU J 268 17.93 -1.45 12.54
CA LEU J 268 17.45 -2.78 13.03
C LEU J 268 16.03 -2.65 13.60
N ARG J 269 15.75 -1.56 14.31
CA ARG J 269 14.41 -1.34 14.94
C ARG J 269 13.32 -1.26 13.86
N GLU J 270 13.63 -0.66 12.71
CA GLU J 270 12.65 -0.50 11.63
C GLU J 270 12.06 -1.84 11.20
N THR J 271 12.85 -2.91 11.27
CA THR J 271 12.42 -4.24 10.87
C THR J 271 11.66 -4.98 11.98
N LEU J 272 11.45 -4.35 13.12
CA LEU J 272 10.84 -4.97 14.29
C LEU J 272 9.64 -4.14 14.76
N PRO J 273 8.67 -4.76 15.43
CA PRO J 273 7.61 -3.97 16.07
C PRO J 273 8.14 -3.23 17.29
N LYS J 274 7.31 -2.31 17.79
CA LYS J 274 7.71 -1.44 18.89
C LYS J 274 7.50 -2.17 20.22
N ILE J 275 8.37 -3.14 20.45
CA ILE J 275 8.33 -3.95 21.68
C ILE J 275 9.10 -3.24 22.77
N PRO J 276 8.67 -3.33 24.03
CA PRO J 276 9.37 -2.62 25.11
C PRO J 276 10.61 -3.34 25.62
N TYR J 277 10.83 -4.60 25.25
CA TYR J 277 11.94 -5.37 25.78
C TYR J 277 13.11 -5.39 24.79
N VAL J 278 14.17 -6.09 25.17
CA VAL J 278 15.42 -6.13 24.44
C VAL J 278 15.55 -7.49 23.77
N THR J 279 15.85 -7.49 22.47
CA THR J 279 16.03 -8.72 21.71
C THR J 279 17.47 -9.21 21.83
N ALA J 280 17.77 -10.33 21.18
CA ALA J 280 19.13 -10.88 21.24
C ALA J 280 20.09 -10.09 20.35
N ILE J 281 19.60 -9.60 19.21
CA ILE J 281 20.44 -8.78 18.34
C ILE J 281 20.64 -7.39 18.94
N ASP J 282 19.70 -6.93 19.78
CA ASP J 282 19.90 -5.68 20.51
C ASP J 282 21.00 -5.82 21.56
N MET J 283 21.09 -6.99 22.20
CA MET J 283 22.16 -7.23 23.16
C MET J 283 23.52 -7.31 22.49
N TYR J 284 23.57 -7.73 21.22
CA TYR J 284 24.85 -7.79 20.52
C TYR J 284 25.29 -6.41 20.07
N LEU J 285 24.34 -5.57 19.64
CA LEU J 285 24.71 -4.22 19.18
C LEU J 285 25.07 -3.32 20.35
N MET J 286 24.38 -3.47 21.49
CA MET J 286 24.76 -2.70 22.67
C MET J 286 26.07 -3.20 23.25
N GLY J 287 26.39 -4.49 23.06
CA GLY J 287 27.71 -4.97 23.43
C GLY J 287 28.79 -4.47 22.49
N CYS J 288 28.47 -4.40 21.19
CA CYS J 288 29.43 -3.88 20.23
C CYS J 288 29.60 -2.38 20.33
N PHE J 289 28.58 -1.66 20.84
CA PHE J 289 28.73 -0.23 21.06
C PHE J 289 29.68 0.06 22.20
N VAL J 290 29.71 -0.80 23.23
CA VAL J 290 30.62 -0.60 24.36
C VAL J 290 32.07 -0.76 23.93
N PHE J 291 32.33 -1.69 23.00
CA PHE J 291 33.69 -1.93 22.54
C PHE J 291 34.21 -0.78 21.68
N VAL J 292 33.36 -0.18 20.85
CA VAL J 292 33.81 0.92 20.02
C VAL J 292 33.80 2.24 20.78
N PHE J 293 33.04 2.34 21.88
CA PHE J 293 33.07 3.56 22.67
C PHE J 293 34.27 3.58 23.60
N LEU J 294 34.64 2.43 24.15
CA LEU J 294 35.84 2.34 24.98
C LEU J 294 37.12 2.42 24.18
N ALA J 295 37.04 2.17 22.86
CA ALA J 295 38.22 2.34 22.02
C ALA J 295 38.52 3.82 21.80
N LEU J 296 37.48 4.66 21.72
CA LEU J 296 37.70 6.10 21.64
C LEU J 296 38.07 6.68 22.99
N LEU J 297 37.47 6.16 24.06
CA LEU J 297 37.86 6.57 25.41
C LEU J 297 39.27 6.12 25.77
N GLU J 298 39.79 5.08 25.11
CA GLU J 298 41.17 4.68 25.33
C GLU J 298 42.14 5.72 24.77
N TYR J 299 41.81 6.31 23.62
CA TYR J 299 42.67 7.35 23.08
C TYR J 299 42.55 8.64 23.87
N ALA J 300 41.33 8.95 24.36
CA ALA J 300 41.13 10.16 25.15
C ALA J 300 41.86 10.08 26.49
N PHE J 301 42.12 8.88 26.99
CA PHE J 301 43.00 8.73 28.13
C PHE J 301 44.46 8.76 27.71
N VAL J 302 44.76 8.26 26.52
CA VAL J 302 46.13 8.30 26.00
C VAL J 302 46.52 9.72 25.62
N ASN J 303 45.63 10.44 24.94
CA ASN J 303 45.86 11.84 24.60
C ASN J 303 45.96 12.73 25.83
N TYR J 304 45.36 12.33 26.95
CA TYR J 304 45.41 13.12 28.17
C TYR J 304 46.74 13.00 28.88
N ILE J 305 47.47 11.90 28.69
CA ILE J 305 48.67 11.61 29.48
C ILE J 305 49.93 11.48 28.64
N PHE J 306 49.86 11.58 27.31
CA PHE J 306 51.05 11.30 26.50
C PHE J 306 52.04 12.46 26.48
N PHE J 307 51.71 13.61 27.06
CA PHE J 307 52.71 14.66 27.20
C PHE J 307 53.56 14.44 28.44
N SER J 308 52.93 14.20 29.59
CA SER J 308 53.67 14.03 30.84
C SER J 308 54.23 12.61 30.96
N GLN J 309 53.44 11.60 30.62
CA GLN J 309 53.83 10.20 30.74
C GLN J 309 53.78 9.54 29.36
N PRO J 310 54.82 9.70 28.54
CA PRO J 310 54.80 9.07 27.21
C PRO J 310 55.04 7.57 27.25
N ALA J 311 55.73 7.05 28.27
CA ALA J 311 55.94 5.61 28.38
C ALA J 311 54.69 4.90 28.88
N ARG J 312 53.89 5.56 29.72
CA ARG J 312 52.64 4.96 30.18
C ARG J 312 51.61 4.93 29.06
N ALA J 313 51.57 5.99 28.24
CA ALA J 313 50.61 6.05 27.13
C ALA J 313 51.00 5.08 26.02
N ALA J 314 52.29 4.79 25.87
CA ALA J 314 52.70 3.77 24.91
C ALA J 314 52.40 2.37 25.43
N ALA J 315 52.32 2.20 26.75
CA ALA J 315 51.98 0.92 27.32
C ALA J 315 50.50 0.61 27.18
N ILE J 316 49.64 1.63 27.29
CA ILE J 316 48.20 1.44 27.15
C ILE J 316 47.83 1.09 25.72
N ASP J 317 48.54 1.69 24.75
CA ASP J 317 48.33 1.34 23.34
C ASP J 317 48.78 -0.09 23.06
N ARG J 318 49.86 -0.53 23.69
CA ARG J 318 50.30 -1.92 23.54
C ARG J 318 49.37 -2.87 24.27
N TRP J 319 48.83 -2.44 25.42
CA TRP J 319 47.90 -3.26 26.19
C TRP J 319 46.57 -3.42 25.45
N SER J 320 46.12 -2.37 24.76
CA SER J 320 44.83 -2.41 24.08
C SER J 320 44.87 -3.21 22.79
N ARG J 321 46.05 -3.44 22.22
CA ARG J 321 46.16 -4.22 21.00
C ARG J 321 45.85 -5.70 21.20
N ILE J 322 45.95 -6.19 22.43
CA ILE J 322 45.69 -7.60 22.70
C ILE J 322 44.50 -7.81 23.63
N VAL J 323 44.08 -6.80 24.39
CA VAL J 323 42.95 -6.98 25.30
C VAL J 323 41.63 -6.77 24.58
N PHE J 324 41.57 -5.77 23.70
CA PHE J 324 40.34 -5.54 22.92
C PHE J 324 39.97 -6.66 21.96
N PRO J 325 40.89 -7.34 21.24
CA PRO J 325 40.44 -8.55 20.51
C PRO J 325 40.15 -9.73 21.42
N PHE J 326 40.77 -9.81 22.59
CA PHE J 326 40.53 -10.94 23.49
C PHE J 326 39.18 -10.81 24.19
N THR J 327 38.83 -9.61 24.64
CA THR J 327 37.55 -9.41 25.31
C THR J 327 36.38 -9.52 24.33
N PHE J 328 36.60 -9.15 23.07
CA PHE J 328 35.55 -9.29 22.06
C PHE J 328 35.37 -10.74 21.63
N SER J 329 36.44 -11.53 21.64
CA SER J 329 36.30 -12.97 21.42
C SER J 329 35.64 -13.64 22.62
N LEU J 330 35.88 -13.12 23.82
CA LEU J 330 35.19 -13.63 25.00
C LEU J 330 33.73 -13.19 25.02
N PHE J 331 33.44 -12.00 24.49
CA PHE J 331 32.07 -11.53 24.40
C PHE J 331 31.28 -12.37 23.39
N ASN J 332 31.89 -12.72 22.26
CA ASN J 332 31.22 -13.56 21.28
C ASN J 332 31.10 -15.00 21.76
N LEU J 333 31.99 -15.44 22.65
CA LEU J 333 31.90 -16.79 23.18
C LEU J 333 30.75 -16.93 24.15
N VAL J 334 30.55 -15.93 25.02
CA VAL J 334 29.42 -15.97 25.96
C VAL J 334 28.11 -15.75 25.23
N TYR J 335 28.11 -14.91 24.19
CA TYR J 335 26.89 -14.60 23.46
C TYR J 335 26.40 -15.80 22.65
N TRP J 336 27.26 -16.35 21.80
CA TRP J 336 26.83 -17.40 20.87
C TRP J 336 26.65 -18.76 21.52
N LEU J 337 27.12 -18.94 22.75
CA LEU J 337 26.81 -20.16 23.49
C LEU J 337 25.56 -20.01 24.35
N TYR J 338 25.08 -18.79 24.55
CA TYR J 338 23.85 -18.57 25.31
C TYR J 338 22.62 -18.65 24.43
N TYR J 339 22.73 -18.23 23.16
CA TYR J 339 21.57 -18.17 22.29
C TYR J 339 21.49 -19.31 21.28
N VAL J 340 22.57 -20.04 21.05
CA VAL J 340 22.52 -21.18 20.15
C VAL J 340 22.44 -22.47 20.95
C1 NAG K . 10.56 -25.16 -15.35
C2 NAG K . 10.82 -25.62 -16.78
C3 NAG K . 9.88 -26.77 -17.14
C4 NAG K . 9.90 -27.88 -16.11
C5 NAG K . 9.74 -27.32 -14.70
C6 NAG K . 10.00 -28.35 -13.62
C7 NAG K . 11.59 -24.16 -18.59
C8 NAG K . 11.24 -23.00 -19.48
N2 NAG K . 10.66 -24.52 -17.71
O3 NAG K . 10.24 -27.28 -18.43
O4 NAG K . 8.81 -28.76 -16.34
O5 NAG K . 10.68 -26.27 -14.47
O6 NAG K . 9.47 -27.93 -12.37
O7 NAG K . 12.67 -24.73 -18.68
C1 NAG K . 9.17 -29.98 -16.86
C2 NAG K . 8.04 -30.94 -16.46
C3 NAG K . 8.23 -32.29 -17.14
C4 NAG K . 8.40 -32.13 -18.64
C5 NAG K . 9.51 -31.13 -18.94
C6 NAG K . 9.65 -30.80 -20.41
C7 NAG K . 7.00 -30.63 -14.27
C8 NAG K . 7.11 -30.88 -12.79
N2 NAG K . 8.00 -31.10 -15.01
O3 NAG K . 7.11 -33.10 -16.85
O4 NAG K . 8.74 -33.40 -19.22
O5 NAG K . 9.24 -29.89 -18.27
O6 NAG K . 10.82 -30.04 -20.66
O7 NAG K . 6.03 -30.05 -14.75
C1 BMA K . 7.74 -33.88 -20.03
C2 BMA K . 8.35 -34.98 -20.90
C3 BMA K . 7.26 -35.62 -21.77
C4 BMA K . 5.98 -35.98 -20.98
C5 BMA K . 5.53 -34.80 -20.10
C6 BMA K . 4.42 -35.17 -19.15
O2 BMA K . 8.88 -36.00 -20.09
O3 BMA K . 7.77 -36.79 -22.39
O4 BMA K . 4.95 -36.34 -21.88
O5 BMA K . 6.64 -34.36 -19.30
O6 BMA K . 4.62 -36.53 -18.80
C1 MAN K . 8.12 -36.55 -23.71
C2 MAN K . 7.91 -37.86 -24.47
C3 MAN K . 8.93 -38.90 -23.96
C4 MAN K . 10.38 -38.36 -24.00
C5 MAN K . 10.46 -36.99 -23.30
C6 MAN K . 11.81 -36.31 -23.50
O2 MAN K . 8.20 -37.71 -25.86
O3 MAN K . 8.84 -40.13 -24.68
O4 MAN K . 11.24 -39.27 -23.36
O5 MAN K . 9.44 -36.09 -23.82
O6 MAN K . 11.81 -35.12 -22.72
C1 MAN K . 4.19 -36.76 -17.51
C2 MAN K . 5.05 -37.89 -16.94
C3 MAN K . 4.78 -39.18 -17.73
C4 MAN K . 3.26 -39.51 -17.75
C5 MAN K . 2.47 -38.28 -18.27
C6 MAN K . 0.97 -38.45 -18.14
O2 MAN K . 4.69 -38.19 -15.59
O3 MAN K . 5.52 -40.29 -17.22
O4 MAN K . 3.04 -40.61 -18.60
O5 MAN K . 2.83 -37.11 -17.50
O6 MAN K . 0.58 -37.94 -16.87
C1 NAG L . 1.77 7.10 -30.44
C2 NAG L . 1.32 8.20 -31.41
C3 NAG L . 0.29 7.64 -32.40
C4 NAG L . 0.80 6.37 -33.08
C5 NAG L . 1.32 5.37 -32.05
C6 NAG L . 2.03 4.20 -32.67
C7 NAG L . 1.16 10.57 -30.83
C8 NAG L . 0.44 11.60 -30.00
N2 NAG L . 0.75 9.31 -30.67
O3 NAG L . 0.01 8.63 -33.37
O4 NAG L . -0.30 5.75 -33.74
O5 NAG L . 2.27 6.00 -31.19
O6 NAG L . 2.17 3.12 -31.75
O7 NAG L . 2.07 10.88 -31.59
C1 NAG L . -0.23 5.84 -35.12
C2 NAG L . -1.05 4.65 -35.64
C3 NAG L . -1.23 4.76 -37.15
C4 NAG L . -1.79 6.12 -37.56
C5 NAG L . -0.93 7.23 -36.95
C6 NAG L . -1.49 8.61 -37.18
C7 NAG L . -0.94 2.54 -34.41
C8 NAG L . -0.15 1.30 -34.16
N2 NAG L . -0.42 3.40 -35.28
O3 NAG L . -2.10 3.73 -37.59
O4 NAG L . -1.77 6.24 -38.97
O5 NAG L . -0.83 7.06 -35.53
O6 NAG L . -0.56 9.62 -36.79
O7 NAG L . -2.01 2.76 -33.85
C1 BMA L . -3.04 6.27 -39.50
C2 BMA L . -2.93 6.81 -40.93
C3 BMA L . -4.30 6.81 -41.61
C4 BMA L . -5.06 5.47 -41.43
C5 BMA L . -5.04 5.03 -39.94
C6 BMA L . -5.57 3.63 -39.75
O2 BMA L . -2.09 5.97 -41.69
O3 BMA L . -4.17 7.06 -42.99
O4 BMA L . -6.41 5.61 -41.85
O5 BMA L . -3.67 5.02 -39.49
O6 BMA L . -5.26 2.90 -40.91
C1 MAN L . -4.48 8.37 -43.29
C2 MAN L . -5.03 8.39 -44.72
C3 MAN L . -3.91 8.01 -45.69
C4 MAN L . -2.64 8.88 -45.50
C5 MAN L . -2.22 8.88 -44.02
C6 MAN L . -1.12 9.87 -43.72
O2 MAN L . -5.43 9.70 -45.10
O3 MAN L . -4.34 8.06 -47.06
O4 MAN L . -1.59 8.36 -46.28
O5 MAN L . -3.36 9.21 -43.17
O6 MAN L . -0.74 9.72 -42.36
C1 MAN L . -5.03 1.57 -40.60
C2 MAN L . -4.01 1.03 -41.61
C3 MAN L . -4.64 1.05 -43.01
C4 MAN L . -5.99 0.30 -43.02
C5 MAN L . -6.92 0.85 -41.92
C6 MAN L . -8.19 0.04 -41.74
O2 MAN L . -3.71 -0.34 -41.36
O3 MAN L . -3.76 0.52 -44.00
O4 MAN L . -6.60 0.45 -44.29
O5 MAN L . -6.23 0.85 -40.64
O6 MAN L . -7.92 -0.97 -40.76
C1 NAG M . -12.67 28.33 -4.24
C2 NAG M . -13.50 29.34 -3.47
C3 NAG M . -14.88 29.49 -4.11
C4 NAG M . -14.78 29.77 -5.62
C5 NAG M . -13.84 28.76 -6.28
C6 NAG M . -13.53 29.10 -7.72
C7 NAG M . -13.34 29.76 -1.05
C8 NAG M . -13.57 29.18 0.32
N2 NAG M . -13.64 28.96 -2.08
O3 NAG M . -15.58 30.56 -3.48
O4 NAG M . -16.06 29.59 -6.21
O5 NAG M . -12.59 28.71 -5.59
O6 NAG M . -12.99 27.99 -8.42
O7 NAG M . -12.90 30.88 -1.21
C1 NAG M . -16.65 30.77 -6.60
C2 NAG M . -17.63 30.39 -7.70
C3 NAG M . -18.50 31.58 -8.09
C4 NAG M . -19.16 32.21 -6.88
C5 NAG M . -18.11 32.52 -5.81
C6 NAG M . -18.69 33.01 -4.50
C7 NAG M . -16.98 28.60 -9.25
C8 NAG M . -16.19 28.23 -10.46
N2 NAG M . -16.92 29.87 -8.85
O3 NAG M . -19.49 31.15 -9.02
O4 NAG M . -19.81 33.41 -7.25
O5 NAG M . -17.36 31.34 -5.50
O6 NAG M . -17.68 33.48 -3.63
O7 NAG M . -17.66 27.76 -8.65
C1 BMA M . -21.19 33.31 -7.15
C2 BMA M . -21.75 34.72 -7.17
C3 BMA M . -23.28 34.70 -7.13
C4 BMA M . -23.88 33.69 -8.15
C5 BMA M . -23.17 32.32 -8.06
C6 BMA M . -23.57 31.38 -9.16
O2 BMA M . -21.39 35.39 -8.36
O3 BMA M . -23.81 35.97 -7.40
O4 BMA M . -25.26 33.52 -7.90
O5 BMA M . -21.75 32.53 -8.18
O6 BMA M . -23.84 32.18 -10.29
C1 MAN M . -24.21 36.61 -6.23
C2 MAN M . -25.37 37.54 -6.60
C3 MAN M . -24.84 38.66 -7.51
C4 MAN M . -23.62 39.39 -6.88
C5 MAN M . -22.55 38.36 -6.45
C6 MAN M . -21.43 38.98 -5.66
O2 MAN M . -25.88 38.20 -5.44
O3 MAN M . -25.86 39.60 -7.83
O4 MAN M . -23.06 40.27 -7.83
O5 MAN M . -23.14 37.32 -5.63
O6 MAN M . -20.44 37.98 -5.41
C1 MAN M . -23.51 31.50 -11.46
C2 MAN M . -23.10 32.54 -12.50
C3 MAN M . -24.31 33.42 -12.83
C4 MAN M . -25.53 32.56 -13.27
C5 MAN M . -25.82 31.48 -12.19
C6 MAN M . -26.85 30.47 -12.63
O2 MAN M . -22.74 31.92 -13.72
O3 MAN M . -24.01 34.39 -13.83
O4 MAN M . -26.66 33.38 -13.43
O5 MAN M . -24.60 30.73 -11.90
O6 MAN M . -26.17 29.39 -13.27
C1 NAG N . -12.79 9.18 27.07
C2 NAG N . -13.15 8.61 28.43
C3 NAG N . -14.67 8.61 28.61
C4 NAG N . -15.27 9.97 28.32
C5 NAG N . -14.78 10.52 26.99
C6 NAG N . -15.17 11.97 26.76
C7 NAG N . -11.86 6.87 29.59
C8 NAG N . -11.43 5.43 29.58
N2 NAG N . -12.63 7.27 28.57
O3 NAG N . -14.97 8.21 29.95
O4 NAG N . -16.69 9.84 28.23
O5 NAG N . -13.35 10.48 26.93
O6 NAG N . -15.03 12.33 25.39
O7 NAG N . -11.53 7.64 30.49
C1 NAG N . -17.38 10.38 29.29
C2 NAG N . -18.77 10.70 28.75
C3 NAG N . -19.70 11.12 29.88
C4 NAG N . -19.71 10.09 31.00
C5 NAG N . -18.28 9.80 31.45
C6 NAG N . -18.16 8.67 32.46
C7 NAG N . -18.95 11.53 26.44
C8 NAG N . -18.82 12.71 25.55
N2 NAG N . -18.69 11.74 27.74
O3 NAG N . -21.01 11.28 29.36
O4 NAG N . -20.44 10.59 32.11
O5 NAG N . -17.49 9.40 30.31
O6 NAG N . -16.85 8.59 33.00
O7 NAG N . -19.27 10.43 26.02
C1 BMA N . -21.60 9.89 32.32
C2 BMA N . -22.09 10.21 33.73
C3 BMA N . -23.43 9.52 34.01
C4 BMA N . -24.45 9.70 32.86
C5 BMA N . -23.79 9.39 31.49
C6 BMA N . -24.69 9.75 30.34
O2 BMA N . -22.33 11.60 33.85
O3 BMA N . -24.00 10.01 35.20
O4 BMA N . -25.55 8.83 33.05
O5 BMA N . -22.59 10.17 31.37
O6 BMA N . -25.45 10.87 30.72
C1 MAN N . -23.79 9.14 36.25
C2 MAN N . -24.98 9.31 37.21
C3 MAN N . -24.93 10.72 37.83
C4 MAN N . -23.55 11.02 38.47
C5 MAN N . -22.42 10.72 37.46
C6 MAN N . -21.04 10.81 38.08
O2 MAN N . -24.89 8.41 38.32
O3 MAN N . -25.96 10.92 38.79
O4 MAN N . -23.49 12.38 38.85
O5 MAN N . -22.58 9.39 36.91
O6 MAN N . -20.08 10.63 37.06
C1 MAN N . -25.71 11.67 29.64
C2 MAN N . -25.82 13.11 30.16
C3 MAN N . -27.04 13.22 31.08
C4 MAN N . -28.32 12.72 30.38
C5 MAN N . -28.10 11.29 29.82
C6 MAN N . -29.22 10.80 28.94
O2 MAN N . -26.08 14.03 29.10
O3 MAN N . -27.22 14.54 31.58
O4 MAN N . -29.39 12.69 31.31
O5 MAN N . -26.89 11.27 29.00
O6 MAN N . -28.94 11.18 27.60
C1 NAG O . 1.57 -23.87 20.20
C2 NAG O . 1.89 -25.37 20.21
C3 NAG O . 0.63 -26.17 20.56
C4 NAG O . -0.02 -25.65 21.85
C5 NAG O . -0.20 -24.14 21.79
C6 NAG O . -0.64 -23.55 23.12
C7 NAG O . 3.54 -26.46 18.75
C8 NAG O . 3.90 -26.81 17.34
N2 NAG O . 2.40 -25.79 18.91
O3 NAG O . 0.98 -27.54 20.72
O4 NAG O . -1.32 -26.22 21.96
O5 NAG O . 1.03 -23.50 21.46
O6 NAG O . -1.17 -22.24 22.95
O7 NAG O . 4.27 -26.73 19.70
C1 NAG O . -1.42 -27.18 22.95
C2 NAG O . -2.89 -27.21 23.34
C3 NAG O . -3.18 -28.36 24.29
C4 NAG O . -2.67 -29.68 23.73
C5 NAG O . -1.20 -29.55 23.34
C6 NAG O . -0.65 -30.76 22.62
C7 NAG O . -4.13 -25.09 23.35
C8 NAG O . -4.42 -23.83 24.10
N2 NAG O . -3.29 -25.94 23.93
O3 NAG O . -4.58 -28.43 24.51
O4 NAG O . -2.79 -30.70 24.72
O5 NAG O . -1.05 -28.45 22.43
O6 NAG O . 0.76 -30.68 22.47
O7 NAG O . -4.63 -25.31 22.25
C1 BMA O . -3.73 -31.65 24.37
C2 BMA O . -3.50 -32.87 25.24
C3 BMA O . -4.55 -33.95 24.96
C4 BMA O . -5.98 -33.38 24.93
C5 BMA O . -6.06 -32.10 24.05
C6 BMA O . -7.39 -31.40 24.17
O2 BMA O . -3.63 -32.52 26.61
O3 BMA O . -4.48 -34.96 25.94
O4 BMA O . -6.89 -34.34 24.43
O5 BMA O . -5.05 -31.18 24.49
O6 BMA O . -7.86 -31.61 25.48
C1 MAN O . -3.82 -36.07 25.46
C2 MAN O . -4.41 -37.30 26.17
C3 MAN O . -4.06 -37.22 27.66
C4 MAN O . -2.54 -37.04 27.89
C5 MAN O . -2.02 -35.85 27.06
C6 MAN O . -0.51 -35.73 27.07
O2 MAN O . -3.82 -38.51 25.70
O3 MAN O . -4.52 -38.37 28.38
O4 MAN O . -2.28 -36.79 29.26
O5 MAN O . -2.43 -35.99 25.67
O6 MAN O . -0.14 -34.56 26.36
C1 MAN O . -8.59 -30.52 25.90
C2 MAN O . -8.42 -30.42 27.43
C3 MAN O . -9.07 -31.66 28.07
C4 MAN O . -10.53 -31.83 27.62
C5 MAN O . -10.62 -31.83 26.07
C6 MAN O . -12.03 -31.80 25.54
O2 MAN O . -9.14 -29.31 27.95
O3 MAN O . -8.98 -31.63 29.50
O4 MAN O . -11.03 -33.06 28.12
O5 MAN O . -9.94 -30.67 25.54
O6 MAN O . -12.41 -30.44 25.39
C1 NAG P . -17.21 -21.00 -36.86
C2 NAG P . -17.02 -20.71 -38.35
C3 NAG P . -16.18 -21.81 -39.00
C4 NAG P . -14.87 -22.01 -38.24
C5 NAG P . -15.16 -22.29 -36.77
C6 NAG P . -13.91 -22.38 -35.94
C7 NAG P . -18.63 -19.51 -39.75
C8 NAG P . -19.99 -19.53 -40.37
N2 NAG P . -18.30 -20.58 -39.02
O3 NAG P . -15.91 -21.47 -40.35
O4 NAG P . -14.15 -23.11 -38.80
O5 NAG P . -15.93 -21.20 -36.23
O6 NAG P . -13.07 -21.24 -36.13
O7 NAG P . -17.86 -18.56 -39.91
N HSM Q . -7.56 -29.86 -7.91
CA HSM Q . -6.93 -30.40 -6.71
CB HSM Q . -7.36 -29.55 -5.51
CG HSM Q . -6.64 -30.02 -4.28
ND1 HSM Q . -7.26 -30.84 -3.34
CD2 HSM Q . -5.37 -29.77 -3.88
CE1 HSM Q . -6.33 -31.06 -2.42
NE2 HSM Q . -5.19 -30.43 -2.70
C1 NAG R . -32.80 14.36 -28.53
C2 NAG R . -33.32 15.77 -28.80
C3 NAG R . -32.91 16.22 -30.20
C4 NAG R . -31.40 16.09 -30.39
C5 NAG R . -30.97 14.66 -30.08
C6 NAG R . -29.47 14.48 -30.12
C7 NAG R . -35.40 16.69 -27.87
C8 NAG R . -36.89 16.61 -27.83
N2 NAG R . -34.77 15.83 -28.67
O3 NAG R . -33.31 17.58 -30.40
O4 NAG R . -31.04 16.41 -31.72
O5 NAG R . -31.38 14.31 -28.74
O6 NAG R . -28.81 15.45 -29.31
O7 NAG R . -34.78 17.52 -27.20
N HSM S . -10.78 -8.56 -28.66
CA HSM S . -9.68 -9.48 -28.88
CB HSM S . -9.47 -10.31 -27.60
CG HSM S . -8.27 -11.18 -27.76
ND1 HSM S . -8.39 -12.53 -28.08
CD2 HSM S . -6.96 -10.87 -27.64
CE1 HSM S . -7.14 -12.97 -28.13
NE2 HSM S . -6.25 -12.01 -27.88
C1 NAG T . -42.17 14.84 9.88
C2 NAG T . -42.75 15.39 11.18
C3 NAG T . -43.03 16.89 11.04
C4 NAG T . -41.79 17.64 10.56
C5 NAG T . -41.27 17.00 9.26
C6 NAG T . -39.98 17.60 8.79
C7 NAG T . -44.11 14.11 12.76
C8 NAG T . -45.42 13.42 12.99
N2 NAG T . -43.95 14.68 11.56
O3 NAG T . -43.45 17.41 12.29
O4 NAG T . -42.09 19.01 10.33
O5 NAG T . -41.02 15.61 9.49
O6 NAG T . -39.00 17.62 9.83
O7 NAG T . -43.24 14.16 13.62
N HSM U . -23.11 15.34 -15.55
CA HSM U . -22.25 15.63 -16.69
CB HSM U . -21.48 14.34 -17.05
CG HSM U . -20.50 14.65 -18.15
ND1 HSM U . -20.78 14.33 -19.47
CD2 HSM U . -19.28 15.24 -18.07
CE1 HSM U . -19.70 14.73 -20.14
NE2 HSM U . -18.79 15.29 -19.34
C1 NAG V . -32.37 -20.22 25.28
C2 NAG V . -32.26 -21.30 26.35
C3 NAG V . -32.56 -20.72 27.73
C4 NAG V . -31.68 -19.51 28.01
C5 NAG V . -31.84 -18.49 26.89
C6 NAG V . -30.91 -17.31 27.02
C7 NAG V . -32.74 -23.68 25.98
C8 NAG V . -33.80 -24.69 25.68
N2 NAG V . -33.15 -22.41 26.06
O3 NAG V . -32.33 -21.72 28.73
O4 NAG V . -32.03 -18.91 29.25
O5 NAG V . -31.53 -19.10 25.62
O6 NAG V . -29.56 -17.72 27.20
O7 NAG V . -31.57 -23.99 26.15
N HSM W . -27.50 8.80 13.31
CA HSM W . -27.26 10.22 13.02
CB HSM W . -26.77 10.34 11.56
CG HSM W . -26.43 11.77 11.28
ND1 HSM W . -27.28 12.60 10.58
CD2 HSM W . -25.30 12.46 11.60
CE1 HSM W . -26.66 13.76 10.51
NE2 HSM W . -25.47 13.73 11.11
C1 NAG X . -16.94 -42.38 -3.60
C2 NAG X . -16.36 -43.63 -4.26
C3 NAG X . -15.96 -44.65 -3.18
C4 NAG X . -15.04 -44.02 -2.15
C5 NAG X . -15.70 -42.77 -1.56
C6 NAG X . -14.80 -42.02 -0.61
C7 NAG X . -16.99 -44.46 -6.47
C8 NAG X . -18.08 -45.07 -7.30
N2 NAG X . -17.29 -44.21 -5.20
O3 NAG X . -15.31 -45.75 -3.80
O4 NAG X . -14.76 -44.94 -1.11
O5 NAG X . -16.03 -41.86 -2.62
O6 NAG X . -13.53 -41.75 -1.20
O7 NAG X . -15.88 -44.22 -6.93
N HSM Y . -17.89 -19.13 18.05
CA HSM Y . -17.80 -18.22 19.19
CB HSM Y . -18.05 -16.78 18.71
CG HSM Y . -17.86 -15.85 19.86
ND1 HSM Y . -18.93 -15.31 20.55
CD2 HSM Y . -16.70 -15.36 20.39
CE1 HSM Y . -18.40 -14.53 21.48
NE2 HSM Y . -17.07 -14.53 21.42
#